data_3FYW
# 
_entry.id   3FYW 
# 
_audit_conform.dict_name       mmcif_pdbx.dic 
_audit_conform.dict_version    5.380 
_audit_conform.dict_location   http://mmcif.pdb.org/dictionaries/ascii/mmcif_pdbx.dic 
# 
loop_
_database_2.database_id 
_database_2.database_code 
_database_2.pdbx_database_accession 
_database_2.pdbx_DOI 
PDB   3FYW         pdb_00003fyw 10.2210/pdb3fyw/pdb 
RCSB  RCSB051210   ?            ?                   
WWPDB D_1000051210 ?            ?                   
# 
loop_
_pdbx_database_related.db_name 
_pdbx_database_related.db_id 
_pdbx_database_related.details 
_pdbx_database_related.content_type 
PDB 3FY8 . unspecified 
PDB 3FY9 . unspecified 
PDB 3FYV . unspecified 
# 
_pdbx_database_status.status_code                     REL 
_pdbx_database_status.entry_id                        3FYW 
_pdbx_database_status.recvd_initial_deposition_date   2009-01-23 
_pdbx_database_status.deposit_site                    RCSB 
_pdbx_database_status.process_site                    PDBJ 
_pdbx_database_status.status_code_sf                  REL 
_pdbx_database_status.status_code_mr                  ? 
_pdbx_database_status.SG_entry                        ? 
_pdbx_database_status.status_code_cs                  ? 
_pdbx_database_status.pdb_format_compatible           Y 
_pdbx_database_status.status_code_nmr_data            ? 
_pdbx_database_status.methods_development_category    ? 
# 
_audit_author.name           'Oefner, C.' 
_audit_author.pdbx_ordinal   1 
# 
_citation.id                        primary 
_citation.title                     
;Inhibitory properties and X-ray crystallographic study of the binding of AR-101, AR-102 and iclaprim in ternary complexes with NADPH and dihydrofolate reductase from Staphylococcus aureus
;
_citation.journal_abbrev            'Acta Crystallogr.,Sect.D' 
_citation.journal_volume            65 
_citation.page_first                751 
_citation.page_last                 757 
_citation.year                      2009 
_citation.journal_id_ASTM           ABCRE6 
_citation.country                   DK 
_citation.journal_id_ISSN           0907-4449 
_citation.journal_id_CSD            0766 
_citation.book_publisher            ? 
_citation.pdbx_database_id_PubMed   19622858 
_citation.pdbx_database_id_DOI      10.1107/S0907444909013936 
# 
loop_
_citation_author.citation_id 
_citation_author.name 
_citation_author.ordinal 
_citation_author.identifier_ORCID 
primary 'Oefner, C.'  1 ? 
primary 'Parisi, S.'  2 ? 
primary 'Schulz, H.'  3 ? 
primary 'Lociuro, S.' 4 ? 
primary 'Dale, G.E.'  5 ? 
# 
_cell.entry_id           3FYW 
_cell.length_a           79.088 
_cell.length_b           79.088 
_cell.length_c           108.446 
_cell.angle_alpha        90.00 
_cell.angle_beta         90.00 
_cell.angle_gamma        120.00 
_cell.Z_PDB              12 
_cell.pdbx_unique_axis   ? 
_cell.length_a_esd       ? 
_cell.length_b_esd       ? 
_cell.length_c_esd       ? 
_cell.angle_alpha_esd    ? 
_cell.angle_beta_esd     ? 
_cell.angle_gamma_esd    ? 
# 
_symmetry.entry_id                         3FYW 
_symmetry.space_group_name_H-M             'P 61 2 2' 
_symmetry.pdbx_full_space_group_name_H-M   ? 
_symmetry.cell_setting                     ? 
_symmetry.Int_Tables_number                178 
_symmetry.space_group_name_Hall            ? 
# 
loop_
_entity.id 
_entity.type 
_entity.src_method 
_entity.pdbx_description 
_entity.formula_weight 
_entity.pdbx_number_of_molecules 
_entity.pdbx_ec 
_entity.pdbx_mutation 
_entity.pdbx_fragment 
_entity.details 
1 polymer     man 'Dihydrofolate reductase'                                                            18144.736 1   1.5.1.3 ? ? ? 
2 non-polymer syn 'NADPH DIHYDRO-NICOTINAMIDE-ADENINE-DINUCLEOTIDE PHOSPHATE'                          745.421   1   ?       ? ? ? 
3 non-polymer syn '5-[[(2R)-2-cyclopropyl-7,8-dimethoxy-2H-chromen-5-yl]methyl]pyrimidine-2,4-diamine' 354.403   1   ?       ? ? ? 
4 water       nat water                                                                                18.015    125 ?       ? ? ? 
# 
_entity_name_com.entity_id   1 
_entity_name_com.name        DHFR 
# 
_entity_poly.entity_id                      1 
_entity_poly.type                           'polypeptide(L)' 
_entity_poly.nstd_linkage                   no 
_entity_poly.nstd_monomer                   no 
_entity_poly.pdbx_seq_one_letter_code       
;TLSILVAHDLQRVIGFENQLPWHLPNDLKHVKKLSTGHTLVMGRKTFESIGKPLPNRRNVVLTSDTSFNVEGVDVIHSIE
DIYQLPGHVFIFGGQTLFEEMIDKVDDMYITVIEGKFRGDTFFPPYTFEDWEVASSVEGKLDEKNTIPHTFLHLIRKK
;
_entity_poly.pdbx_seq_one_letter_code_can   
;TLSILVAHDLQRVIGFENQLPWHLPNDLKHVKKLSTGHTLVMGRKTFESIGKPLPNRRNVVLTSDTSFNVEGVDVIHSIE
DIYQLPGHVFIFGGQTLFEEMIDKVDDMYITVIEGKFRGDTFFPPYTFEDWEVASSVEGKLDEKNTIPHTFLHLIRKK
;
_entity_poly.pdbx_strand_id                 X 
_entity_poly.pdbx_target_identifier         ? 
# 
loop_
_entity_poly_seq.entity_id 
_entity_poly_seq.num 
_entity_poly_seq.mon_id 
_entity_poly_seq.hetero 
1 1   THR n 
1 2   LEU n 
1 3   SER n 
1 4   ILE n 
1 5   LEU n 
1 6   VAL n 
1 7   ALA n 
1 8   HIS n 
1 9   ASP n 
1 10  LEU n 
1 11  GLN n 
1 12  ARG n 
1 13  VAL n 
1 14  ILE n 
1 15  GLY n 
1 16  PHE n 
1 17  GLU n 
1 18  ASN n 
1 19  GLN n 
1 20  LEU n 
1 21  PRO n 
1 22  TRP n 
1 23  HIS n 
1 24  LEU n 
1 25  PRO n 
1 26  ASN n 
1 27  ASP n 
1 28  LEU n 
1 29  LYS n 
1 30  HIS n 
1 31  VAL n 
1 32  LYS n 
1 33  LYS n 
1 34  LEU n 
1 35  SER n 
1 36  THR n 
1 37  GLY n 
1 38  HIS n 
1 39  THR n 
1 40  LEU n 
1 41  VAL n 
1 42  MET n 
1 43  GLY n 
1 44  ARG n 
1 45  LYS n 
1 46  THR n 
1 47  PHE n 
1 48  GLU n 
1 49  SER n 
1 50  ILE n 
1 51  GLY n 
1 52  LYS n 
1 53  PRO n 
1 54  LEU n 
1 55  PRO n 
1 56  ASN n 
1 57  ARG n 
1 58  ARG n 
1 59  ASN n 
1 60  VAL n 
1 61  VAL n 
1 62  LEU n 
1 63  THR n 
1 64  SER n 
1 65  ASP n 
1 66  THR n 
1 67  SER n 
1 68  PHE n 
1 69  ASN n 
1 70  VAL n 
1 71  GLU n 
1 72  GLY n 
1 73  VAL n 
1 74  ASP n 
1 75  VAL n 
1 76  ILE n 
1 77  HIS n 
1 78  SER n 
1 79  ILE n 
1 80  GLU n 
1 81  ASP n 
1 82  ILE n 
1 83  TYR n 
1 84  GLN n 
1 85  LEU n 
1 86  PRO n 
1 87  GLY n 
1 88  HIS n 
1 89  VAL n 
1 90  PHE n 
1 91  ILE n 
1 92  PHE n 
1 93  GLY n 
1 94  GLY n 
1 95  GLN n 
1 96  THR n 
1 97  LEU n 
1 98  PHE n 
1 99  GLU n 
1 100 GLU n 
1 101 MET n 
1 102 ILE n 
1 103 ASP n 
1 104 LYS n 
1 105 VAL n 
1 106 ASP n 
1 107 ASP n 
1 108 MET n 
1 109 TYR n 
1 110 ILE n 
1 111 THR n 
1 112 VAL n 
1 113 ILE n 
1 114 GLU n 
1 115 GLY n 
1 116 LYS n 
1 117 PHE n 
1 118 ARG n 
1 119 GLY n 
1 120 ASP n 
1 121 THR n 
1 122 PHE n 
1 123 PHE n 
1 124 PRO n 
1 125 PRO n 
1 126 TYR n 
1 127 THR n 
1 128 PHE n 
1 129 GLU n 
1 130 ASP n 
1 131 TRP n 
1 132 GLU n 
1 133 VAL n 
1 134 ALA n 
1 135 SER n 
1 136 SER n 
1 137 VAL n 
1 138 GLU n 
1 139 GLY n 
1 140 LYS n 
1 141 LEU n 
1 142 ASP n 
1 143 GLU n 
1 144 LYS n 
1 145 ASN n 
1 146 THR n 
1 147 ILE n 
1 148 PRO n 
1 149 HIS n 
1 150 THR n 
1 151 PHE n 
1 152 LEU n 
1 153 HIS n 
1 154 LEU n 
1 155 ILE n 
1 156 ARG n 
1 157 LYS n 
1 158 LYS n 
# 
_entity_src_gen.entity_id                          1 
_entity_src_gen.pdbx_src_id                        1 
_entity_src_gen.pdbx_alt_source_flag               sample 
_entity_src_gen.pdbx_seq_type                      ? 
_entity_src_gen.pdbx_beg_seq_num                   ? 
_entity_src_gen.pdbx_end_seq_num                   ? 
_entity_src_gen.gene_src_common_name               ? 
_entity_src_gen.gene_src_genus                     ? 
_entity_src_gen.pdbx_gene_src_gene                 folA 
_entity_src_gen.gene_src_species                   ? 
_entity_src_gen.gene_src_strain                    ? 
_entity_src_gen.gene_src_tissue                    ? 
_entity_src_gen.gene_src_tissue_fraction           ? 
_entity_src_gen.gene_src_details                   ? 
_entity_src_gen.pdbx_gene_src_fragment             ? 
_entity_src_gen.pdbx_gene_src_scientific_name      'Staphylococcus aureus' 
_entity_src_gen.pdbx_gene_src_ncbi_taxonomy_id     1280 
_entity_src_gen.pdbx_gene_src_variant              ? 
_entity_src_gen.pdbx_gene_src_cell_line            ? 
_entity_src_gen.pdbx_gene_src_atcc                 ? 
_entity_src_gen.pdbx_gene_src_organ                ? 
_entity_src_gen.pdbx_gene_src_organelle            ? 
_entity_src_gen.pdbx_gene_src_cell                 ? 
_entity_src_gen.pdbx_gene_src_cellular_location    ? 
_entity_src_gen.host_org_common_name               ? 
_entity_src_gen.pdbx_host_org_scientific_name      'Escherichia coli' 
_entity_src_gen.pdbx_host_org_ncbi_taxonomy_id     562 
_entity_src_gen.host_org_genus                     ? 
_entity_src_gen.pdbx_host_org_gene                 ? 
_entity_src_gen.pdbx_host_org_organ                ? 
_entity_src_gen.host_org_species                   ? 
_entity_src_gen.pdbx_host_org_tissue               ? 
_entity_src_gen.pdbx_host_org_tissue_fraction      ? 
_entity_src_gen.pdbx_host_org_strain               ? 
_entity_src_gen.pdbx_host_org_variant              ? 
_entity_src_gen.pdbx_host_org_cell_line            ? 
_entity_src_gen.pdbx_host_org_atcc                 ? 
_entity_src_gen.pdbx_host_org_culture_collection   ? 
_entity_src_gen.pdbx_host_org_cell                 ? 
_entity_src_gen.pdbx_host_org_organelle            ? 
_entity_src_gen.pdbx_host_org_cellular_location    ? 
_entity_src_gen.pdbx_host_org_vector_type          ? 
_entity_src_gen.pdbx_host_org_vector               ? 
_entity_src_gen.host_org_details                   ? 
_entity_src_gen.expression_system_id               ? 
_entity_src_gen.plasmid_name                       ? 
_entity_src_gen.plasmid_details                    ? 
_entity_src_gen.pdbx_description                   ? 
# 
_struct_ref.id                         1 
_struct_ref.db_name                    UNP 
_struct_ref.db_code                    DYR_STAAU 
_struct_ref.pdbx_db_accession          P0A017 
_struct_ref.entity_id                  1 
_struct_ref.pdbx_seq_one_letter_code   
;TLSILVAHDLQRVIGFENQLPWHLPNDLKHVKKLSTGHTLVMGRKTFESIGKPLPNRRNVVLTSDTSFNVEGVDVIHSIE
DIYQLPGHVFIFGGQTLFEEMIDKVDDMYITVIEGKFRGDTFFPPYTFEDWEVASSVEGKLDEKNTIPHTFLHLIRKK
;
_struct_ref.pdbx_align_begin           2 
_struct_ref.pdbx_db_isoform            ? 
# 
_struct_ref_seq.align_id                      1 
_struct_ref_seq.ref_id                        1 
_struct_ref_seq.pdbx_PDB_id_code              3FYW 
_struct_ref_seq.pdbx_strand_id                X 
_struct_ref_seq.seq_align_beg                 1 
_struct_ref_seq.pdbx_seq_align_beg_ins_code   ? 
_struct_ref_seq.seq_align_end                 158 
_struct_ref_seq.pdbx_seq_align_end_ins_code   ? 
_struct_ref_seq.pdbx_db_accession             P0A017 
_struct_ref_seq.db_align_beg                  2 
_struct_ref_seq.pdbx_db_align_beg_ins_code    ? 
_struct_ref_seq.db_align_end                  159 
_struct_ref_seq.pdbx_db_align_end_ins_code    ? 
_struct_ref_seq.pdbx_auth_seq_align_beg       1 
_struct_ref_seq.pdbx_auth_seq_align_end       158 
# 
loop_
_chem_comp.id 
_chem_comp.type 
_chem_comp.mon_nstd_flag 
_chem_comp.name 
_chem_comp.pdbx_synonyms 
_chem_comp.formula 
_chem_comp.formula_weight 
ALA 'L-peptide linking' y ALANINE                                                                              ? 'C3 H7 N O2' 
89.093  
ARG 'L-peptide linking' y ARGININE                                                                             ? 'C6 H15 N4 O2 1' 
175.209 
ASN 'L-peptide linking' y ASPARAGINE                                                                           ? 'C4 H8 N2 O3' 
132.118 
ASP 'L-peptide linking' y 'ASPARTIC ACID'                                                                      ? 'C4 H7 N O4' 
133.103 
GLN 'L-peptide linking' y GLUTAMINE                                                                            ? 'C5 H10 N2 O3' 
146.144 
GLU 'L-peptide linking' y 'GLUTAMIC ACID'                                                                      ? 'C5 H9 N O4' 
147.129 
GLY 'peptide linking'   y GLYCINE                                                                              ? 'C2 H5 N O2' 
75.067  
HIS 'L-peptide linking' y HISTIDINE                                                                            ? 'C6 H10 N3 O2 1' 
156.162 
HOH non-polymer         . WATER                                                                                ? 'H2 O' 18.015  
ILE 'L-peptide linking' y ISOLEUCINE                                                                           ? 'C6 H13 N O2' 
131.173 
LEU 'L-peptide linking' y LEUCINE                                                                              ? 'C6 H13 N O2' 
131.173 
LYS 'L-peptide linking' y LYSINE                                                                               ? 'C6 H15 N2 O2 1' 
147.195 
MET 'L-peptide linking' y METHIONINE                                                                           ? 'C5 H11 N O2 S' 
149.211 
NDP non-polymer         . 'NADPH DIHYDRO-NICOTINAMIDE-ADENINE-DINUCLEOTIDE PHOSPHATE'                          ? 
'C21 H30 N7 O17 P3' 745.421 
PHE 'L-peptide linking' y PHENYLALANINE                                                                        ? 'C9 H11 N O2' 
165.189 
PRO 'L-peptide linking' y PROLINE                                                                              ? 'C5 H9 N O2' 
115.130 
SER 'L-peptide linking' y SERINE                                                                               ? 'C3 H7 N O3' 
105.093 
THR 'L-peptide linking' y THREONINE                                                                            ? 'C4 H9 N O3' 
119.119 
TRP 'L-peptide linking' y TRYPTOPHAN                                                                           ? 'C11 H12 N2 O2' 
204.225 
TYR 'L-peptide linking' y TYROSINE                                                                             ? 'C9 H11 N O3' 
181.189 
VAL 'L-peptide linking' y VALINE                                                                               ? 'C5 H11 N O2' 
117.146 
XCF non-polymer         . '5-[[(2R)-2-cyclopropyl-7,8-dimethoxy-2H-chromen-5-yl]methyl]pyrimidine-2,4-diamine' ? 'C19 H22 N4 O3' 
354.403 
# 
_exptl.entry_id          3FYW 
_exptl.method            'X-RAY DIFFRACTION' 
_exptl.crystals_number   1 
# 
_exptl_crystal.id                    1 
_exptl_crystal.density_meas          ? 
_exptl_crystal.density_Matthews      2.70 
_exptl_crystal.density_percent_sol   54.41 
_exptl_crystal.description           ? 
_exptl_crystal.F_000                 ? 
_exptl_crystal.preparation           ? 
# 
_exptl_crystal_grow.crystal_id      1 
_exptl_crystal_grow.method          ? 
_exptl_crystal_grow.temp            ? 
_exptl_crystal_grow.temp_details    ? 
_exptl_crystal_grow.pH              ? 
_exptl_crystal_grow.pdbx_details    '25% PEG3350, 200mM NaCl, 100mM bis-Tris, pH5.5' 
_exptl_crystal_grow.pdbx_pH_range   ? 
# 
_diffrn.id                     1 
_diffrn.ambient_temp           100 
_diffrn.ambient_temp_details   ? 
_diffrn.crystal_id             1 
# 
_diffrn_detector.diffrn_id              1 
_diffrn_detector.detector               'IMAGE PLATE' 
_diffrn_detector.type                   'MAR scanner 345 mm plate' 
_diffrn_detector.pdbx_collection_date   2007-11-01 
_diffrn_detector.details                mirrors 
# 
_diffrn_radiation.diffrn_id                        1 
_diffrn_radiation.wavelength_id                    1 
_diffrn_radiation.pdbx_monochromatic_or_laue_m_l   M 
_diffrn_radiation.monochromator                    ? 
_diffrn_radiation.pdbx_diffrn_protocol             'SINGLE WAVELENGTH' 
_diffrn_radiation.pdbx_scattering_type             x-ray 
# 
_diffrn_radiation_wavelength.id           1 
_diffrn_radiation_wavelength.wavelength   1.5418 
_diffrn_radiation_wavelength.wt           1.0 
# 
_diffrn_source.diffrn_id                   1 
_diffrn_source.source                      'ROTATING ANODE' 
_diffrn_source.type                        'ENRAF-NONIUS FR591' 
_diffrn_source.pdbx_synchrotron_site       ? 
_diffrn_source.pdbx_synchrotron_beamline   ? 
_diffrn_source.pdbx_wavelength             ? 
_diffrn_source.pdbx_wavelength_list        1.5418 
# 
_reflns.entry_id                     3FYW 
_reflns.observed_criterion_sigma_I   ? 
_reflns.observed_criterion_sigma_F   ? 
_reflns.d_resolution_low             20.0 
_reflns.d_resolution_high            2.1 
_reflns.number_obs                   11812 
_reflns.number_all                   ? 
_reflns.percent_possible_obs         96.2 
_reflns.pdbx_Rmerge_I_obs            ? 
_reflns.pdbx_Rsym_value              ? 
_reflns.pdbx_netI_over_sigmaI        ? 
_reflns.B_iso_Wilson_estimate        ? 
_reflns.pdbx_redundancy              ? 
_reflns.R_free_details               ? 
_reflns.limit_h_max                  ? 
_reflns.limit_h_min                  ? 
_reflns.limit_k_max                  ? 
_reflns.limit_k_min                  ? 
_reflns.limit_l_max                  ? 
_reflns.limit_l_min                  ? 
_reflns.observed_criterion_F_max     ? 
_reflns.observed_criterion_F_min     ? 
_reflns.pdbx_chi_squared             ? 
_reflns.pdbx_scaling_rejects         ? 
_reflns.pdbx_ordinal                 1 
_reflns.pdbx_diffrn_id               1 
# 
_reflns_shell.d_res_high             2.1 
_reflns_shell.d_res_low              2.23 
_reflns_shell.percent_possible_all   71.6 
_reflns_shell.Rmerge_I_obs           ? 
_reflns_shell.pdbx_Rsym_value        ? 
_reflns_shell.meanI_over_sigI_obs    ? 
_reflns_shell.pdbx_redundancy        ? 
_reflns_shell.percent_possible_obs   ? 
_reflns_shell.number_unique_all      ? 
_reflns_shell.number_measured_all    ? 
_reflns_shell.number_measured_obs    ? 
_reflns_shell.number_unique_obs      ? 
_reflns_shell.pdbx_chi_squared       ? 
_reflns_shell.pdbx_ordinal           1 
_reflns_shell.pdbx_diffrn_id         1 
# 
_refine.entry_id                                 3FYW 
_refine.ls_number_reflns_obs                     11215 
_refine.ls_number_reflns_all                     ? 
_refine.pdbx_ls_sigma_I                          ? 
_refine.pdbx_ls_sigma_F                          ? 
_refine.pdbx_data_cutoff_high_absF               ? 
_refine.pdbx_data_cutoff_low_absF                ? 
_refine.pdbx_data_cutoff_high_rms_absF           ? 
_refine.ls_d_res_low                             20.00 
_refine.ls_d_res_high                            2.10 
_refine.ls_percent_reflns_obs                    96.23 
_refine.ls_R_factor_obs                          0.22146 
_refine.ls_R_factor_all                          ? 
_refine.ls_R_factor_R_work                       0.21942 
_refine.ls_R_factor_R_free                       0.26259 
_refine.ls_R_factor_R_free_error                 ? 
_refine.ls_R_factor_R_free_error_details         ? 
_refine.ls_percent_reflns_R_free                 4.8 
_refine.ls_number_reflns_R_free                  561 
_refine.ls_number_parameters                     ? 
_refine.ls_number_restraints                     ? 
_refine.occupancy_min                            ? 
_refine.occupancy_max                            ? 
_refine.correlation_coeff_Fo_to_Fc               0.945 
_refine.correlation_coeff_Fo_to_Fc_free          0.923 
_refine.B_iso_mean                               34.998 
_refine.aniso_B[1][1]                            -0.41 
_refine.aniso_B[2][2]                            -0.41 
_refine.aniso_B[3][3]                            0.61 
_refine.aniso_B[1][2]                            -0.20 
_refine.aniso_B[1][3]                            0.00 
_refine.aniso_B[2][3]                            0.00 
_refine.solvent_model_details                    'BABINET MODEL WITH MASK' 
_refine.solvent_model_param_ksol                 ? 
_refine.solvent_model_param_bsol                 ? 
_refine.pdbx_solvent_vdw_probe_radii             1.20 
_refine.pdbx_solvent_ion_probe_radii             0.80 
_refine.pdbx_solvent_shrinkage_radii             0.80 
_refine.pdbx_ls_cross_valid_method               THROUGHOUT 
_refine.details                                  'HYDROGENS HAVE BEEN ADDED IN THE RIDING POSITIONS' 
_refine.pdbx_starting_model                      'PDB ENTRY 3FY8' 
_refine.pdbx_method_to_determine_struct          'MOLECULAR REPLACEMENT' 
_refine.pdbx_isotropic_thermal_model             ? 
_refine.pdbx_stereochemistry_target_values       'MAXIMUM LIKELIHOOD' 
_refine.pdbx_stereochem_target_val_spec_case     ? 
_refine.pdbx_R_Free_selection_details            RANDOM 
_refine.pdbx_overall_ESU_R                       0.251 
_refine.pdbx_overall_ESU_R_Free                  0.206 
_refine.overall_SU_ML                            0.165 
_refine.overall_SU_B                             6.301 
_refine.ls_redundancy_reflns_obs                 ? 
_refine.B_iso_min                                ? 
_refine.B_iso_max                                ? 
_refine.overall_SU_R_Cruickshank_DPI             ? 
_refine.overall_SU_R_free                        ? 
_refine.ls_wR_factor_R_free                      ? 
_refine.ls_wR_factor_R_work                      ? 
_refine.overall_FOM_free_R_set                   ? 
_refine.overall_FOM_work_R_set                   ? 
_refine.pdbx_refine_id                           'X-RAY DIFFRACTION' 
_refine.pdbx_overall_phase_error                 ? 
_refine.pdbx_diffrn_id                           1 
_refine.pdbx_TLS_residual_ADP_flag               ? 
_refine.pdbx_overall_SU_R_free_Cruickshank_DPI   ? 
_refine.pdbx_overall_SU_R_Blow_DPI               ? 
_refine.pdbx_overall_SU_R_free_Blow_DPI          ? 
# 
_refine_hist.pdbx_refine_id                   'X-RAY DIFFRACTION' 
_refine_hist.cycle_id                         LAST 
_refine_hist.pdbx_number_atoms_protein        1282 
_refine_hist.pdbx_number_atoms_nucleic_acid   0 
_refine_hist.pdbx_number_atoms_ligand         74 
_refine_hist.number_atoms_solvent             125 
_refine_hist.number_atoms_total               1481 
_refine_hist.d_res_high                       2.10 
_refine_hist.d_res_low                        20.00 
# 
loop_
_refine_ls_restr.type 
_refine_ls_restr.dev_ideal 
_refine_ls_restr.dev_ideal_target 
_refine_ls_restr.weight 
_refine_ls_restr.number 
_refine_ls_restr.pdbx_refine_id 
_refine_ls_restr.pdbx_restraint_function 
r_bond_refined_d             0.004  0.022  ? 1396 'X-RAY DIFFRACTION' ? 
r_bond_other_d               0.000  0.020  ? 928  'X-RAY DIFFRACTION' ? 
r_angle_refined_deg          0.823  2.018  ? 1905 'X-RAY DIFFRACTION' ? 
r_angle_other_deg            0.799  3.000  ? 2265 'X-RAY DIFFRACTION' ? 
r_dihedral_angle_1_deg       10.915 5.000  ? 157  'X-RAY DIFFRACTION' ? 
r_dihedral_angle_2_deg       37.227 24.194 ? 62   'X-RAY DIFFRACTION' ? 
r_dihedral_angle_3_deg       20.716 15.000 ? 230  'X-RAY DIFFRACTION' ? 
r_dihedral_angle_4_deg       15.245 15.000 ? 6    'X-RAY DIFFRACTION' ? 
r_chiral_restr               0.042  0.200  ? 210  'X-RAY DIFFRACTION' ? 
r_gen_planes_refined         0.002  0.020  ? 1486 'X-RAY DIFFRACTION' ? 
r_gen_planes_other           0.002  0.020  ? 277  'X-RAY DIFFRACTION' ? 
r_nbd_refined                0.244  0.200  ? 318  'X-RAY DIFFRACTION' ? 
r_nbd_other                  0.269  0.200  ? 1052 'X-RAY DIFFRACTION' ? 
r_nbtor_refined              0.202  0.200  ? 668  'X-RAY DIFFRACTION' ? 
r_nbtor_other                0.092  0.200  ? 744  'X-RAY DIFFRACTION' ? 
r_xyhbond_nbd_refined        0.285  0.200  ? 97   'X-RAY DIFFRACTION' ? 
r_xyhbond_nbd_other          ?      ?      ? ?    'X-RAY DIFFRACTION' ? 
r_metal_ion_refined          ?      ?      ? ?    'X-RAY DIFFRACTION' ? 
r_metal_ion_other            ?      ?      ? ?    'X-RAY DIFFRACTION' ? 
r_symmetry_vdw_refined       0.263  0.200  ? 12   'X-RAY DIFFRACTION' ? 
r_symmetry_vdw_other         0.288  0.200  ? 30   'X-RAY DIFFRACTION' ? 
r_symmetry_hbond_refined     0.125  0.200  ? 12   'X-RAY DIFFRACTION' ? 
r_symmetry_hbond_other       ?      ?      ? ?    'X-RAY DIFFRACTION' ? 
r_symmetry_metal_ion_refined ?      ?      ? ?    'X-RAY DIFFRACTION' ? 
r_symmetry_metal_ion_other   ?      ?      ? ?    'X-RAY DIFFRACTION' ? 
r_mcbond_it                  0.669  2.000  ? 1016 'X-RAY DIFFRACTION' ? 
r_mcbond_other               0.066  2.000  ? 318  'X-RAY DIFFRACTION' ? 
r_mcangle_it                 0.774  3.000  ? 1290 'X-RAY DIFFRACTION' ? 
r_scbond_it                  0.304  2.000  ? 717  'X-RAY DIFFRACTION' ? 
r_scangle_it                 0.473  3.000  ? 612  'X-RAY DIFFRACTION' ? 
r_rigid_bond_restr           ?      ?      ? ?    'X-RAY DIFFRACTION' ? 
r_sphericity_free            ?      ?      ? ?    'X-RAY DIFFRACTION' ? 
r_sphericity_bonded          ?      ?      ? ?    'X-RAY DIFFRACTION' ? 
# 
_refine_ls_shell.pdbx_total_number_of_bins_used   10 
_refine_ls_shell.d_res_high                       2.100 
_refine_ls_shell.d_res_low                        2.213 
_refine_ls_shell.number_reflns_R_work             1231 
_refine_ls_shell.R_factor_R_work                  0.309 
_refine_ls_shell.percent_reflns_obs               75.49 
_refine_ls_shell.R_factor_R_free                  0.322 
_refine_ls_shell.R_factor_R_free_error            ? 
_refine_ls_shell.percent_reflns_R_free            ? 
_refine_ls_shell.number_reflns_R_free             69 
_refine_ls_shell.number_reflns_all                ? 
_refine_ls_shell.R_factor_all                     ? 
_refine_ls_shell.number_reflns_obs                ? 
_refine_ls_shell.redundancy_reflns_obs            ? 
_refine_ls_shell.pdbx_refine_id                   'X-RAY DIFFRACTION' 
# 
_struct.entry_id                  3FYW 
_struct.title                     'Staph. aureus DHFR complexed with NADPH and AR-101' 
_struct.pdbx_model_details        ? 
_struct.pdbx_CASP_flag            ? 
_struct.pdbx_model_type_details   ? 
# 
_struct_keywords.entry_id        3FYW 
_struct_keywords.pdbx_keywords   OXIDOREDUCTASE 
_struct_keywords.text            'Staph. aureus DHFR, AR-101, OXIDOREDUCTASE, NADP, One-carbon metabolism' 
# 
loop_
_struct_asym.id 
_struct_asym.pdbx_blank_PDB_chainid_flag 
_struct_asym.pdbx_modified 
_struct_asym.entity_id 
_struct_asym.details 
A N N 1 ? 
B N N 2 ? 
C N N 3 ? 
D N N 4 ? 
# 
_struct_biol.id        1 
_struct_biol.details   ? 
# 
loop_
_struct_conf.conf_type_id 
_struct_conf.id 
_struct_conf.pdbx_PDB_helix_id 
_struct_conf.beg_label_comp_id 
_struct_conf.beg_label_asym_id 
_struct_conf.beg_label_seq_id 
_struct_conf.pdbx_beg_PDB_ins_code 
_struct_conf.end_label_comp_id 
_struct_conf.end_label_asym_id 
_struct_conf.end_label_seq_id 
_struct_conf.pdbx_end_PDB_ins_code 
_struct_conf.beg_auth_comp_id 
_struct_conf.beg_auth_asym_id 
_struct_conf.beg_auth_seq_id 
_struct_conf.end_auth_comp_id 
_struct_conf.end_auth_asym_id 
_struct_conf.end_auth_seq_id 
_struct_conf.pdbx_PDB_helix_class 
_struct_conf.details 
_struct_conf.pdbx_PDB_helix_length 
HELX_P HELX_P1 1 LEU A 24 ? THR A 36  ? LEU X 24 THR X 36  1 ? 13 
HELX_P HELX_P2 2 ARG A 44 ? GLY A 51  ? ARG X 44 GLY X 51  1 ? 8  
HELX_P HELX_P3 3 SER A 78 ? LEU A 85  ? SER X 78 LEU X 85  5 ? 8  
HELX_P HELX_P4 4 GLY A 94 ? ILE A 102 ? GLY X 94 ILE X 102 1 ? 9  
# 
_struct_conf_type.id          HELX_P 
_struct_conf_type.criteria    ? 
_struct_conf_type.reference   ? 
# 
_struct_mon_prot_cis.pdbx_id                1 
_struct_mon_prot_cis.label_comp_id          GLY 
_struct_mon_prot_cis.label_seq_id           93 
_struct_mon_prot_cis.label_asym_id          A 
_struct_mon_prot_cis.label_alt_id           . 
_struct_mon_prot_cis.pdbx_PDB_ins_code      ? 
_struct_mon_prot_cis.auth_comp_id           GLY 
_struct_mon_prot_cis.auth_seq_id            93 
_struct_mon_prot_cis.auth_asym_id           X 
_struct_mon_prot_cis.pdbx_label_comp_id_2   GLY 
_struct_mon_prot_cis.pdbx_label_seq_id_2    94 
_struct_mon_prot_cis.pdbx_label_asym_id_2   A 
_struct_mon_prot_cis.pdbx_PDB_ins_code_2    ? 
_struct_mon_prot_cis.pdbx_auth_comp_id_2    GLY 
_struct_mon_prot_cis.pdbx_auth_seq_id_2     94 
_struct_mon_prot_cis.pdbx_auth_asym_id_2    X 
_struct_mon_prot_cis.pdbx_PDB_model_num     1 
_struct_mon_prot_cis.pdbx_omega_angle       1.12 
# 
loop_
_struct_sheet.id 
_struct_sheet.type 
_struct_sheet.number_strands 
_struct_sheet.details 
A ? 8 ? 
B ? 2 ? 
# 
loop_
_struct_sheet_order.sheet_id 
_struct_sheet_order.range_id_1 
_struct_sheet_order.range_id_2 
_struct_sheet_order.offset 
_struct_sheet_order.sense 
A 1 2 ? parallel      
A 2 3 ? parallel      
A 3 4 ? parallel      
A 4 5 ? parallel      
A 5 6 ? parallel      
A 6 7 ? anti-parallel 
A 7 8 ? anti-parallel 
B 1 2 ? anti-parallel 
# 
loop_
_struct_sheet_range.sheet_id 
_struct_sheet_range.id 
_struct_sheet_range.beg_label_comp_id 
_struct_sheet_range.beg_label_asym_id 
_struct_sheet_range.beg_label_seq_id 
_struct_sheet_range.pdbx_beg_PDB_ins_code 
_struct_sheet_range.end_label_comp_id 
_struct_sheet_range.end_label_asym_id 
_struct_sheet_range.end_label_seq_id 
_struct_sheet_range.pdbx_end_PDB_ins_code 
_struct_sheet_range.beg_auth_comp_id 
_struct_sheet_range.beg_auth_asym_id 
_struct_sheet_range.beg_auth_seq_id 
_struct_sheet_range.end_auth_comp_id 
_struct_sheet_range.end_auth_asym_id 
_struct_sheet_range.end_auth_seq_id 
A 1 VAL A 73  ? ILE A 76  ? VAL X 73  ILE X 76  
A 2 ARG A 58  ? LEU A 62  ? ARG X 58  LEU X 62  
A 3 THR A 39  ? GLY A 43  ? THR X 39  GLY X 43  
A 4 VAL A 89  ? ILE A 91  ? VAL X 89  ILE X 91  
A 5 LEU A 2   ? ASP A 9   ? LEU X 2   ASP X 9   
A 6 ASP A 107 ? ILE A 113 ? ASP X 107 ILE X 113 
A 7 HIS A 149 ? ARG A 156 ? HIS X 149 ARG X 156 
A 8 TRP A 131 ? GLU A 138 ? TRP X 131 GLU X 138 
B 1 VAL A 13  ? GLY A 15  ? VAL X 13  GLY X 15  
B 2 THR A 121 ? PHE A 122 ? THR X 121 PHE X 122 
# 
loop_
_pdbx_struct_sheet_hbond.sheet_id 
_pdbx_struct_sheet_hbond.range_id_1 
_pdbx_struct_sheet_hbond.range_id_2 
_pdbx_struct_sheet_hbond.range_1_label_atom_id 
_pdbx_struct_sheet_hbond.range_1_label_comp_id 
_pdbx_struct_sheet_hbond.range_1_label_asym_id 
_pdbx_struct_sheet_hbond.range_1_label_seq_id 
_pdbx_struct_sheet_hbond.range_1_PDB_ins_code 
_pdbx_struct_sheet_hbond.range_1_auth_atom_id 
_pdbx_struct_sheet_hbond.range_1_auth_comp_id 
_pdbx_struct_sheet_hbond.range_1_auth_asym_id 
_pdbx_struct_sheet_hbond.range_1_auth_seq_id 
_pdbx_struct_sheet_hbond.range_2_label_atom_id 
_pdbx_struct_sheet_hbond.range_2_label_comp_id 
_pdbx_struct_sheet_hbond.range_2_label_asym_id 
_pdbx_struct_sheet_hbond.range_2_label_seq_id 
_pdbx_struct_sheet_hbond.range_2_PDB_ins_code 
_pdbx_struct_sheet_hbond.range_2_auth_atom_id 
_pdbx_struct_sheet_hbond.range_2_auth_comp_id 
_pdbx_struct_sheet_hbond.range_2_auth_asym_id 
_pdbx_struct_sheet_hbond.range_2_auth_seq_id 
A 1 2 O ASP A 74  ? O ASP X 74  N ASN A 59  ? N ASN X 59  
A 2 3 O ARG A 58  ? O ARG X 58  N LEU A 40  ? N LEU X 40  
A 3 4 N THR A 39  ? N THR X 39  O PHE A 90  ? O PHE X 90  
A 4 5 O ILE A 91  ? O ILE X 91  N SER A 3   ? N SER X 3   
A 5 6 N ILE A 4   ? N ILE X 4   O TYR A 109 ? O TYR X 109 
A 6 7 N ILE A 110 ? N ILE X 110 O LEU A 152 ? O LEU X 152 
A 7 8 O ILE A 155 ? O ILE X 155 N GLU A 132 ? N GLU X 132 
B 1 2 N ILE A 14  ? N ILE X 14  O THR A 121 ? O THR X 121 
# 
loop_
_struct_site.id 
_struct_site.pdbx_evidence_code 
_struct_site.pdbx_auth_asym_id 
_struct_site.pdbx_auth_comp_id 
_struct_site.pdbx_auth_seq_id 
_struct_site.pdbx_auth_ins_code 
_struct_site.pdbx_num_residues 
_struct_site.details 
AC1 Software X NDP 301 ? 27 'BINDING SITE FOR RESIDUE NDP X 301' 
AC2 Software X XCF 300 ? 11 'BINDING SITE FOR RESIDUE XCF X 300' 
# 
loop_
_struct_site_gen.id 
_struct_site_gen.site_id 
_struct_site_gen.pdbx_num_res 
_struct_site_gen.label_comp_id 
_struct_site_gen.label_asym_id 
_struct_site_gen.label_seq_id 
_struct_site_gen.pdbx_auth_ins_code 
_struct_site_gen.auth_comp_id 
_struct_site_gen.auth_asym_id 
_struct_site_gen.auth_seq_id 
_struct_site_gen.label_atom_id 
_struct_site_gen.label_alt_id 
_struct_site_gen.symmetry 
_struct_site_gen.details 
1  AC1 27 VAL A 6   ? VAL X 6   . ? 1_555  ? 
2  AC1 27 ALA A 7   ? ALA X 7   . ? 1_555  ? 
3  AC1 27 ILE A 14  ? ILE X 14  . ? 1_555  ? 
4  AC1 27 GLY A 15  ? GLY X 15  . ? 1_555  ? 
5  AC1 27 ASN A 18  ? ASN X 18  . ? 1_555  ? 
6  AC1 27 GLN A 19  ? GLN X 19  . ? 1_555  ? 
7  AC1 27 LEU A 20  ? LEU X 20  . ? 1_555  ? 
8  AC1 27 GLY A 43  ? GLY X 43  . ? 1_555  ? 
9  AC1 27 ARG A 44  ? ARG X 44  . ? 1_555  ? 
10 AC1 27 LYS A 45  ? LYS X 45  . ? 1_555  ? 
11 AC1 27 THR A 46  ? THR X 46  . ? 1_555  ? 
12 AC1 27 LEU A 62  ? LEU X 62  . ? 1_555  ? 
13 AC1 27 THR A 63  ? THR X 63  . ? 1_555  ? 
14 AC1 27 SER A 64  ? SER X 64  . ? 1_555  ? 
15 AC1 27 HIS A 77  ? HIS X 77  . ? 1_555  ? 
16 AC1 27 ILE A 79  ? ILE X 79  . ? 1_555  ? 
17 AC1 27 PHE A 92  ? PHE X 92  . ? 1_555  ? 
18 AC1 27 GLY A 94  ? GLY X 94  . ? 1_555  ? 
19 AC1 27 GLN A 95  ? GLN X 95  . ? 1_555  ? 
20 AC1 27 THR A 96  ? THR X 96  . ? 1_555  ? 
21 AC1 27 GLU A 100 ? GLU X 100 . ? 1_555  ? 
22 AC1 27 THR A 121 ? THR X 121 . ? 1_555  ? 
23 AC1 27 HOH D .   ? HOH X 174 . ? 1_555  ? 
24 AC1 27 HOH D .   ? HOH X 184 . ? 10_665 ? 
25 AC1 27 HOH D .   ? HOH X 213 . ? 1_555  ? 
26 AC1 27 HOH D .   ? HOH X 215 . ? 1_555  ? 
27 AC1 27 XCF C .   ? XCF X 300 . ? 1_555  ? 
28 AC2 11 LEU A 5   ? LEU X 5   . ? 1_555  ? 
29 AC2 11 VAL A 6   ? VAL X 6   . ? 1_555  ? 
30 AC2 11 ALA A 7   ? ALA X 7   . ? 1_555  ? 
31 AC2 11 LEU A 20  ? LEU X 20  . ? 1_555  ? 
32 AC2 11 ASP A 27  ? ASP X 27  . ? 1_555  ? 
33 AC2 11 LEU A 28  ? LEU X 28  . ? 1_555  ? 
34 AC2 11 VAL A 31  ? VAL X 31  . ? 1_555  ? 
35 AC2 11 LEU A 54  ? LEU X 54  . ? 1_555  ? 
36 AC2 11 PHE A 92  ? PHE X 92  . ? 1_555  ? 
37 AC2 11 HOH D .   ? HOH X 164 . ? 1_555  ? 
38 AC2 11 NDP B .   ? NDP X 301 . ? 1_555  ? 
# 
_atom_sites.entry_id                    3FYW 
_atom_sites.fract_transf_matrix[1][1]   -0.01317703 
_atom_sites.fract_transf_matrix[1][2]   0.00579450 
_atom_sites.fract_transf_matrix[1][3]   0.00243932 
_atom_sites.fract_transf_matrix[2][1]   -0.01152559 
_atom_sites.fract_transf_matrix[2][2]   -0.00457148 
_atom_sites.fract_transf_matrix[2][3]   -0.00770859 
_atom_sites.fract_transf_matrix[3][1]   -0.00167415 
_atom_sites.fract_transf_matrix[3][2]   -0.00647814 
_atom_sites.fract_transf_matrix[3][3]   0.00634490 
_atom_sites.fract_transf_vector[1]      0.398188 
_atom_sites.fract_transf_vector[2]      0.171842 
_atom_sites.fract_transf_vector[3]      0.355615 
# 
loop_
_atom_type.symbol 
C 
N 
O 
P 
S 
# 
loop_
_atom_site.group_PDB 
_atom_site.id 
_atom_site.type_symbol 
_atom_site.label_atom_id 
_atom_site.label_alt_id 
_atom_site.label_comp_id 
_atom_site.label_asym_id 
_atom_site.label_entity_id 
_atom_site.label_seq_id 
_atom_site.pdbx_PDB_ins_code 
_atom_site.Cartn_x 
_atom_site.Cartn_y 
_atom_site.Cartn_z 
_atom_site.occupancy 
_atom_site.B_iso_or_equiv 
_atom_site.pdbx_formal_charge 
_atom_site.auth_seq_id 
_atom_site.auth_comp_id 
_atom_site.auth_asym_id 
_atom_site.auth_atom_id 
_atom_site.pdbx_PDB_model_num 
ATOM   1    N N   . THR A 1 1   ? 4.776   9.529   -11.061 1.00 45.48 ? 1   THR X N   1 
ATOM   2    C CA  . THR A 1 1   ? 5.315   8.263   -10.483 1.00 44.96 ? 1   THR X CA  1 
ATOM   3    C C   . THR A 1 1   ? 4.202   7.248   -10.209 1.00 44.59 ? 1   THR X C   1 
ATOM   4    O O   . THR A 1 1   ? 3.119   7.602   -9.741  1.00 44.79 ? 1   THR X O   1 
ATOM   5    C CB  . THR A 1 1   ? 6.080   8.524   -9.170  1.00 45.63 ? 1   THR X CB  1 
ATOM   6    O OG1 . THR A 1 1   ? 6.484   9.897   -9.108  1.00 46.57 ? 1   THR X OG1 1 
ATOM   7    C CG2 . THR A 1 1   ? 7.305   7.630   -9.074  1.00 45.65 ? 1   THR X CG2 1 
ATOM   8    N N   . LEU A 1 2   ? 4.487   5.984   -10.511 1.00 43.65 ? 2   LEU X N   1 
ATOM   9    C CA  . LEU A 1 2   ? 3.710   4.861   -10.009 1.00 42.93 ? 2   LEU X CA  1 
ATOM   10   C C   . LEU A 1 2   ? 4.466   4.164   -8.880  1.00 41.83 ? 2   LEU X C   1 
ATOM   11   O O   . LEU A 1 2   ? 5.556   3.638   -9.091  1.00 41.49 ? 2   LEU X O   1 
ATOM   12   C CB  . LEU A 1 2   ? 3.445   3.873   -11.148 1.00 43.12 ? 2   LEU X CB  1 
ATOM   13   C CG  . LEU A 1 2   ? 2.381   2.800   -10.910 1.00 43.27 ? 2   LEU X CG  1 
ATOM   14   C CD1 . LEU A 1 2   ? 1.058   3.422   -10.484 1.00 43.15 ? 2   LEU X CD1 1 
ATOM   15   C CD2 . LEU A 1 2   ? 2.206   1.951   -12.168 1.00 43.12 ? 2   LEU X CD2 1 
ATOM   16   N N   . SER A 1 3   ? 3.880   4.163   -7.686  1.00 41.01 ? 3   SER X N   1 
ATOM   17   C CA  . SER A 1 3   ? 4.540   3.615   -6.503  1.00 40.27 ? 3   SER X CA  1 
ATOM   18   C C   . SER A 1 3   ? 3.653   2.584   -5.812  1.00 39.57 ? 3   SER X C   1 
ATOM   19   O O   . SER A 1 3   ? 2.431   2.711   -5.816  1.00 39.37 ? 3   SER X O   1 
ATOM   20   C CB  . SER A 1 3   ? 4.877   4.737   -5.521  1.00 40.28 ? 3   SER X CB  1 
ATOM   21   O OG  . SER A 1 3   ? 5.706   5.709   -6.130  1.00 40.61 ? 3   SER X OG  1 
ATOM   22   N N   . ILE A 1 4   ? 4.274   1.573   -5.208  1.00 38.39 ? 4   ILE X N   1 
ATOM   23   C CA  . ILE A 1 4   ? 3.600   0.767   -4.192  1.00 37.79 ? 4   ILE X CA  1 
ATOM   24   C C   . ILE A 1 4   ? 3.738   1.385   -2.799  1.00 37.02 ? 4   ILE X C   1 
ATOM   25   O O   . ILE A 1 4   ? 4.759   1.985   -2.460  1.00 36.82 ? 4   ILE X O   1 
ATOM   26   C CB  . ILE A 1 4   ? 4.121   -0.690  -4.185  1.00 37.67 ? 4   ILE X CB  1 
ATOM   27   C CG1 . ILE A 1 4   ? 3.391   -1.519  -5.247  1.00 37.63 ? 4   ILE X CG1 1 
ATOM   28   C CG2 . ILE A 1 4   ? 3.935   -1.326  -2.815  1.00 37.83 ? 4   ILE X CG2 1 
ATOM   29   C CD1 . ILE A 1 4   ? 4.024   -2.872  -5.520  1.00 37.42 ? 4   ILE X CD1 1 
ATOM   30   N N   . LEU A 1 5   ? 2.681   1.260   -2.009  1.00 36.51 ? 5   LEU X N   1 
ATOM   31   C CA  . LEU A 1 5   ? 2.692   1.681   -0.618  1.00 36.30 ? 5   LEU X CA  1 
ATOM   32   C C   . LEU A 1 5   ? 2.091   0.571   0.232   1.00 36.05 ? 5   LEU X C   1 
ATOM   33   O O   . LEU A 1 5   ? 0.926   0.211   0.055   1.00 35.79 ? 5   LEU X O   1 
ATOM   34   C CB  . LEU A 1 5   ? 1.877   2.962   -0.461  1.00 36.33 ? 5   LEU X CB  1 
ATOM   35   C CG  . LEU A 1 5   ? 1.872   3.661   0.897   1.00 36.55 ? 5   LEU X CG  1 
ATOM   36   C CD1 . LEU A 1 5   ? 3.287   3.979   1.371   1.00 36.42 ? 5   LEU X CD1 1 
ATOM   37   C CD2 . LEU A 1 5   ? 1.036   4.931   0.804   1.00 36.47 ? 5   LEU X CD2 1 
ATOM   38   N N   . VAL A 1 6   ? 2.888   0.027   1.146   1.00 35.23 ? 6   VAL X N   1 
ATOM   39   C CA  . VAL A 1 6   ? 2.569   -1.252  1.781   1.00 35.00 ? 6   VAL X CA  1 
ATOM   40   C C   . VAL A 1 6   ? 3.310   -1.399  3.114   1.00 34.81 ? 6   VAL X C   1 
ATOM   41   O O   . VAL A 1 6   ? 4.462   -0.974  3.261   1.00 34.85 ? 6   VAL X O   1 
ATOM   42   C CB  . VAL A 1 6   ? 2.889   -2.449  0.852   1.00 34.70 ? 6   VAL X CB  1 
ATOM   43   C CG1 . VAL A 1 6   ? 4.394   -2.589  0.635   1.00 34.51 ? 6   VAL X CG1 1 
ATOM   44   C CG2 . VAL A 1 6   ? 2.301   -3.739  1.411   1.00 34.81 ? 6   VAL X CG2 1 
ATOM   45   N N   . ALA A 1 7   ? 2.628   -1.983  4.090   1.00 34.21 ? 7   ALA X N   1 
ATOM   46   C CA  . ALA A 1 7   ? 3.281   -2.502  5.279   1.00 34.21 ? 7   ALA X CA  1 
ATOM   47   C C   . ALA A 1 7   ? 3.204   -4.033  5.289   1.00 33.91 ? 7   ALA X C   1 
ATOM   48   O O   . ALA A 1 7   ? 2.123   -4.606  5.185   1.00 33.95 ? 7   ALA X O   1 
ATOM   49   C CB  . ALA A 1 7   ? 2.623   -1.919  6.520   1.00 33.58 ? 7   ALA X CB  1 
ATOM   50   N N   . HIS A 1 8   ? 4.353   -4.694  5.401   1.00 33.61 ? 8   HIS X N   1 
ATOM   51   C CA  . HIS A 1 8   ? 4.376   -6.148  5.516   1.00 33.45 ? 8   HIS X CA  1 
ATOM   52   C C   . HIS A 1 8   ? 5.365   -6.607  6.576   1.00 33.16 ? 8   HIS X C   1 
ATOM   53   O O   . HIS A 1 8   ? 6.334   -5.907  6.873   1.00 33.30 ? 8   HIS X O   1 
ATOM   54   C CB  . HIS A 1 8   ? 4.674   -6.793  4.157   1.00 33.81 ? 8   HIS X CB  1 
ATOM   55   C CG  . HIS A 1 8   ? 6.122   -6.779  3.763   1.00 34.09 ? 8   HIS X CG  1 
ATOM   56   N ND1 . HIS A 1 8   ? 7.109   -7.385  4.514   1.00 34.29 ? 8   HIS X ND1 1 
ATOM   57   C CD2 . HIS A 1 8   ? 6.739   -6.276  2.667   1.00 33.81 ? 8   HIS X CD2 1 
ATOM   58   C CE1 . HIS A 1 8   ? 8.274   -7.235  3.905   1.00 34.51 ? 8   HIS X CE1 1 
ATOM   59   N NE2 . HIS A 1 8   ? 8.076   -6.565  2.782   1.00 34.19 ? 8   HIS X NE2 1 
ATOM   60   N N   . ASP A 1 9   ? 5.097   -7.772  7.164   1.00 32.69 ? 9   ASP X N   1 
ATOM   61   C CA  . ASP A 1 9   ? 5.891   -8.266  8.292   1.00 32.20 ? 9   ASP X CA  1 
ATOM   62   C C   . ASP A 1 9   ? 7.025   -9.168  7.795   1.00 31.73 ? 9   ASP X C   1 
ATOM   63   O O   . ASP A 1 9   ? 7.260   -9.259  6.597   1.00 31.09 ? 9   ASP X O   1 
ATOM   64   C CB  . ASP A 1 9   ? 4.992   -8.985  9.308   1.00 31.80 ? 9   ASP X CB  1 
ATOM   65   C CG  . ASP A 1 9   ? 4.716   -10.446 8.949   1.00 31.69 ? 9   ASP X CG  1 
ATOM   66   O OD1 . ASP A 1 9   ? 5.151   -10.919 7.878   1.00 31.40 ? 9   ASP X OD1 1 
ATOM   67   O OD2 . ASP A 1 9   ? 4.050   -11.127 9.756   1.00 31.74 ? 9   ASP X OD2 1 
ATOM   68   N N   . LEU A 1 10  ? 7.735   -9.814  8.716   1.00 31.95 ? 10  LEU X N   1 
ATOM   69   C CA  . LEU A 1 10  ? 8.944   -10.567 8.368   1.00 32.71 ? 10  LEU X CA  1 
ATOM   70   C C   . LEU A 1 10  ? 8.678   -11.687 7.351   1.00 33.27 ? 10  LEU X C   1 
ATOM   71   O O   . LEU A 1 10  ? 9.601   -12.166 6.701   1.00 33.44 ? 10  LEU X O   1 
ATOM   72   C CB  . LEU A 1 10  ? 9.583   -11.156 9.625   1.00 32.30 ? 10  LEU X CB  1 
ATOM   73   C CG  . LEU A 1 10  ? 10.194  -10.123 10.579  1.00 32.31 ? 10  LEU X CG  1 
ATOM   74   C CD1 . LEU A 1 10  ? 10.556  -10.774 11.904  1.00 32.30 ? 10  LEU X CD1 1 
ATOM   75   C CD2 . LEU A 1 10  ? 11.410  -9.451  9.948   1.00 31.73 ? 10  LEU X CD2 1 
ATOM   76   N N   . GLN A 1 11  ? 7.421   -12.097 7.205   1.00 33.51 ? 11  GLN X N   1 
ATOM   77   C CA  . GLN A 1 11  ? 7.083   -13.178 6.280   1.00 33.99 ? 11  GLN X CA  1 
ATOM   78   C C   . GLN A 1 11  ? 6.136   -12.665 5.201   1.00 33.62 ? 11  GLN X C   1 
ATOM   79   O O   . GLN A 1 11  ? 5.522   -13.439 4.461   1.00 33.04 ? 11  GLN X O   1 
ATOM   80   C CB  . GLN A 1 11  ? 6.472   -14.349 7.051   1.00 34.65 ? 11  GLN X CB  1 
ATOM   81   C CG  . GLN A 1 11  ? 7.252   -14.665 8.328   1.00 35.57 ? 11  GLN X CG  1 
ATOM   82   C CD  . GLN A 1 11  ? 6.793   -15.928 9.020   1.00 35.74 ? 11  GLN X CD  1 
ATOM   83   O OE1 . GLN A 1 11  ? 7.516   -16.924 9.048   1.00 37.19 ? 11  GLN X OE1 1 
ATOM   84   N NE2 . GLN A 1 11  ? 5.598   -15.891 9.598   1.00 35.98 ? 11  GLN X NE2 1 
ATOM   85   N N   . ARG A 1 12  ? 6.033   -11.342 5.132   1.00 33.54 ? 12  ARG X N   1 
ATOM   86   C CA  . ARG A 1 12  ? 5.359   -10.653 4.045   1.00 33.75 ? 12  ARG X CA  1 
ATOM   87   C C   . ARG A 1 12  ? 3.843   -10.739 4.172   1.00 33.53 ? 12  ARG X C   1 
ATOM   88   O O   . ARG A 1 12  ? 3.124   -10.556 3.197   1.00 33.55 ? 12  ARG X O   1 
ATOM   89   C CB  . ARG A 1 12  ? 5.819   -11.212 2.701   1.00 33.91 ? 12  ARG X CB  1 
ATOM   90   C CG  . ARG A 1 12  ? 6.995   -10.460 2.110   1.00 34.11 ? 12  ARG X CG  1 
ATOM   91   C CD  . ARG A 1 12  ? 7.396   -11.031 0.765   1.00 34.48 ? 12  ARG X CD  1 
ATOM   92   N NE  . ARG A 1 12  ? 7.901   -12.387 0.913   1.00 34.68 ? 12  ARG X NE  1 
ATOM   93   C CZ  . ARG A 1 12  ? 7.166   -13.482 0.759   1.00 35.13 ? 12  ARG X CZ  1 
ATOM   94   N NH1 . ARG A 1 12  ? 5.875   -13.393 0.433   1.00 35.11 ? 12  ARG X NH1 1 
ATOM   95   N NH2 . ARG A 1 12  ? 7.726   -14.672 0.932   1.00 35.22 ? 12  ARG X NH2 1 
ATOM   96   N N   . VAL A 1 13  ? 3.363   -11.009 5.383   1.00 33.44 ? 13  VAL X N   1 
ATOM   97   C CA  . VAL A 1 13  ? 1.953   -10.817 5.705   1.00 33.41 ? 13  VAL X CA  1 
ATOM   98   C C   . VAL A 1 13  ? 1.573   -9.345  5.564   1.00 33.38 ? 13  VAL X C   1 
ATOM   99   O O   . VAL A 1 13  ? 2.270   -8.465  6.069   1.00 32.83 ? 13  VAL X O   1 
ATOM   100  C CB  . VAL A 1 13  ? 1.629   -11.298 7.141   1.00 33.17 ? 13  VAL X CB  1 
ATOM   101  C CG1 . VAL A 1 13  ? 0.242   -10.837 7.559   1.00 33.29 ? 13  VAL X CG1 1 
ATOM   102  C CG2 . VAL A 1 13  ? 1.739   -12.815 7.233   1.00 33.29 ? 13  VAL X CG2 1 
ATOM   103  N N   . ILE A 1 14  ? 0.463   -9.085  4.877   1.00 33.68 ? 14  ILE X N   1 
ATOM   104  C CA  . ILE A 1 14  ? -0.096  -7.736  4.809   1.00 33.99 ? 14  ILE X CA  1 
ATOM   105  C C   . ILE A 1 14  ? -1.468  -7.642  5.482   1.00 34.42 ? 14  ILE X C   1 
ATOM   106  O O   . ILE A 1 14  ? -1.940  -6.544  5.776   1.00 34.84 ? 14  ILE X O   1 
ATOM   107  C CB  . ILE A 1 14  ? -0.171  -7.211  3.344   1.00 33.58 ? 14  ILE X CB  1 
ATOM   108  C CG1 . ILE A 1 14  ? -1.002  -8.147  2.461   1.00 33.65 ? 14  ILE X CG1 1 
ATOM   109  C CG2 . ILE A 1 14  ? 1.240   -7.043  2.762   1.00 32.94 ? 14  ILE X CG2 1 
ATOM   110  C CD1 . ILE A 1 14  ? -1.555  -7.472  1.204   1.00 33.65 ? 14  ILE X CD1 1 
ATOM   111  N N   . GLY A 1 15  ? -2.098  -8.784  5.746   1.00 35.27 ? 15  GLY X N   1 
ATOM   112  C CA  . GLY A 1 15  ? -3.527  -8.807  6.078   1.00 35.66 ? 15  GLY X CA  1 
ATOM   113  C C   . GLY A 1 15  ? -3.974  -9.989  6.930   1.00 36.09 ? 15  GLY X C   1 
ATOM   114  O O   . GLY A 1 15  ? -3.393  -11.075 6.868   1.00 35.53 ? 15  GLY X O   1 
ATOM   115  N N   . PHE A 1 16  ? -5.022  -9.777  7.725   1.00 36.51 ? 16  PHE X N   1 
ATOM   116  C CA  . PHE A 1 16  ? -5.775  -10.880 8.321   1.00 37.13 ? 16  PHE X CA  1 
ATOM   117  C C   . PHE A 1 16  ? -7.249  -10.524 8.452   1.00 37.63 ? 16  PHE X C   1 
ATOM   118  O O   . PHE A 1 16  ? -7.605  -9.499  9.038   1.00 37.17 ? 16  PHE X O   1 
ATOM   119  C CB  . PHE A 1 16  ? -5.215  -11.241 9.700   1.00 37.10 ? 16  PHE X CB  1 
ATOM   120  C CG  . PHE A 1 16  ? -5.802  -12.506 10.282  1.00 37.10 ? 16  PHE X CG  1 
ATOM   121  C CD1 . PHE A 1 16  ? -6.385  -12.502 11.539  1.00 37.16 ? 16  PHE X CD1 1 
ATOM   122  C CD2 . PHE A 1 16  ? -5.762  -13.698 9.572   1.00 37.12 ? 16  PHE X CD2 1 
ATOM   123  C CE1 . PHE A 1 16  ? -6.922  -13.661 12.074  1.00 37.25 ? 16  PHE X CE1 1 
ATOM   124  C CE2 . PHE A 1 16  ? -6.294  -14.860 10.099  1.00 37.05 ? 16  PHE X CE2 1 
ATOM   125  C CZ  . PHE A 1 16  ? -6.877  -14.841 11.352  1.00 37.35 ? 16  PHE X CZ  1 
ATOM   126  N N   . GLU A 1 17  ? -8.102  -11.383 7.907   1.00 38.24 ? 17  GLU X N   1 
ATOM   127  C CA  . GLU A 1 17  ? -9.540  -11.173 7.960   1.00 38.74 ? 17  GLU X CA  1 
ATOM   128  C C   . GLU A 1 17  ? -9.859  -9.723  7.621   1.00 39.18 ? 17  GLU X C   1 
ATOM   129  O O   . GLU A 1 17  ? -10.582 -9.041  8.345   1.00 38.88 ? 17  GLU X O   1 
ATOM   130  C CB  . GLU A 1 17  ? -10.069 -11.563 9.337   1.00 38.82 ? 17  GLU X CB  1 
ATOM   131  C CG  . GLU A 1 17  ? -9.838  -13.039 9.641   1.00 38.95 ? 17  GLU X CG  1 
ATOM   132  C CD  . GLU A 1 17  ? -10.419 -13.476 10.969  1.00 39.08 ? 17  GLU X CD  1 
ATOM   133  O OE1 . GLU A 1 17  ? -10.401 -12.677 11.930  1.00 39.20 ? 17  GLU X OE1 1 
ATOM   134  O OE2 . GLU A 1 17  ? -10.885 -14.629 11.048  1.00 39.41 ? 17  GLU X OE2 1 
ATOM   135  N N   . ASN A 1 18  ? -9.290  -9.271  6.505   1.00 39.87 ? 18  ASN X N   1 
ATOM   136  C CA  . ASN A 1 18  ? -9.649  -8.001  5.885   1.00 40.61 ? 18  ASN X CA  1 
ATOM   137  C C   . ASN A 1 18  ? -9.266  -6.807  6.753   1.00 40.87 ? 18  ASN X C   1 
ATOM   138  O O   . ASN A 1 18  ? -9.797  -5.713  6.583   1.00 41.11 ? 18  ASN X O   1 
ATOM   139  C CB  . ASN A 1 18  ? -11.140 -7.972  5.548   1.00 41.15 ? 18  ASN X CB  1 
ATOM   140  C CG  . ASN A 1 18  ? -11.480 -8.838  4.348   1.00 41.55 ? 18  ASN X CG  1 
ATOM   141  O OD1 . ASN A 1 18  ? -10.748 -8.863  3.359   1.00 42.44 ? 18  ASN X OD1 1 
ATOM   142  N ND2 . ASN A 1 18  ? -12.590 -9.557  4.433   1.00 42.39 ? 18  ASN X ND2 1 
ATOM   143  N N   . GLN A 1 19  ? -8.327  -7.027  7.668   1.00 41.24 ? 19  GLN X N   1 
ATOM   144  C CA  . GLN A 1 19  ? -7.740  -5.948  8.457   1.00 41.74 ? 19  GLN X CA  1 
ATOM   145  C C   . GLN A 1 19  ? -6.216  -6.039  8.485   1.00 41.53 ? 19  GLN X C   1 
ATOM   146  O O   . GLN A 1 19  ? -5.645  -7.073  8.146   1.00 40.98 ? 19  GLN X O   1 
ATOM   147  C CB  . GLN A 1 19  ? -8.265  -6.001  9.885   1.00 42.22 ? 19  GLN X CB  1 
ATOM   148  C CG  . GLN A 1 19  ? -9.768  -6.074  9.978   1.00 42.93 ? 19  GLN X CG  1 
ATOM   149  C CD  . GLN A 1 19  ? -10.253 -5.974  11.408  1.00 43.40 ? 19  GLN X CD  1 
ATOM   150  O OE1 . GLN A 1 19  ? -10.233 -4.897  12.006  1.00 44.49 ? 19  GLN X OE1 1 
ATOM   151  N NE2 . GLN A 1 19  ? -10.690 -7.100  11.970  1.00 44.37 ? 19  GLN X NE2 1 
ATOM   152  N N   . LEU A 1 20  ? -5.564  -4.961  8.910   1.00 41.31 ? 20  LEU X N   1 
ATOM   153  C CA  . LEU A 1 20  ? -4.152  -5.027  9.290   1.00 41.24 ? 20  LEU X CA  1 
ATOM   154  C C   . LEU A 1 20  ? -4.005  -5.758  10.615  1.00 41.09 ? 20  LEU X C   1 
ATOM   155  O O   . LEU A 1 20  ? -4.742  -5.489  11.559  1.00 41.29 ? 20  LEU X O   1 
ATOM   156  C CB  . LEU A 1 20  ? -3.551  -3.624  9.418   1.00 41.07 ? 20  LEU X CB  1 
ATOM   157  C CG  . LEU A 1 20  ? -3.667  -2.681  8.217   1.00 41.04 ? 20  LEU X CG  1 
ATOM   158  C CD1 . LEU A 1 20  ? -3.566  -1.230  8.685   1.00 40.89 ? 20  LEU X CD1 1 
ATOM   159  C CD2 . LEU A 1 20  ? -2.593  -2.987  7.183   1.00 40.88 ? 20  LEU X CD2 1 
ATOM   160  N N   . PRO A 1 21  ? -3.043  -6.688  10.690  1.00 41.12 ? 21  PRO X N   1 
ATOM   161  C CA  . PRO A 1 21  ? -2.808  -7.489  11.888  1.00 41.03 ? 21  PRO X CA  1 
ATOM   162  C C   . PRO A 1 21  ? -2.182  -6.710  13.040  1.00 40.98 ? 21  PRO X C   1 
ATOM   163  O O   . PRO A 1 21  ? -2.169  -7.196  14.166  1.00 41.70 ? 21  PRO X O   1 
ATOM   164  C CB  . PRO A 1 21  ? -1.839  -8.584  11.405  1.00 41.12 ? 21  PRO X CB  1 
ATOM   165  C CG  . PRO A 1 21  ? -1.800  -8.474  9.915   1.00 41.16 ? 21  PRO X CG  1 
ATOM   166  C CD  . PRO A 1 21  ? -2.123  -7.052  9.601   1.00 41.02 ? 21  PRO X CD  1 
ATOM   167  N N   . TRP A 1 22  ? -1.661  -5.520  12.765  1.00 40.86 ? 22  TRP X N   1 
ATOM   168  C CA  . TRP A 1 22  ? -0.929  -4.759  13.776  1.00 40.91 ? 22  TRP X CA  1 
ATOM   169  C C   . TRP A 1 22  ? -1.584  -3.406  14.027  1.00 41.34 ? 22  TRP X C   1 
ATOM   170  O O   . TRP A 1 22  ? -2.282  -2.875  13.167  1.00 40.86 ? 22  TRP X O   1 
ATOM   171  C CB  . TRP A 1 22  ? 0.508   -4.539  13.325  1.00 39.51 ? 22  TRP X CB  1 
ATOM   172  C CG  . TRP A 1 22  ? 0.593   -4.217  11.877  1.00 39.22 ? 22  TRP X CG  1 
ATOM   173  C CD1 . TRP A 1 22  ? 0.336   -3.009  11.285  1.00 39.13 ? 22  TRP X CD1 1 
ATOM   174  C CD2 . TRP A 1 22  ? 0.937   -5.116  10.821  1.00 39.02 ? 22  TRP X CD2 1 
ATOM   175  N NE1 . TRP A 1 22  ? 0.508   -3.104  9.928   1.00 38.96 ? 22  TRP X NE1 1 
ATOM   176  C CE2 . TRP A 1 22  ? 0.876   -4.387  9.616   1.00 38.87 ? 22  TRP X CE2 1 
ATOM   177  C CE3 . TRP A 1 22  ? 1.293   -6.468  10.776  1.00 38.88 ? 22  TRP X CE3 1 
ATOM   178  C CZ2 . TRP A 1 22  ? 1.161   -4.963  8.385   1.00 39.03 ? 22  TRP X CZ2 1 
ATOM   179  C CZ3 . TRP A 1 22  ? 1.577   -7.034  9.558   1.00 39.00 ? 22  TRP X CZ3 1 
ATOM   180  C CH2 . TRP A 1 22  ? 1.508   -6.285  8.375   1.00 39.16 ? 22  TRP X CH2 1 
ATOM   181  N N   . HIS A 1 23  ? -1.337  -2.854  15.211  1.00 42.84 ? 23  HIS X N   1 
ATOM   182  C CA  . HIS A 1 23  ? -1.697  -1.476  15.520  1.00 43.43 ? 23  HIS X CA  1 
ATOM   183  C C   . HIS A 1 23  ? -0.453  -0.597  15.558  1.00 43.87 ? 23  HIS X C   1 
ATOM   184  O O   . HIS A 1 23  ? 0.358   -0.701  16.476  1.00 44.44 ? 23  HIS X O   1 
ATOM   185  C CB  . HIS A 1 23  ? -2.414  -1.411  16.874  1.00 44.17 ? 23  HIS X CB  1 
ATOM   186  C CG  . HIS A 1 23  ? -2.478  -0.033  17.463  1.00 44.52 ? 23  HIS X CG  1 
ATOM   187  N ND1 . HIS A 1 23  ? -3.197  0.993   16.885  1.00 45.02 ? 23  HIS X ND1 1 
ATOM   188  C CD2 . HIS A 1 23  ? -1.923  0.485   18.586  1.00 45.18 ? 23  HIS X CD2 1 
ATOM   189  C CE1 . HIS A 1 23  ? -3.078  2.083   17.623  1.00 45.20 ? 23  HIS X CE1 1 
ATOM   190  N NE2 . HIS A 1 23  ? -2.308  1.803   18.660  1.00 45.37 ? 23  HIS X NE2 1 
ATOM   191  N N   . LEU A 1 24  ? -0.306  0.271   14.565  1.00 44.02 ? 24  LEU X N   1 
ATOM   192  C CA  . LEU A 1 24  ? 0.929   1.024   14.391  1.00 44.09 ? 24  LEU X CA  1 
ATOM   193  C C   . LEU A 1 24  ? 0.637   2.423   13.855  1.00 44.20 ? 24  LEU X C   1 
ATOM   194  O O   . LEU A 1 24  ? 0.683   2.656   12.646  1.00 43.99 ? 24  LEU X O   1 
ATOM   195  C CB  . LEU A 1 24  ? 1.867   0.273   13.445  1.00 44.29 ? 24  LEU X CB  1 
ATOM   196  C CG  . LEU A 1 24  ? 3.361   0.580   13.553  1.00 44.35 ? 24  LEU X CG  1 
ATOM   197  C CD1 . LEU A 1 24  ? 3.833   0.544   15.004  1.00 44.53 ? 24  LEU X CD1 1 
ATOM   198  C CD2 . LEU A 1 24  ? 4.150   -0.397  12.702  1.00 44.23 ? 24  LEU X CD2 1 
ATOM   199  N N   . PRO A 1 25  ? 0.321   3.360   14.761  1.00 44.41 ? 25  PRO X N   1 
ATOM   200  C CA  . PRO A 1 25  ? -0.050  4.722   14.385  1.00 44.78 ? 25  PRO X CA  1 
ATOM   201  C C   . PRO A 1 25  ? 0.986   5.382   13.481  1.00 44.95 ? 25  PRO X C   1 
ATOM   202  O O   . PRO A 1 25  ? 0.625   5.997   12.480  1.00 45.29 ? 25  PRO X O   1 
ATOM   203  C CB  . PRO A 1 25  ? -0.133  5.446   15.732  1.00 44.66 ? 25  PRO X CB  1 
ATOM   204  C CG  . PRO A 1 25  ? -0.442  4.378   16.712  1.00 44.68 ? 25  PRO X CG  1 
ATOM   205  C CD  . PRO A 1 25  ? 0.278   3.160   16.218  1.00 44.56 ? 25  PRO X CD  1 
ATOM   206  N N   . ASN A 1 26  ? 2.261   5.241   13.832  1.00 45.23 ? 26  ASN X N   1 
ATOM   207  C CA  . ASN A 1 26  ? 3.347   5.863   13.078  1.00 45.49 ? 26  ASN X CA  1 
ATOM   208  C C   . ASN A 1 26  ? 3.290   5.539   11.587  1.00 45.63 ? 26  ASN X C   1 
ATOM   209  O O   . ASN A 1 26  ? 3.541   6.408   10.750  1.00 45.73 ? 26  ASN X O   1 
ATOM   210  C CB  . ASN A 1 26  ? 4.705   5.429   13.642  1.00 45.89 ? 26  ASN X CB  1 
ATOM   211  C CG  . ASN A 1 26  ? 5.019   6.080   14.977  1.00 46.23 ? 26  ASN X CG  1 
ATOM   212  O OD1 . ASN A 1 26  ? 4.233   6.877   15.493  1.00 46.88 ? 26  ASN X OD1 1 
ATOM   213  N ND2 . ASN A 1 26  ? 6.172   5.737   15.550  1.00 46.04 ? 26  ASN X ND2 1 
ATOM   214  N N   . ASP A 1 27  ? 2.969   4.292   11.256  1.00 45.47 ? 27  ASP X N   1 
ATOM   215  C CA  . ASP A 1 27  ? 2.923   3.864   9.862   1.00 45.47 ? 27  ASP X CA  1 
ATOM   216  C C   . ASP A 1 27  ? 1.755   4.521   9.127   1.00 45.19 ? 27  ASP X C   1 
ATOM   217  O O   . ASP A 1 27  ? 1.862   4.862   7.950   1.00 44.52 ? 27  ASP X O   1 
ATOM   218  C CB  . ASP A 1 27  ? 2.809   2.339   9.765   1.00 45.71 ? 27  ASP X CB  1 
ATOM   219  C CG  . ASP A 1 27  ? 2.729   1.844   8.325   1.00 45.89 ? 27  ASP X CG  1 
ATOM   220  O OD1 . ASP A 1 27  ? 1.800   1.068   8.014   1.00 46.09 ? 27  ASP X OD1 1 
ATOM   221  O OD2 . ASP A 1 27  ? 3.591   2.231   7.502   1.00 46.01 ? 27  ASP X OD2 1 
ATOM   222  N N   . LEU A 1 28  ? 0.638   4.700   9.822   1.00 45.35 ? 28  LEU X N   1 
ATOM   223  C CA  . LEU A 1 28  ? -0.519  5.347   9.217   1.00 45.52 ? 28  LEU X CA  1 
ATOM   224  C C   . LEU A 1 28  ? -0.264  6.842   9.034   1.00 45.46 ? 28  LEU X C   1 
ATOM   225  O O   . LEU A 1 28  ? -0.782  7.457   8.107   1.00 45.23 ? 28  LEU X O   1 
ATOM   226  C CB  . LEU A 1 28  ? -1.768  5.118   10.063  1.00 45.57 ? 28  LEU X CB  1 
ATOM   227  C CG  . LEU A 1 28  ? -2.172  3.649   10.245  1.00 45.76 ? 28  LEU X CG  1 
ATOM   228  C CD1 . LEU A 1 28  ? -2.973  3.483   11.526  1.00 45.84 ? 28  LEU X CD1 1 
ATOM   229  C CD2 . LEU A 1 28  ? -2.957  3.132   9.044   1.00 45.52 ? 28  LEU X CD2 1 
ATOM   230  N N   . LYS A 1 29  ? 0.546   7.420   9.914   1.00 45.74 ? 29  LYS X N   1 
ATOM   231  C CA  . LYS A 1 29  ? 1.018   8.787   9.724   1.00 45.87 ? 29  LYS X CA  1 
ATOM   232  C C   . LYS A 1 29  ? 2.026   8.863   8.581   1.00 45.71 ? 29  LYS X C   1 
ATOM   233  O O   . LYS A 1 29  ? 2.078   9.850   7.846   1.00 45.54 ? 29  LYS X O   1 
ATOM   234  C CB  . LYS A 1 29  ? 1.647   9.311   11.014  1.00 46.22 ? 29  LYS X CB  1 
ATOM   235  C CG  . LYS A 1 29  ? 2.248   10.698  10.887  1.00 46.51 ? 29  LYS X CG  1 
ATOM   236  C CD  . LYS A 1 29  ? 2.744   11.219  12.231  1.00 46.80 ? 29  LYS X CD  1 
ATOM   237  C CE  . LYS A 1 29  ? 2.331   12.669  12.447  1.00 47.29 ? 29  LYS X CE  1 
ATOM   238  N NZ  . LYS A 1 29  ? 1.190   13.055  11.564  1.00 47.40 ? 29  LYS X NZ  1 
ATOM   239  N N   . HIS A 1 30  ? 2.823   7.809   8.436   1.00 45.51 ? 30  HIS X N   1 
ATOM   240  C CA  . HIS A 1 30  ? 3.677   7.635   7.267   1.00 45.48 ? 30  HIS X CA  1 
ATOM   241  C C   . HIS A 1 30  ? 2.843   7.644   5.989   1.00 45.40 ? 30  HIS X C   1 
ATOM   242  O O   . HIS A 1 30  ? 3.179   8.316   5.015   1.00 45.21 ? 30  HIS X O   1 
ATOM   243  C CB  . HIS A 1 30  ? 4.445   6.316   7.388   1.00 45.26 ? 30  HIS X CB  1 
ATOM   244  C CG  . HIS A 1 30  ? 5.461   6.101   6.309   1.00 45.30 ? 30  HIS X CG  1 
ATOM   245  N ND1 . HIS A 1 30  ? 5.320   5.134   5.338   1.00 45.16 ? 30  HIS X ND1 1 
ATOM   246  C CD2 . HIS A 1 30  ? 6.639   6.719   6.057   1.00 45.16 ? 30  HIS X CD2 1 
ATOM   247  C CE1 . HIS A 1 30  ? 6.365   5.168   4.531   1.00 45.28 ? 30  HIS X CE1 1 
ATOM   248  N NE2 . HIS A 1 30  ? 7.179   6.121   4.945   1.00 45.26 ? 30  HIS X NE2 1 
ATOM   249  N N   . VAL A 1 31  ? 1.751   6.894   5.998   1.00 45.67 ? 31  VAL X N   1 
ATOM   250  C CA  . VAL A 1 31  ? 0.869   6.822   4.842   1.00 45.94 ? 31  VAL X CA  1 
ATOM   251  C C   . VAL A 1 31  ? 0.246   8.186   4.547   1.00 46.28 ? 31  VAL X C   1 
ATOM   252  O O   . VAL A 1 31  ? 0.167   8.609   3.393   1.00 46.01 ? 31  VAL X O   1 
ATOM   253  C CB  . VAL A 1 31  ? -0.258  5.796   5.068   1.00 45.66 ? 31  VAL X CB  1 
ATOM   254  C CG1 . VAL A 1 31  ? -1.320  5.925   3.979   1.00 45.56 ? 31  VAL X CG1 1 
ATOM   255  C CG2 . VAL A 1 31  ? 0.314   4.379   5.115   1.00 45.37 ? 31  VAL X CG2 1 
ATOM   256  N N   . LYS A 1 32  ? -0.202  8.863   5.599   1.00 46.91 ? 32  LYS X N   1 
ATOM   257  C CA  . LYS A 1 32  ? -0.772  10.200  5.466   1.00 47.23 ? 32  LYS X CA  1 
ATOM   258  C C   . LYS A 1 32  ? 0.210   11.141  4.779   1.00 47.45 ? 32  LYS X C   1 
ATOM   259  O O   . LYS A 1 32  ? -0.135  11.808  3.804   1.00 47.13 ? 32  LYS X O   1 
ATOM   260  C CB  . LYS A 1 32  ? -1.142  10.752  6.843   1.00 47.46 ? 32  LYS X CB  1 
ATOM   261  C CG  . LYS A 1 32  ? -2.114  11.925  6.805   1.00 47.62 ? 32  LYS X CG  1 
ATOM   262  C CD  . LYS A 1 32  ? -2.183  12.628  8.154   1.00 47.81 ? 32  LYS X CD  1 
ATOM   263  C CE  . LYS A 1 32  ? -3.585  12.561  8.745   1.00 48.16 ? 32  LYS X CE  1 
ATOM   264  N NZ  . LYS A 1 32  ? -4.358  13.817  8.502   1.00 48.54 ? 32  LYS X NZ  1 
ATOM   265  N N   . LYS A 1 33  ? 1.434   11.187  5.296   1.00 47.91 ? 33  LYS X N   1 
ATOM   266  C CA  . LYS A 1 33  ? 2.473   12.056  4.752   1.00 47.95 ? 33  LYS X CA  1 
ATOM   267  C C   . LYS A 1 33  ? 2.632   11.832  3.259   1.00 47.97 ? 33  LYS X C   1 
ATOM   268  O O   . LYS A 1 33  ? 2.642   12.779  2.471   1.00 48.33 ? 33  LYS X O   1 
ATOM   269  C CB  . LYS A 1 33  ? 3.807   11.782  5.449   1.00 48.41 ? 33  LYS X CB  1 
ATOM   270  C CG  . LYS A 1 33  ? 4.808   12.919  5.361   1.00 48.48 ? 33  LYS X CG  1 
ATOM   271  C CD  . LYS A 1 33  ? 5.594   13.055  6.655   1.00 48.62 ? 33  LYS X CD  1 
ATOM   272  C CE  . LYS A 1 33  ? 6.523   14.258  6.627   1.00 48.76 ? 33  LYS X CE  1 
ATOM   273  N NZ  . LYS A 1 33  ? 5.890   15.471  7.225   1.00 49.17 ? 33  LYS X NZ  1 
ATOM   274  N N   . LEU A 1 34  ? 2.766   10.570  2.872   1.00 47.62 ? 34  LEU X N   1 
ATOM   275  C CA  . LEU A 1 34  ? 3.210   10.239  1.531   1.00 47.35 ? 34  LEU X CA  1 
ATOM   276  C C   . LEU A 1 34  ? 2.129   10.554  0.499   1.00 47.05 ? 34  LEU X C   1 
ATOM   277  O O   . LEU A 1 34  ? 2.432   11.010  -0.598  1.00 47.09 ? 34  LEU X O   1 
ATOM   278  C CB  . LEU A 1 34  ? 3.611   8.764   1.452   1.00 47.44 ? 34  LEU X CB  1 
ATOM   279  C CG  . LEU A 1 34  ? 5.088   8.488   1.752   1.00 47.40 ? 34  LEU X CG  1 
ATOM   280  C CD1 . LEU A 1 34  ? 5.294   7.045   2.185   1.00 47.18 ? 34  LEU X CD1 1 
ATOM   281  C CD2 . LEU A 1 34  ? 5.948   8.818   0.541   1.00 47.43 ? 34  LEU X CD2 1 
ATOM   282  N N   . SER A 1 35  ? 0.869   10.309  0.852   1.00 46.80 ? 35  SER X N   1 
ATOM   283  C CA  . SER A 1 35  ? -0.178  10.119  -0.152  1.00 46.51 ? 35  SER X CA  1 
ATOM   284  C C   . SER A 1 35  ? -1.163  11.287  -0.176  1.00 46.34 ? 35  SER X C   1 
ATOM   285  O O   . SER A 1 35  ? -1.868  11.488  -1.161  1.00 46.42 ? 35  SER X O   1 
ATOM   286  C CB  . SER A 1 35  ? -0.935  8.812   0.096   1.00 46.04 ? 35  SER X CB  1 
ATOM   287  O OG  . SER A 1 35  ? -1.679  8.865   1.300   1.00 45.34 ? 35  SER X OG  1 
ATOM   288  N N   . THR A 1 36  ? -1.210  12.051  0.909   1.00 46.51 ? 36  THR X N   1 
ATOM   289  C CA  . THR A 1 36  ? -1.983  13.290  0.936   1.00 46.58 ? 36  THR X CA  1 
ATOM   290  C C   . THR A 1 36  ? -1.637  14.169  -0.260  1.00 46.48 ? 36  THR X C   1 
ATOM   291  O O   . THR A 1 36  ? -0.466  14.381  -0.569  1.00 46.25 ? 36  THR X O   1 
ATOM   292  C CB  . THR A 1 36  ? -1.727  14.088  2.223   1.00 46.79 ? 36  THR X CB  1 
ATOM   293  O OG1 . THR A 1 36  ? -2.455  13.499  3.307   1.00 47.21 ? 36  THR X OG1 1 
ATOM   294  C CG2 . THR A 1 36  ? -2.168  15.530  2.050   1.00 46.79 ? 36  THR X CG2 1 
ATOM   295  N N   . GLY A 1 37  ? -2.666  14.666  -0.938  1.00 46.45 ? 37  GLY X N   1 
ATOM   296  C CA  . GLY A 1 37  ? -2.473  15.527  -2.099  1.00 46.29 ? 37  GLY X CA  1 
ATOM   297  C C   . GLY A 1 37  ? -2.236  14.749  -3.376  1.00 46.16 ? 37  GLY X C   1 
ATOM   298  O O   . GLY A 1 37  ? -2.077  15.332  -4.443  1.00 45.81 ? 37  GLY X O   1 
ATOM   299  N N   . HIS A 1 38  ? -2.209  13.424  -3.271  1.00 46.32 ? 38  HIS X N   1 
ATOM   300  C CA  . HIS A 1 38  ? -1.982  12.578  -4.438  1.00 46.26 ? 38  HIS X CA  1 
ATOM   301  C C   . HIS A 1 38  ? -3.103  11.560  -4.598  1.00 46.17 ? 38  HIS X C   1 
ATOM   302  O O   . HIS A 1 38  ? -4.194  11.741  -4.059  1.00 46.45 ? 38  HIS X O   1 
ATOM   303  C CB  . HIS A 1 38  ? -0.629  11.872  -4.331  1.00 46.51 ? 38  HIS X CB  1 
ATOM   304  C CG  . HIS A 1 38  ? 0.510   12.802  -4.053  1.00 46.73 ? 38  HIS X CG  1 
ATOM   305  N ND1 . HIS A 1 38  ? 1.196   13.456  -5.054  1.00 46.82 ? 38  HIS X ND1 1 
ATOM   306  C CD2 . HIS A 1 38  ? 1.072   13.201  -2.888  1.00 46.84 ? 38  HIS X CD2 1 
ATOM   307  C CE1 . HIS A 1 38  ? 2.138   14.212  -4.517  1.00 46.91 ? 38  HIS X CE1 1 
ATOM   308  N NE2 . HIS A 1 38  ? 2.085   14.073  -3.204  1.00 46.90 ? 38  HIS X NE2 1 
ATOM   309  N N   . THR A 1 39  ? -2.825  10.492  -5.341  1.00 45.83 ? 39  THR X N   1 
ATOM   310  C CA  . THR A 1 39  ? -3.845  9.508   -5.687  1.00 45.65 ? 39  THR X CA  1 
ATOM   311  C C   . THR A 1 39  ? -3.522  8.120   -5.127  1.00 45.46 ? 39  THR X C   1 
ATOM   312  O O   . THR A 1 39  ? -2.411  7.607   -5.291  1.00 45.26 ? 39  THR X O   1 
ATOM   313  C CB  . THR A 1 39  ? -4.010  9.403   -7.214  1.00 45.51 ? 39  THR X CB  1 
ATOM   314  O OG1 . THR A 1 39  ? -4.614  10.603  -7.712  1.00 45.26 ? 39  THR X OG1 1 
ATOM   315  C CG2 . THR A 1 39  ? -4.876  8.204   -7.581  1.00 45.41 ? 39  THR X CG2 1 
ATOM   316  N N   . LEU A 1 40  ? -4.511  7.519   -4.474  1.00 45.46 ? 40  LEU X N   1 
ATOM   317  C CA  . LEU A 1 40  ? -4.433  6.129   -4.043  1.00 45.42 ? 40  LEU X CA  1 
ATOM   318  C C   . LEU A 1 40  ? -5.279  5.242   -4.947  1.00 45.39 ? 40  LEU X C   1 
ATOM   319  O O   . LEU A 1 40  ? -6.441  5.540   -5.205  1.00 45.60 ? 40  LEU X O   1 
ATOM   320  C CB  . LEU A 1 40  ? -4.907  5.997   -2.593  1.00 45.46 ? 40  LEU X CB  1 
ATOM   321  C CG  . LEU A 1 40  ? -4.009  6.679   -1.555  1.00 45.62 ? 40  LEU X CG  1 
ATOM   322  C CD1 . LEU A 1 40  ? -4.665  6.694   -0.183  1.00 45.42 ? 40  LEU X CD1 1 
ATOM   323  C CD2 . LEU A 1 40  ? -2.659  5.988   -1.496  1.00 45.35 ? 40  LEU X CD2 1 
ATOM   324  N N   . VAL A 1 41  ? -4.686  4.154   -5.429  1.00 45.32 ? 41  VAL X N   1 
ATOM   325  C CA  . VAL A 1 41  ? -5.438  3.102   -6.105  1.00 45.16 ? 41  VAL X CA  1 
ATOM   326  C C   . VAL A 1 41  ? -5.510  1.842   -5.244  1.00 45.13 ? 41  VAL X C   1 
ATOM   327  O O   . VAL A 1 41  ? -4.502  1.388   -4.703  1.00 45.03 ? 41  VAL X O   1 
ATOM   328  C CB  . VAL A 1 41  ? -4.807  2.739   -7.457  1.00 45.00 ? 41  VAL X CB  1 
ATOM   329  C CG1 . VAL A 1 41  ? -5.579  1.604   -8.115  1.00 44.71 ? 41  VAL X CG1 1 
ATOM   330  C CG2 . VAL A 1 41  ? -4.755  3.957   -8.362  1.00 44.90 ? 41  VAL X CG2 1 
ATOM   331  N N   . MET A 1 42  ? -6.712  1.286   -5.121  1.00 44.88 ? 42  MET X N   1 
ATOM   332  C CA  . MET A 1 42  ? -6.953  0.164   -4.228  1.00 44.96 ? 42  MET X CA  1 
ATOM   333  C C   . MET A 1 42  ? -8.083  -0.721  -4.753  1.00 44.89 ? 42  MET X C   1 
ATOM   334  O O   . MET A 1 42  ? -9.036  -0.233  -5.360  1.00 44.96 ? 42  MET X O   1 
ATOM   335  C CB  . MET A 1 42  ? -7.308  0.675   -2.836  1.00 45.04 ? 42  MET X CB  1 
ATOM   336  C CG  . MET A 1 42  ? -8.691  1.282   -2.745  1.00 45.01 ? 42  MET X CG  1 
ATOM   337  S SD  . MET A 1 42  ? -8.999  2.034   -1.144  1.00 45.23 ? 42  MET X SD  1 
ATOM   338  C CE  . MET A 1 42  ? -8.051  3.550   -1.292  1.00 45.17 ? 42  MET X CE  1 
ATOM   339  N N   . GLY A 1 43  ? -7.974  -2.022  -4.510  1.00 44.83 ? 43  GLY X N   1 
ATOM   340  C CA  . GLY A 1 43  ? -9.041  -2.957  -4.851  1.00 44.68 ? 43  GLY X CA  1 
ATOM   341  C C   . GLY A 1 43  ? -10.233 -2.845  -3.919  1.00 44.44 ? 43  GLY X C   1 
ATOM   342  O O   . GLY A 1 43  ? -10.145 -2.254  -2.844  1.00 44.21 ? 43  GLY X O   1 
ATOM   343  N N   . ARG A 1 44  ? -11.356 -3.418  -4.335  1.00 44.61 ? 44  ARG X N   1 
ATOM   344  C CA  . ARG A 1 44  ? -12.629 -3.186  -3.661  1.00 44.56 ? 44  ARG X CA  1 
ATOM   345  C C   . ARG A 1 44  ? -12.577 -3.627  -2.197  1.00 44.45 ? 44  ARG X C   1 
ATOM   346  O O   . ARG A 1 44  ? -13.024 -2.905  -1.309  1.00 44.25 ? 44  ARG X O   1 
ATOM   347  C CB  . ARG A 1 44  ? -13.753 -3.920  -4.395  1.00 44.72 ? 44  ARG X CB  1 
ATOM   348  C CG  . ARG A 1 44  ? -15.139 -3.655  -3.825  1.00 44.63 ? 44  ARG X CG  1 
ATOM   349  C CD  . ARG A 1 44  ? -15.612 -4.812  -2.958  1.00 44.49 ? 44  ARG X CD  1 
ATOM   350  N NE  . ARG A 1 44  ? -15.452 -6.105  -3.619  1.00 44.28 ? 44  ARG X NE  1 
ATOM   351  C CZ  . ARG A 1 44  ? -15.553 -7.275  -2.996  1.00 44.30 ? 44  ARG X CZ  1 
ATOM   352  N NH1 . ARG A 1 44  ? -15.815 -7.315  -1.696  1.00 44.36 ? 44  ARG X NH1 1 
ATOM   353  N NH2 . ARG A 1 44  ? -15.388 -8.407  -3.670  1.00 44.36 ? 44  ARG X NH2 1 
ATOM   354  N N   . LYS A 1 45  ? -12.028 -4.812  -1.949  1.00 44.60 ? 45  LYS X N   1 
ATOM   355  C CA  . LYS A 1 45  ? -11.981 -5.354  -0.594  1.00 44.94 ? 45  LYS X CA  1 
ATOM   356  C C   . LYS A 1 45  ? -11.215 -4.426  0.343   1.00 44.92 ? 45  LYS X C   1 
ATOM   357  O O   . LYS A 1 45  ? -11.661 -4.144  1.458   1.00 44.62 ? 45  LYS X O   1 
ATOM   358  C CB  . LYS A 1 45  ? -11.334 -6.740  -0.590  1.00 45.18 ? 45  LYS X CB  1 
ATOM   359  C CG  . LYS A 1 45  ? -12.124 -7.796  -1.342  1.00 45.36 ? 45  LYS X CG  1 
ATOM   360  C CD  . LYS A 1 45  ? -11.390 -9.129  -1.354  1.00 45.42 ? 45  LYS X CD  1 
ATOM   361  C CE  . LYS A 1 45  ? -12.339 -10.295 -1.613  1.00 45.66 ? 45  LYS X CE  1 
ATOM   362  N NZ  . LYS A 1 45  ? -11.696 -11.626 -1.365  1.00 45.95 ? 45  LYS X NZ  1 
ATOM   363  N N   . THR A 1 46  ? -10.058 -3.956  -0.110  1.00 44.94 ? 46  THR X N   1 
ATOM   364  C CA  . THR A 1 46  ? -9.289  -2.985  0.655   1.00 45.40 ? 46  THR X CA  1 
ATOM   365  C C   . THR A 1 46  ? -10.106 -1.724  0.932   1.00 45.65 ? 46  THR X C   1 
ATOM   366  O O   . THR A 1 46  ? -10.132 -1.227  2.058   1.00 45.21 ? 46  THR X O   1 
ATOM   367  C CB  . THR A 1 46  ? -7.994  -2.593  -0.075  1.00 45.17 ? 46  THR X CB  1 
ATOM   368  O OG1 . THR A 1 46  ? -7.064  -3.682  -0.013  1.00 44.87 ? 46  THR X OG1 1 
ATOM   369  C CG2 . THR A 1 46  ? -7.374  -1.354  0.567   1.00 45.01 ? 46  THR X CG2 1 
ATOM   370  N N   . PHE A 1 47  ? -10.780 -1.207  -0.089  1.00 46.66 ? 47  PHE X N   1 
ATOM   371  C CA  . PHE A 1 47  ? -11.657 -0.063  0.117   1.00 47.36 ? 47  PHE X CA  1 
ATOM   372  C C   . PHE A 1 47  ? -12.703 -0.379  1.180   1.00 47.79 ? 47  PHE X C   1 
ATOM   373  O O   . PHE A 1 47  ? -13.000 0.452   2.040   1.00 47.33 ? 47  PHE X O   1 
ATOM   374  C CB  . PHE A 1 47  ? -12.356 0.352   -1.178  1.00 47.53 ? 47  PHE X CB  1 
ATOM   375  C CG  . PHE A 1 47  ? -13.357 1.455   -0.981  1.00 47.53 ? 47  PHE X CG  1 
ATOM   376  C CD1 . PHE A 1 47  ? -14.689 1.272   -1.309  1.00 47.70 ? 47  PHE X CD1 1 
ATOM   377  C CD2 . PHE A 1 47  ? -12.967 2.667   -0.435  1.00 47.56 ? 47  PHE X CD2 1 
ATOM   378  C CE1 . PHE A 1 47  ? -15.610 2.287   -1.112  1.00 47.74 ? 47  PHE X CE1 1 
ATOM   379  C CE2 . PHE A 1 47  ? -13.880 3.681   -0.238  1.00 47.70 ? 47  PHE X CE2 1 
ATOM   380  C CZ  . PHE A 1 47  ? -15.203 3.492   -0.573  1.00 47.77 ? 47  PHE X CZ  1 
ATOM   381  N N   . GLU A 1 48  ? -13.259 -1.584  1.116   1.00 48.58 ? 48  GLU X N   1 
ATOM   382  C CA  . GLU A 1 48  ? -14.295 -1.992  2.059   1.00 49.57 ? 48  GLU X CA  1 
ATOM   383  C C   . GLU A 1 48  ? -13.725 -2.098  3.461   1.00 50.13 ? 48  GLU X C   1 
ATOM   384  O O   . GLU A 1 48  ? -14.427 -1.875  4.445   1.00 50.28 ? 48  GLU X O   1 
ATOM   385  C CB  . GLU A 1 48  ? -14.896 -3.335  1.651   1.00 50.27 ? 48  GLU X CB  1 
ATOM   386  C CG  . GLU A 1 48  ? -16.246 -3.218  0.979   1.00 50.83 ? 48  GLU X CG  1 
ATOM   387  C CD  . GLU A 1 48  ? -16.333 -4.056  -0.274  1.00 51.35 ? 48  GLU X CD  1 
ATOM   388  O OE1 . GLU A 1 48  ? -16.486 -3.464  -1.365  1.00 51.67 ? 48  GLU X OE1 1 
ATOM   389  O OE2 . GLU A 1 48  ? -16.238 -5.302  -0.169  1.00 51.70 ? 48  GLU X OE2 1 
ATOM   390  N N   . SER A 1 49  ? -12.445 -2.438  3.549   1.00 50.80 ? 49  SER X N   1 
ATOM   391  C CA  . SER A 1 49  ? -11.779 -2.537  4.835   1.00 51.17 ? 49  SER X CA  1 
ATOM   392  C C   . SER A 1 49  ? -11.623 -1.159  5.458   1.00 51.55 ? 49  SER X C   1 
ATOM   393  O O   . SER A 1 49  ? -11.877 -0.981  6.646   1.00 51.89 ? 49  SER X O   1 
ATOM   394  C CB  . SER A 1 49  ? -10.414 -3.207  4.679   1.00 51.38 ? 49  SER X CB  1 
ATOM   395  O OG  . SER A 1 49  ? -10.526 -4.385  3.898   1.00 51.79 ? 49  SER X OG  1 
ATOM   396  N N   . ILE A 1 50  ? -11.208 -0.183  4.657   1.00 52.17 ? 50  ILE X N   1 
ATOM   397  C CA  . ILE A 1 50  ? -10.980 1.162   5.171   1.00 52.55 ? 50  ILE X CA  1 
ATOM   398  C C   . ILE A 1 50  ? -12.307 1.871   5.424   1.00 52.93 ? 50  ILE X C   1 
ATOM   399  O O   . ILE A 1 50  ? -12.413 2.693   6.334   1.00 53.34 ? 50  ILE X O   1 
ATOM   400  C CB  . ILE A 1 50  ? -10.119 2.016   4.215   1.00 52.61 ? 50  ILE X CB  1 
ATOM   401  C CG1 . ILE A 1 50  ? -10.911 2.380   2.960   1.00 52.76 ? 50  ILE X CG1 1 
ATOM   402  C CG2 . ILE A 1 50  ? -8.841  1.279   3.843   1.00 52.66 ? 50  ILE X CG2 1 
ATOM   403  C CD1 . ILE A 1 50  ? -10.262 3.463   2.122   1.00 52.69 ? 50  ILE X CD1 1 
ATOM   404  N N   . GLY A 1 51  ? -13.317 1.544   4.624   1.00 53.07 ? 51  GLY X N   1 
ATOM   405  C CA  . GLY A 1 51  ? -14.699 1.887   4.954   1.00 53.42 ? 51  GLY X CA  1 
ATOM   406  C C   . GLY A 1 51  ? -15.201 3.102   4.191   1.00 53.75 ? 51  GLY X C   1 
ATOM   407  O O   . GLY A 1 51  ? -16.314 3.103   3.664   1.00 53.91 ? 51  GLY X O   1 
ATOM   408  N N   . LYS A 1 52  ? -14.377 4.140   4.130   1.00 53.83 ? 52  LYS X N   1 
ATOM   409  C CA  . LYS A 1 52  ? -14.667 5.294   3.291   1.00 53.90 ? 52  LYS X CA  1 
ATOM   410  C C   . LYS A 1 52  ? -13.378 5.849   2.702   1.00 53.85 ? 52  LYS X C   1 
ATOM   411  O O   . LYS A 1 52  ? -12.290 5.398   3.053   1.00 53.80 ? 52  LYS X O   1 
ATOM   412  C CB  . LYS A 1 52  ? -15.355 6.380   4.110   1.00 54.26 ? 52  LYS X CB  1 
ATOM   413  C CG  . LYS A 1 52  ? -14.385 7.331   4.785   1.00 54.57 ? 52  LYS X CG  1 
ATOM   414  C CD  . LYS A 1 52  ? -14.236 7.020   6.264   1.00 54.84 ? 52  LYS X CD  1 
ATOM   415  C CE  . LYS A 1 52  ? -14.483 8.259   7.114   1.00 55.07 ? 52  LYS X CE  1 
ATOM   416  N NZ  . LYS A 1 52  ? -15.720 8.137   7.937   1.00 55.20 ? 52  LYS X NZ  1 
ATOM   417  N N   . PRO A 1 53  ? -13.498 6.839   1.808   1.00 53.61 ? 53  PRO X N   1 
ATOM   418  C CA  . PRO A 1 53  ? -12.320 7.416   1.173   1.00 53.55 ? 53  PRO X CA  1 
ATOM   419  C C   . PRO A 1 53  ? -11.424 8.087   2.205   1.00 53.35 ? 53  PRO X C   1 
ATOM   420  O O   . PRO A 1 53  ? -11.902 8.507   3.256   1.00 53.76 ? 53  PRO X O   1 
ATOM   421  C CB  . PRO A 1 53  ? -12.904 8.453   0.202   1.00 53.69 ? 53  PRO X CB  1 
ATOM   422  C CG  . PRO A 1 53  ? -14.357 8.116   0.072   1.00 53.68 ? 53  PRO X CG  1 
ATOM   423  C CD  . PRO A 1 53  ? -14.746 7.480   1.361   1.00 53.68 ? 53  PRO X CD  1 
ATOM   424  N N   . LEU A 1 54  ? -10.132 8.175   1.912   1.00 53.09 ? 54  LEU X N   1 
ATOM   425  C CA  . LEU A 1 54  ? -9.220  8.938   2.749   1.00 52.63 ? 54  LEU X CA  1 
ATOM   426  C C   . LEU A 1 54  ? -9.254  10.402  2.330   1.00 52.24 ? 54  LEU X C   1 
ATOM   427  O O   . LEU A 1 54  ? -9.127  10.710  1.147   1.00 52.15 ? 54  LEU X O   1 
ATOM   428  C CB  . LEU A 1 54  ? -7.796  8.389   2.635   1.00 52.63 ? 54  LEU X CB  1 
ATOM   429  C CG  . LEU A 1 54  ? -7.620  6.884   2.868   1.00 52.60 ? 54  LEU X CG  1 
ATOM   430  C CD1 . LEU A 1 54  ? -6.170  6.567   3.177   1.00 52.67 ? 54  LEU X CD1 1 
ATOM   431  C CD2 . LEU A 1 54  ? -8.520  6.388   3.982   1.00 52.66 ? 54  LEU X CD2 1 
ATOM   432  N N   . PRO A 1 55  ? -9.439  11.305  3.302   1.00 51.85 ? 55  PRO X N   1 
ATOM   433  C CA  . PRO A 1 55  ? -9.487  12.749  3.061   1.00 51.59 ? 55  PRO X CA  1 
ATOM   434  C C   . PRO A 1 55  ? -8.277  13.265  2.285   1.00 51.24 ? 55  PRO X C   1 
ATOM   435  O O   . PRO A 1 55  ? -7.175  12.735  2.424   1.00 50.98 ? 55  PRO X O   1 
ATOM   436  C CB  . PRO A 1 55  ? -9.502  13.343  4.473   1.00 51.77 ? 55  PRO X CB  1 
ATOM   437  C CG  . PRO A 1 55  ? -10.070 12.265  5.339   1.00 51.94 ? 55  PRO X CG  1 
ATOM   438  C CD  . PRO A 1 55  ? -9.630  10.968  4.724   1.00 51.95 ? 55  PRO X CD  1 
ATOM   439  N N   . ASN A 1 56  ? -8.486  14.301  1.480   1.00 50.80 ? 56  ASN X N   1 
ATOM   440  C CA  . ASN A 1 56  ? -7.404  15.195  1.091   1.00 50.51 ? 56  ASN X CA  1 
ATOM   441  C C   . ASN A 1 56  ? -6.496  14.535  0.064   1.00 50.32 ? 56  ASN X C   1 
ATOM   442  O O   . ASN A 1 56  ? -5.366  14.977  -0.158  1.00 50.66 ? 56  ASN X O   1 
ATOM   443  C CB  . ASN A 1 56  ? -6.582  15.602  2.316   1.00 50.67 ? 56  ASN X CB  1 
ATOM   444  C CG  . ASN A 1 56  ? -7.418  16.294  3.381   1.00 50.92 ? 56  ASN X CG  1 
ATOM   445  O OD1 . ASN A 1 56  ? -7.095  16.238  4.569   1.00 51.15 ? 56  ASN X OD1 1 
ATOM   446  N ND2 . ASN A 1 56  ? -8.496  16.950  2.962   1.00 50.90 ? 56  ASN X ND2 1 
ATOM   447  N N   . ARG A 1 57  ? -6.998  13.468  -0.554  1.00 49.74 ? 57  ARG X N   1 
ATOM   448  C CA  . ARG A 1 57  ? -6.366  12.880  -1.727  1.00 49.16 ? 57  ARG X CA  1 
ATOM   449  C C   . ARG A 1 57  ? -7.409  12.210  -2.613  1.00 48.68 ? 57  ARG X C   1 
ATOM   450  O O   . ARG A 1 57  ? -8.546  11.989  -2.189  1.00 48.35 ? 57  ARG X O   1 
ATOM   451  C CB  . ARG A 1 57  ? -5.309  11.858  -1.305  1.00 49.19 ? 57  ARG X CB  1 
ATOM   452  C CG  . ARG A 1 57  ? -5.883  10.585  -0.705  1.00 49.07 ? 57  ARG X CG  1 
ATOM   453  C CD  . ARG A 1 57  ? -5.037  10.097  0.452   1.00 49.14 ? 57  ARG X CD  1 
ATOM   454  N NE  . ARG A 1 57  ? -5.256  10.885  1.662   1.00 49.10 ? 57  ARG X NE  1 
ATOM   455  C CZ  . ARG A 1 57  ? -4.917  10.484  2.883   1.00 49.12 ? 57  ARG X CZ  1 
ATOM   456  N NH1 . ARG A 1 57  ? -4.338  9.306   3.061   1.00 49.23 ? 57  ARG X NH1 1 
ATOM   457  N NH2 . ARG A 1 57  ? -5.156  11.259  3.930   1.00 49.35 ? 57  ARG X NH2 1 
ATOM   458  N N   . ARG A 1 58  ? -7.019  11.888  -3.843  1.00 48.14 ? 58  ARG X N   1 
ATOM   459  C CA  . ARG A 1 58  ? -7.904  11.186  -4.764  1.00 48.02 ? 58  ARG X CA  1 
ATOM   460  C C   . ARG A 1 58  ? -7.927  9.683   -4.479  1.00 47.83 ? 58  ARG X C   1 
ATOM   461  O O   . ARG A 1 58  ? -6.887  9.021   -4.469  1.00 47.66 ? 58  ARG X O   1 
ATOM   462  C CB  . ARG A 1 58  ? -7.471  11.428  -6.206  1.00 48.14 ? 58  ARG X CB  1 
ATOM   463  C CG  . ARG A 1 58  ? -8.263  10.634  -7.229  1.00 48.14 ? 58  ARG X CG  1 
ATOM   464  C CD  . ARG A 1 58  ? -7.839  10.985  -8.647  1.00 48.32 ? 58  ARG X CD  1 
ATOM   465  N NE  . ARG A 1 58  ? -8.739  10.415  -9.643  1.00 48.48 ? 58  ARG X NE  1 
ATOM   466  C CZ  . ARG A 1 58  ? -8.598  10.579  -10.954 1.00 48.60 ? 58  ARG X CZ  1 
ATOM   467  N NH1 . ARG A 1 58  ? -7.592  11.296  -11.430 1.00 48.73 ? 58  ARG X NH1 1 
ATOM   468  N NH2 . ARG A 1 58  ? -9.464  10.027  -11.791 1.00 48.62 ? 58  ARG X NH2 1 
ATOM   469  N N   . ASN A 1 59  ? -9.128  9.158   -4.245  1.00 47.55 ? 59  ASN X N   1 
ATOM   470  C CA  . ASN A 1 59  ? -9.318  7.743   -3.976  1.00 47.31 ? 59  ASN X CA  1 
ATOM   471  C C   . ASN A 1 59  ? -9.887  7.030   -5.187  1.00 47.11 ? 59  ASN X C   1 
ATOM   472  O O   . ASN A 1 59  ? -10.983 7.345   -5.640  1.00 47.07 ? 59  ASN X O   1 
ATOM   473  C CB  . ASN A 1 59  ? -10.267 7.556   -2.796  1.00 47.08 ? 59  ASN X CB  1 
ATOM   474  C CG  . ASN A 1 59  ? -9.660  7.996   -1.489  1.00 47.12 ? 59  ASN X CG  1 
ATOM   475  O OD1 . ASN A 1 59  ? -9.350  7.173   -0.625  1.00 47.12 ? 59  ASN X OD1 1 
ATOM   476  N ND2 . ASN A 1 59  ? -9.489  9.305   -1.329  1.00 46.85 ? 59  ASN X ND2 1 
ATOM   477  N N   . VAL A 1 60  ? -9.143  6.060   -5.706  1.00 46.95 ? 60  VAL X N   1 
ATOM   478  C CA  . VAL A 1 60  ? -9.615  5.261   -6.825  1.00 46.79 ? 60  VAL X CA  1 
ATOM   479  C C   . VAL A 1 60  ? -9.755  3.799   -6.422  1.00 46.79 ? 60  VAL X C   1 
ATOM   480  O O   . VAL A 1 60  ? -8.825  3.196   -5.884  1.00 46.65 ? 60  VAL X O   1 
ATOM   481  C CB  . VAL A 1 60  ? -8.668  5.373   -8.025  1.00 46.48 ? 60  VAL X CB  1 
ATOM   482  C CG1 . VAL A 1 60  ? -9.133  4.477   -9.154  1.00 46.50 ? 60  VAL X CG1 1 
ATOM   483  C CG2 . VAL A 1 60  ? -8.572  6.825   -8.483  1.00 46.42 ? 60  VAL X CG2 1 
ATOM   484  N N   . VAL A 1 61  ? -10.931 3.234   -6.676  1.00 46.83 ? 61  VAL X N   1 
ATOM   485  C CA  . VAL A 1 61  ? -11.169 1.826   -6.395  1.00 46.89 ? 61  VAL X CA  1 
ATOM   486  C C   . VAL A 1 61  ? -11.290 1.031   -7.688  1.00 47.09 ? 61  VAL X C   1 
ATOM   487  O O   . VAL A 1 61  ? -12.076 1.373   -8.574  1.00 46.78 ? 61  VAL X O   1 
ATOM   488  C CB  . VAL A 1 61  ? -12.438 1.620   -5.554  1.00 46.72 ? 61  VAL X CB  1 
ATOM   489  C CG1 . VAL A 1 61  ? -12.830 0.156   -5.543  1.00 46.73 ? 61  VAL X CG1 1 
ATOM   490  C CG2 . VAL A 1 61  ? -12.219 2.125   -4.138  1.00 46.83 ? 61  VAL X CG2 1 
ATOM   491  N N   . LEU A 1 62  ? -10.496 -0.030  -7.786  1.00 47.23 ? 62  LEU X N   1 
ATOM   492  C CA  . LEU A 1 62  ? -10.582 -0.963  -8.895  1.00 47.36 ? 62  LEU X CA  1 
ATOM   493  C C   . LEU A 1 62  ? -11.520 -2.114  -8.548  1.00 47.43 ? 62  LEU X C   1 
ATOM   494  O O   . LEU A 1 62  ? -11.295 -2.845  -7.582  1.00 47.21 ? 62  LEU X O   1 
ATOM   495  C CB  . LEU A 1 62  ? -9.188  -1.498  -9.238  1.00 47.40 ? 62  LEU X CB  1 
ATOM   496  C CG  . LEU A 1 62  ? -9.131  -2.782  -10.064 1.00 47.39 ? 62  LEU X CG  1 
ATOM   497  C CD1 . LEU A 1 62  ? -9.531  -2.513  -11.513 1.00 47.29 ? 62  LEU X CD1 1 
ATOM   498  C CD2 . LEU A 1 62  ? -7.736  -3.384  -9.986  1.00 47.35 ? 62  LEU X CD2 1 
ATOM   499  N N   . THR A 1 63  ? -12.578 -2.265  -9.337  1.00 47.74 ? 63  THR X N   1 
ATOM   500  C CA  . THR A 1 63  ? -13.590 -3.274  -9.072  1.00 48.14 ? 63  THR X CA  1 
ATOM   501  C C   . THR A 1 63  ? -14.233 -3.729  -10.372 1.00 48.51 ? 63  THR X C   1 
ATOM   502  O O   . THR A 1 63  ? -14.241 -2.996  -11.359 1.00 48.96 ? 63  THR X O   1 
ATOM   503  C CB  . THR A 1 63  ? -14.683 -2.742  -8.118  1.00 47.94 ? 63  THR X CB  1 
ATOM   504  O OG1 . THR A 1 63  ? -15.658 -3.765  -7.891  1.00 47.79 ? 63  THR X OG1 1 
ATOM   505  C CG2 . THR A 1 63  ? -15.360 -1.513  -8.706  1.00 47.94 ? 63  THR X CG2 1 
ATOM   506  N N   . SER A 1 64  ? -14.765 -4.947  -10.374 1.00 48.95 ? 64  SER X N   1 
ATOM   507  C CA  . SER A 1 64  ? -15.532 -5.432  -11.511 1.00 49.25 ? 64  SER X CA  1 
ATOM   508  C C   . SER A 1 64  ? -16.965 -4.912  -11.452 1.00 49.55 ? 64  SER X C   1 
ATOM   509  O O   . SER A 1 64  ? -17.674 -4.915  -12.454 1.00 49.85 ? 64  SER X O   1 
ATOM   510  C CB  . SER A 1 64  ? -15.511 -6.961  -11.563 1.00 49.12 ? 64  SER X CB  1 
ATOM   511  O OG  . SER A 1 64  ? -16.457 -7.522  -10.673 1.00 49.05 ? 64  SER X OG  1 
ATOM   512  N N   . ASP A 1 65  ? -17.381 -4.448  -10.276 1.00 49.98 ? 65  ASP X N   1 
ATOM   513  C CA  . ASP A 1 65  ? -18.777 -4.088  -10.043 1.00 50.21 ? 65  ASP X CA  1 
ATOM   514  C C   . ASP A 1 65  ? -19.128 -2.770  -10.729 1.00 50.53 ? 65  ASP X C   1 
ATOM   515  O O   . ASP A 1 65  ? -18.676 -1.701  -10.321 1.00 50.67 ? 65  ASP X O   1 
ATOM   516  C CB  . ASP A 1 65  ? -19.053 -3.986  -8.542  1.00 50.33 ? 65  ASP X CB  1 
ATOM   517  C CG  . ASP A 1 65  ? -20.514 -3.727  -8.232  1.00 50.37 ? 65  ASP X CG  1 
ATOM   518  O OD1 . ASP A 1 65  ? -20.873 -3.685  -7.034  1.00 50.60 ? 65  ASP X OD1 1 
ATOM   519  O OD2 . ASP A 1 65  ? -21.305 -3.560  -9.185  1.00 50.60 ? 65  ASP X OD2 1 
ATOM   520  N N   . THR A 1 66  ? -19.942 -2.852  -11.773 1.00 50.87 ? 66  THR X N   1 
ATOM   521  C CA  . THR A 1 66  ? -20.353 -1.668  -12.514 1.00 51.22 ? 66  THR X CA  1 
ATOM   522  C C   . THR A 1 66  ? -21.463 -0.905  -11.785 1.00 51.36 ? 66  THR X C   1 
ATOM   523  O O   . THR A 1 66  ? -21.800 0.218   -12.156 1.00 51.36 ? 66  THR X O   1 
ATOM   524  C CB  . THR A 1 66  ? -20.858 -2.048  -13.909 1.00 51.29 ? 66  THR X CB  1 
ATOM   525  O OG1 . THR A 1 66  ? -21.992 -2.915  -13.782 1.00 51.67 ? 66  THR X OG1 1 
ATOM   526  C CG2 . THR A 1 66  ? -19.767 -2.756  -14.699 1.00 51.26 ? 66  THR X CG2 1 
ATOM   527  N N   . SER A 1 67  ? -22.024 -1.525  -10.752 1.00 51.66 ? 67  SER X N   1 
ATOM   528  C CA  . SER A 1 67  ? -22.986 -0.860  -9.877  1.00 51.82 ? 67  SER X CA  1 
ATOM   529  C C   . SER A 1 67  ? -22.281 0.105   -8.933  1.00 51.99 ? 67  SER X C   1 
ATOM   530  O O   . SER A 1 67  ? -22.920 0.930   -8.280  1.00 51.80 ? 67  SER X O   1 
ATOM   531  C CB  . SER A 1 67  ? -23.757 -1.900  -9.062  1.00 51.92 ? 67  SER X CB  1 
ATOM   532  O OG  . SER A 1 67  ? -25.157 -1.744  -9.216  1.00 51.92 ? 67  SER X OG  1 
ATOM   533  N N   . PHE A 1 68  ? -20.960 -0.012  -8.855  1.00 52.26 ? 68  PHE X N   1 
ATOM   534  C CA  . PHE A 1 68  ? -20.190 0.688   -7.839  1.00 52.46 ? 68  PHE X CA  1 
ATOM   535  C C   . PHE A 1 68  ? -20.131 2.178   -8.153  1.00 52.62 ? 68  PHE X C   1 
ATOM   536  O O   . PHE A 1 68  ? -19.631 2.583   -9.200  1.00 52.47 ? 68  PHE X O   1 
ATOM   537  C CB  . PHE A 1 68  ? -18.774 0.115   -7.758  1.00 52.46 ? 68  PHE X CB  1 
ATOM   538  C CG  . PHE A 1 68  ? -17.939 0.717   -6.669  1.00 52.36 ? 68  PHE X CG  1 
ATOM   539  C CD1 . PHE A 1 68  ? -17.742 0.042   -5.480  1.00 52.44 ? 68  PHE X CD1 1 
ATOM   540  C CD2 . PHE A 1 68  ? -17.352 1.960   -6.835  1.00 52.48 ? 68  PHE X CD2 1 
ATOM   541  C CE1 . PHE A 1 68  ? -16.974 0.593   -4.476  1.00 52.40 ? 68  PHE X CE1 1 
ATOM   542  C CE2 . PHE A 1 68  ? -16.582 2.515   -5.833  1.00 52.50 ? 68  PHE X CE2 1 
ATOM   543  C CZ  . PHE A 1 68  ? -16.395 1.829   -4.652  1.00 52.45 ? 68  PHE X CZ  1 
ATOM   544  N N   . ASN A 1 69  ? -20.646 2.994   -7.243  1.00 53.13 ? 69  ASN X N   1 
ATOM   545  C CA  . ASN A 1 69  ? -20.585 4.436   -7.412  1.00 53.74 ? 69  ASN X CA  1 
ATOM   546  C C   . ASN A 1 69  ? -20.708 5.164   -6.080  1.00 54.08 ? 69  ASN X C   1 
ATOM   547  O O   . ASN A 1 69  ? -21.809 5.306   -5.538  1.00 54.39 ? 69  ASN X O   1 
ATOM   548  C CB  . ASN A 1 69  ? -21.683 4.900   -8.368  1.00 54.10 ? 69  ASN X CB  1 
ATOM   549  C CG  . ASN A 1 69  ? -22.134 6.318   -8.091  1.00 54.41 ? 69  ASN X CG  1 
ATOM   550  O OD1 . ASN A 1 69  ? -22.250 7.133   -9.007  1.00 54.83 ? 69  ASN X OD1 1 
ATOM   551  N ND2 . ASN A 1 69  ? -22.403 6.618   -6.824  1.00 54.45 ? 69  ASN X ND2 1 
ATOM   552  N N   . VAL A 1 70  ? -19.573 5.623   -5.560  1.00 54.15 ? 70  VAL X N   1 
ATOM   553  C CA  . VAL A 1 70  ? -19.461 5.970   -4.150  1.00 54.33 ? 70  VAL X CA  1 
ATOM   554  C C   . VAL A 1 70  ? -19.020 7.423   -3.988  1.00 54.58 ? 70  VAL X C   1 
ATOM   555  O O   . VAL A 1 70  ? -18.135 7.901   -4.697  1.00 54.45 ? 70  VAL X O   1 
ATOM   556  C CB  . VAL A 1 70  ? -18.466 5.043   -3.427  1.00 54.23 ? 70  VAL X CB  1 
ATOM   557  C CG1 . VAL A 1 70  ? -18.409 5.366   -1.942  1.00 54.08 ? 70  VAL X CG1 1 
ATOM   558  C CG2 . VAL A 1 70  ? -18.852 3.586   -3.640  1.00 54.04 ? 70  VAL X CG2 1 
ATOM   559  N N   . GLU A 1 71  ? -19.653 8.126   -3.057  1.00 55.18 ? 71  GLU X N   1 
ATOM   560  C CA  . GLU A 1 71  ? -19.338 9.529   -2.818  1.00 55.38 ? 71  GLU X CA  1 
ATOM   561  C C   . GLU A 1 71  ? -17.879 9.692   -2.403  1.00 55.40 ? 71  GLU X C   1 
ATOM   562  O O   . GLU A 1 71  ? -17.484 9.280   -1.311  1.00 55.52 ? 71  GLU X O   1 
ATOM   563  C CB  . GLU A 1 71  ? -20.251 10.098  -1.731  1.00 56.08 ? 71  GLU X CB  1 
ATOM   564  C CG  . GLU A 1 71  ? -21.426 10.898  -2.266  1.00 56.61 ? 71  GLU X CG  1 
ATOM   565  C CD  . GLU A 1 71  ? -21.228 11.329  -3.704  1.00 57.03 ? 71  GLU X CD  1 
ATOM   566  O OE1 . GLU A 1 71  ? -22.054 10.942  -4.565  1.00 57.42 ? 71  GLU X OE1 1 
ATOM   567  O OE2 . GLU A 1 71  ? -20.245 12.055  -3.972  1.00 57.31 ? 71  GLU X OE2 1 
ATOM   568  N N   . GLY A 1 72  ? -17.084 10.295  -3.282  1.00 55.17 ? 72  GLY X N   1 
ATOM   569  C CA  . GLY A 1 72  ? -15.708 10.653  -2.957  1.00 55.16 ? 72  GLY X CA  1 
ATOM   570  C C   . GLY A 1 72  ? -14.712 9.729   -3.631  1.00 55.10 ? 72  GLY X C   1 
ATOM   571  O O   . GLY A 1 72  ? -13.504 9.854   -3.439  1.00 55.21 ? 72  GLY X O   1 
ATOM   572  N N   . VAL A 1 73  ? -15.224 8.791   -4.420  1.00 54.80 ? 73  VAL X N   1 
ATOM   573  C CA  . VAL A 1 73  ? -14.398 7.731   -4.969  1.00 54.74 ? 73  VAL X CA  1 
ATOM   574  C C   . VAL A 1 73  ? -14.514 7.728   -6.481  1.00 54.73 ? 73  VAL X C   1 
ATOM   575  O O   . VAL A 1 73  ? -15.605 7.867   -7.027  1.00 54.76 ? 73  VAL X O   1 
ATOM   576  C CB  . VAL A 1 73  ? -14.814 6.354   -4.428  1.00 54.41 ? 73  VAL X CB  1 
ATOM   577  C CG1 . VAL A 1 73  ? -14.108 5.248   -5.193  1.00 54.34 ? 73  VAL X CG1 1 
ATOM   578  C CG2 . VAL A 1 73  ? -14.516 6.260   -2.947  1.00 54.44 ? 73  VAL X CG2 1 
ATOM   579  N N   . ASP A 1 74  ? -13.382 7.575   -7.155  1.00 54.81 ? 74  ASP X N   1 
ATOM   580  C CA  . ASP A 1 74  ? -13.378 7.311   -8.582  1.00 55.01 ? 74  ASP X CA  1 
ATOM   581  C C   . ASP A 1 74  ? -13.237 5.821   -8.838  1.00 54.95 ? 74  ASP X C   1 
ATOM   582  O O   . ASP A 1 74  ? -12.399 5.153   -8.232  1.00 54.71 ? 74  ASP X O   1 
ATOM   583  C CB  . ASP A 1 74  ? -12.233 8.063   -9.263  1.00 55.39 ? 74  ASP X CB  1 
ATOM   584  C CG  . ASP A 1 74  ? -12.301 9.552   -9.029  1.00 55.71 ? 74  ASP X CG  1 
ATOM   585  O OD1 . ASP A 1 74  ? -11.302 10.243  -9.316  1.00 56.10 ? 74  ASP X OD1 1 
ATOM   586  O OD2 . ASP A 1 74  ? -13.355 10.034  -8.559  1.00 56.10 ? 74  ASP X OD2 1 
ATOM   587  N N   . VAL A 1 75  ? -14.061 5.307   -9.742  1.00 54.92 ? 75  VAL X N   1 
ATOM   588  C CA  . VAL A 1 75  ? -14.037 3.894   -10.076 1.00 54.97 ? 75  VAL X CA  1 
ATOM   589  C C   . VAL A 1 75  ? -13.267 3.680   -11.367 1.00 54.95 ? 75  VAL X C   1 
ATOM   590  O O   . VAL A 1 75  ? -13.422 4.432   -12.331 1.00 55.06 ? 75  VAL X O   1 
ATOM   591  C CB  . VAL A 1 75  ? -15.461 3.332   -10.236 1.00 55.04 ? 75  VAL X CB  1 
ATOM   592  C CG1 . VAL A 1 75  ? -15.561 2.500   -11.501 1.00 55.04 ? 75  VAL X CG1 1 
ATOM   593  C CG2 . VAL A 1 75  ? -15.841 2.511   -9.016  1.00 54.91 ? 75  VAL X CG2 1 
ATOM   594  N N   . ILE A 1 76  ? -12.429 2.650   -11.379 1.00 54.99 ? 76  ILE X N   1 
ATOM   595  C CA  . ILE A 1 76  ? -11.948 2.069   -12.621 1.00 55.00 ? 76  ILE X CA  1 
ATOM   596  C C   . ILE A 1 76  ? -12.140 0.561   -12.586 1.00 55.00 ? 76  ILE X C   1 
ATOM   597  O O   . ILE A 1 76  ? -12.393 -0.015  -11.530 1.00 54.87 ? 76  ILE X O   1 
ATOM   598  C CB  . ILE A 1 76  ? -10.461 2.387   -12.848 1.00 55.02 ? 76  ILE X CB  1 
ATOM   599  C CG1 . ILE A 1 76  ? -9.592  1.630   -11.840 1.00 54.96 ? 76  ILE X CG1 1 
ATOM   600  C CG2 . ILE A 1 76  ? -10.214 3.888   -12.731 1.00 54.90 ? 76  ILE X CG2 1 
ATOM   601  C CD1 . ILE A 1 76  ? -8.180  2.166   -11.731 1.00 54.89 ? 76  ILE X CD1 1 
ATOM   602  N N   . HIS A 1 77  ? -12.018 -0.074  -13.746 1.00 55.27 ? 77  HIS X N   1 
ATOM   603  C CA  . HIS A 1 77  ? -12.514 -1.430  -13.929 1.00 55.40 ? 77  HIS X CA  1 
ATOM   604  C C   . HIS A 1 77  ? -11.459 -2.301  -14.598 1.00 55.39 ? 77  HIS X C   1 
ATOM   605  O O   . HIS A 1 77  ? -11.658 -3.500  -14.781 1.00 55.13 ? 77  HIS X O   1 
ATOM   606  C CB  . HIS A 1 77  ? -13.795 -1.415  -14.767 1.00 55.65 ? 77  HIS X CB  1 
ATOM   607  C CG  . HIS A 1 77  ? -14.981 -0.849  -14.048 1.00 55.83 ? 77  HIS X CG  1 
ATOM   608  N ND1 . HIS A 1 77  ? -15.388 -1.305  -12.812 1.00 55.88 ? 77  HIS X ND1 1 
ATOM   609  C CD2 . HIS A 1 77  ? -15.841 0.138   -14.387 1.00 55.86 ? 77  HIS X CD2 1 
ATOM   610  C CE1 . HIS A 1 77  ? -16.452 -0.626  -12.424 1.00 55.85 ? 77  HIS X CE1 1 
ATOM   611  N NE2 . HIS A 1 77  ? -16.746 0.258   -13.360 1.00 55.84 ? 77  HIS X NE2 1 
ATOM   612  N N   . SER A 1 78  ? -10.334 -1.689  -14.958 1.00 55.59 ? 78  SER X N   1 
ATOM   613  C CA  . SER A 1 78  ? -9.184  -2.430  -15.461 1.00 55.76 ? 78  SER X CA  1 
ATOM   614  C C   . SER A 1 78  ? -7.884  -1.913  -14.853 1.00 55.62 ? 78  SER X C   1 
ATOM   615  O O   . SER A 1 78  ? -7.787  -0.747  -14.470 1.00 55.38 ? 78  SER X O   1 
ATOM   616  C CB  . SER A 1 78  ? -9.114  -2.328  -16.983 1.00 56.06 ? 78  SER X CB  1 
ATOM   617  O OG  . SER A 1 78  ? -8.346  -1.203  -17.376 1.00 56.73 ? 78  SER X OG  1 
ATOM   618  N N   . ILE A 1 79  ? -6.888  -2.790  -14.773 1.00 55.68 ? 79  ILE X N   1 
ATOM   619  C CA  . ILE A 1 79  ? -5.524  -2.380  -14.455 1.00 55.76 ? 79  ILE X CA  1 
ATOM   620  C C   . ILE A 1 79  ? -5.053  -1.272  -15.385 1.00 55.79 ? 79  ILE X C   1 
ATOM   621  O O   . ILE A 1 79  ? -4.411  -0.316  -14.948 1.00 55.75 ? 79  ILE X O   1 
ATOM   622  C CB  . ILE A 1 79  ? -4.540  -3.558  -14.568 1.00 55.71 ? 79  ILE X CB  1 
ATOM   623  C CG1 . ILE A 1 79  ? -4.795  -4.572  -13.452 1.00 55.65 ? 79  ILE X CG1 1 
ATOM   624  C CG2 . ILE A 1 79  ? -3.104  -3.056  -14.503 1.00 55.70 ? 79  ILE X CG2 1 
ATOM   625  C CD1 . ILE A 1 79  ? -4.227  -4.155  -12.114 1.00 55.69 ? 79  ILE X CD1 1 
ATOM   626  N N   . GLU A 1 80  ? -5.377  -1.407  -16.668 1.00 55.95 ? 80  GLU X N   1 
ATOM   627  C CA  . GLU A 1 80  ? -4.878  -0.493  -17.692 1.00 56.07 ? 80  GLU X CA  1 
ATOM   628  C C   . GLU A 1 80  ? -5.311  0.943   -17.409 1.00 55.86 ? 80  GLU X C   1 
ATOM   629  O O   . GLU A 1 80  ? -4.687  1.896   -17.878 1.00 55.58 ? 80  GLU X O   1 
ATOM   630  C CB  . GLU A 1 80  ? -5.382  -0.920  -19.071 1.00 56.61 ? 80  GLU X CB  1 
ATOM   631  C CG  . GLU A 1 80  ? -4.682  -2.143  -19.629 1.00 57.20 ? 80  GLU X CG  1 
ATOM   632  C CD  . GLU A 1 80  ? -3.224  -1.880  -19.956 1.00 57.81 ? 80  GLU X CD  1 
ATOM   633  O OE1 . GLU A 1 80  ? -2.375  -2.738  -19.625 1.00 58.19 ? 80  GLU X OE1 1 
ATOM   634  O OE2 . GLU A 1 80  ? -2.927  -0.811  -20.540 1.00 58.23 ? 80  GLU X OE2 1 
ATOM   635  N N   . ASP A 1 81  ? -6.382  1.093   -16.640 1.00 55.69 ? 81  ASP X N   1 
ATOM   636  C CA  . ASP A 1 81  ? -6.907  2.411   -16.314 1.00 55.78 ? 81  ASP X CA  1 
ATOM   637  C C   . ASP A 1 81  ? -5.921  3.175   -15.439 1.00 55.70 ? 81  ASP X C   1 
ATOM   638  O O   . ASP A 1 81  ? -5.877  4.405   -15.466 1.00 55.73 ? 81  ASP X O   1 
ATOM   639  C CB  . ASP A 1 81  ? -8.256  2.290   -15.601 1.00 55.80 ? 81  ASP X CB  1 
ATOM   640  C CG  . ASP A 1 81  ? -9.388  1.933   -16.546 1.00 56.05 ? 81  ASP X CG  1 
ATOM   641  O OD1 . ASP A 1 81  ? -9.254  2.165   -17.767 1.00 56.16 ? 81  ASP X OD1 1 
ATOM   642  O OD2 . ASP A 1 81  ? -10.418 1.419   -16.067 1.00 56.61 ? 81  ASP X OD2 1 
ATOM   643  N N   . ILE A 1 82  ? -5.134  2.441   -14.659 1.00 55.68 ? 82  ILE X N   1 
ATOM   644  C CA  . ILE A 1 82  ? -4.196  3.060   -13.727 1.00 55.61 ? 82  ILE X CA  1 
ATOM   645  C C   . ILE A 1 82  ? -3.279  4.017   -14.475 1.00 55.58 ? 82  ILE X C   1 
ATOM   646  O O   . ILE A 1 82  ? -2.984  5.113   -13.995 1.00 55.62 ? 82  ILE X O   1 
ATOM   647  C CB  . ILE A 1 82  ? -3.335  2.007   -13.006 1.00 55.56 ? 82  ILE X CB  1 
ATOM   648  C CG1 . ILE A 1 82  ? -4.222  1.059   -12.198 1.00 55.62 ? 82  ILE X CG1 1 
ATOM   649  C CG2 . ILE A 1 82  ? -2.318  2.682   -12.102 1.00 55.43 ? 82  ILE X CG2 1 
ATOM   650  C CD1 . ILE A 1 82  ? -3.462  -0.037  -11.490 1.00 55.59 ? 82  ILE X CD1 1 
ATOM   651  N N   . TYR A 1 83  ? -2.842  3.599   -15.658 1.00 55.69 ? 83  TYR X N   1 
ATOM   652  C CA  . TYR A 1 83  ? -1.737  4.251   -16.351 1.00 55.69 ? 83  TYR X CA  1 
ATOM   653  C C   . TYR A 1 83  ? -2.180  5.578   -16.961 1.00 55.74 ? 83  TYR X C   1 
ATOM   654  O O   . TYR A 1 83  ? -1.378  6.293   -17.568 1.00 55.67 ? 83  TYR X O   1 
ATOM   655  C CB  . TYR A 1 83  ? -1.186  3.335   -17.447 1.00 55.99 ? 83  TYR X CB  1 
ATOM   656  C CG  . TYR A 1 83  ? -0.734  1.977   -16.950 1.00 56.02 ? 83  TYR X CG  1 
ATOM   657  C CD1 . TYR A 1 83  ? 0.287   1.863   -16.013 1.00 56.11 ? 83  TYR X CD1 1 
ATOM   658  C CD2 . TYR A 1 83  ? -1.328  0.811   -17.417 1.00 56.05 ? 83  TYR X CD2 1 
ATOM   659  C CE1 . TYR A 1 83  ? 0.704   0.625   -15.553 1.00 56.08 ? 83  TYR X CE1 1 
ATOM   660  C CE2 . TYR A 1 83  ? -0.918  -0.433  -16.964 1.00 56.12 ? 83  TYR X CE2 1 
ATOM   661  C CZ  . TYR A 1 83  ? 0.100   -0.520  -16.031 1.00 56.21 ? 83  TYR X CZ  1 
ATOM   662  O OH  . TYR A 1 83  ? 0.514   -1.753  -15.574 1.00 56.10 ? 83  TYR X OH  1 
ATOM   663  N N   . GLN A 1 84  ? -3.457  5.908   -16.797 1.00 55.56 ? 84  GLN X N   1 
ATOM   664  C CA  . GLN A 1 84  ? -3.996  7.153   -17.330 1.00 55.34 ? 84  GLN X CA  1 
ATOM   665  C C   . GLN A 1 84  ? -4.329  8.127   -16.211 1.00 55.04 ? 84  GLN X C   1 
ATOM   666  O O   . GLN A 1 84  ? -4.736  9.259   -16.464 1.00 55.13 ? 84  GLN X O   1 
ATOM   667  C CB  . GLN A 1 84  ? -5.251  6.880   -18.159 1.00 55.94 ? 84  GLN X CB  1 
ATOM   668  C CG  . GLN A 1 84  ? -5.006  6.865   -19.655 1.00 56.34 ? 84  GLN X CG  1 
ATOM   669  C CD  . GLN A 1 84  ? -4.311  5.602   -20.114 1.00 56.73 ? 84  GLN X CD  1 
ATOM   670  O OE1 . GLN A 1 84  ? -3.278  5.655   -20.788 1.00 57.17 ? 84  GLN X OE1 1 
ATOM   671  N NE2 . GLN A 1 84  ? -4.872  4.451   -19.749 1.00 56.84 ? 84  GLN X NE2 1 
ATOM   672  N N   . LEU A 1 85  ? -4.164  7.682   -14.971 1.00 54.42 ? 85  LEU X N   1 
ATOM   673  C CA  . LEU A 1 85  ? -4.275  8.577   -13.830 1.00 53.66 ? 85  LEU X CA  1 
ATOM   674  C C   . LEU A 1 85  ? -3.084  9.526   -13.796 1.00 53.10 ? 85  LEU X C   1 
ATOM   675  O O   . LEU A 1 85  ? -1.935  9.085   -13.811 1.00 53.14 ? 85  LEU X O   1 
ATOM   676  C CB  . LEU A 1 85  ? -4.345  7.779   -12.528 1.00 53.80 ? 85  LEU X CB  1 
ATOM   677  C CG  . LEU A 1 85  ? -5.568  6.873   -12.368 1.00 53.74 ? 85  LEU X CG  1 
ATOM   678  C CD1 . LEU A 1 85  ? -5.384  5.940   -11.184 1.00 53.44 ? 85  LEU X CD1 1 
ATOM   679  C CD2 . LEU A 1 85  ? -6.835  7.703   -12.215 1.00 53.73 ? 85  LEU X CD2 1 
ATOM   680  N N   . PRO A 1 86  ? -3.363  10.837  -13.758 1.00 52.24 ? 86  PRO X N   1 
ATOM   681  C CA  . PRO A 1 86  ? -2.376  11.889  -13.506 1.00 51.39 ? 86  PRO X CA  1 
ATOM   682  C C   . PRO A 1 86  ? -1.783  11.851  -12.098 1.00 50.62 ? 86  PRO X C   1 
ATOM   683  O O   . PRO A 1 86  ? -2.463  11.469  -11.137 1.00 50.57 ? 86  PRO X O   1 
ATOM   684  C CB  . PRO A 1 86  ? -3.178  13.180  -13.705 1.00 51.65 ? 86  PRO X CB  1 
ATOM   685  C CG  . PRO A 1 86  ? -4.597  12.791  -13.481 1.00 51.90 ? 86  PRO X CG  1 
ATOM   686  C CD  . PRO A 1 86  ? -4.713  11.385  -13.978 1.00 52.02 ? 86  PRO X CD  1 
ATOM   687  N N   . GLY A 1 87  ? -0.524  12.258  -11.988 1.00 49.21 ? 87  GLY X N   1 
ATOM   688  C CA  . GLY A 1 87  ? 0.043   12.656  -10.709 1.00 48.53 ? 87  GLY X CA  1 
ATOM   689  C C   . GLY A 1 87  ? 0.936   11.571  -10.141 1.00 47.50 ? 87  GLY X C   1 
ATOM   690  O O   . GLY A 1 87  ? 1.380   10.679  -10.859 1.00 47.04 ? 87  GLY X O   1 
ATOM   691  N N   . HIS A 1 88  ? 1.199   11.645  -8.842  1.00 46.57 ? 88  HIS X N   1 
ATOM   692  C CA  . HIS A 1 88  ? 1.830   10.531  -8.148  1.00 46.03 ? 88  HIS X CA  1 
ATOM   693  C C   . HIS A 1 88  ? 0.774   9.535   -7.687  1.00 45.10 ? 88  HIS X C   1 
ATOM   694  O O   . HIS A 1 88  ? 0.002   9.813   -6.770  1.00 44.40 ? 88  HIS X O   1 
ATOM   695  C CB  . HIS A 1 88  ? 2.641   11.029  -6.954  1.00 45.98 ? 88  HIS X CB  1 
ATOM   696  C CG  . HIS A 1 88  ? 3.656   10.045  -6.466  1.00 46.09 ? 88  HIS X CG  1 
ATOM   697  N ND1 . HIS A 1 88  ? 4.450   10.278  -5.364  1.00 45.94 ? 88  HIS X ND1 1 
ATOM   698  C CD2 . HIS A 1 88  ? 4.005   8.822   -6.929  1.00 45.99 ? 88  HIS X CD2 1 
ATOM   699  C CE1 . HIS A 1 88  ? 5.244   9.241   -5.170  1.00 46.05 ? 88  HIS X CE1 1 
ATOM   700  N NE2 . HIS A 1 88  ? 4.996   8.344   -6.108  1.00 46.06 ? 88  HIS X NE2 1 
ATOM   701  N N   . VAL A 1 89  ? 0.748   8.378   -8.338  1.00 44.70 ? 89  VAL X N   1 
ATOM   702  C CA  . VAL A 1 89  ? -0.198  7.319   -8.001  1.00 44.34 ? 89  VAL X CA  1 
ATOM   703  C C   . VAL A 1 89  ? 0.437   6.277   -7.077  1.00 43.82 ? 89  VAL X C   1 
ATOM   704  O O   . VAL A 1 89  ? 1.478   5.702   -7.395  1.00 43.76 ? 89  VAL X O   1 
ATOM   705  C CB  . VAL A 1 89  ? -0.706  6.626   -9.274  1.00 44.46 ? 89  VAL X CB  1 
ATOM   706  C CG1 . VAL A 1 89  ? -1.515  5.381   -8.921  1.00 44.20 ? 89  VAL X CG1 1 
ATOM   707  C CG2 . VAL A 1 89  ? -1.534  7.601   -10.109 1.00 44.48 ? 89  VAL X CG2 1 
ATOM   708  N N   . PHE A 1 90  ? -0.196  6.042   -5.930  1.00 43.14 ? 90  PHE X N   1 
ATOM   709  C CA  . PHE A 1 90  ? 0.217   4.967   -5.028  1.00 42.67 ? 90  PHE X CA  1 
ATOM   710  C C   . PHE A 1 90  ? -0.727  3.774   -5.139  1.00 42.24 ? 90  PHE X C   1 
ATOM   711  O O   . PHE A 1 90  ? -1.930  3.900   -4.899  1.00 41.78 ? 90  PHE X O   1 
ATOM   712  C CB  . PHE A 1 90  ? 0.245   5.464   -3.584  1.00 42.50 ? 90  PHE X CB  1 
ATOM   713  C CG  . PHE A 1 90  ? 1.230   6.574   -3.341  1.00 42.70 ? 90  PHE X CG  1 
ATOM   714  C CD1 . PHE A 1 90  ? 2.522   6.295   -2.916  1.00 42.58 ? 90  PHE X CD1 1 
ATOM   715  C CD2 . PHE A 1 90  ? 0.866   7.900   -3.538  1.00 42.46 ? 90  PHE X CD2 1 
ATOM   716  C CE1 . PHE A 1 90  ? 3.429   7.314   -2.688  1.00 42.56 ? 90  PHE X CE1 1 
ATOM   717  C CE2 . PHE A 1 90  ? 1.768   8.924   -3.314  1.00 42.54 ? 90  PHE X CE2 1 
ATOM   718  C CZ  . PHE A 1 90  ? 3.053   8.630   -2.889  1.00 42.66 ? 90  PHE X CZ  1 
ATOM   719  N N   . ILE A 1 91  ? -0.176  2.619   -5.500  1.00 41.71 ? 91  ILE X N   1 
ATOM   720  C CA  . ILE A 1 91  ? -0.875  1.350   -5.339  1.00 41.60 ? 91  ILE X CA  1 
ATOM   721  C C   . ILE A 1 91  ? -0.916  0.921   -3.873  1.00 41.24 ? 91  ILE X C   1 
ATOM   722  O O   . ILE A 1 91  ? 0.119   0.738   -3.234  1.00 40.64 ? 91  ILE X O   1 
ATOM   723  C CB  . ILE A 1 91  ? -0.210  0.232   -6.150  1.00 41.53 ? 91  ILE X CB  1 
ATOM   724  C CG1 . ILE A 1 91  ? -0.094  0.635   -7.625  1.00 41.49 ? 91  ILE X CG1 1 
ATOM   725  C CG2 . ILE A 1 91  ? -0.992  -1.072  -5.993  1.00 41.48 ? 91  ILE X CG2 1 
ATOM   726  C CD1 . ILE A 1 91  ? -1.409  1.065   -8.264  1.00 41.45 ? 91  ILE X CD1 1 
ATOM   727  N N   . PHE A 1 92  ? -2.130  0.757   -3.358  1.00 41.01 ? 92  PHE X N   1 
ATOM   728  C CA  . PHE A 1 92  ? -2.412  0.940   -1.948  1.00 40.94 ? 92  PHE X CA  1 
ATOM   729  C C   . PHE A 1 92  ? -2.916  -0.382  -1.359  1.00 40.90 ? 92  PHE X C   1 
ATOM   730  O O   . PHE A 1 92  ? -3.151  -0.494  -0.152  1.00 40.70 ? 92  PHE X O   1 
ATOM   731  C CB  . PHE A 1 92  ? -3.464  2.035   -1.780  1.00 41.64 ? 92  PHE X CB  1 
ATOM   732  C CG  . PHE A 1 92  ? -3.642  2.499   -0.368  1.00 41.58 ? 92  PHE X CG  1 
ATOM   733  C CD1 . PHE A 1 92  ? -4.831  2.267   0.301   1.00 41.82 ? 92  PHE X CD1 1 
ATOM   734  C CD2 . PHE A 1 92  ? -2.631  3.183   0.285   1.00 41.94 ? 92  PHE X CD2 1 
ATOM   735  C CE1 . PHE A 1 92  ? -5.010  2.703   1.600   1.00 41.95 ? 92  PHE X CE1 1 
ATOM   736  C CE2 . PHE A 1 92  ? -2.798  3.619   1.591   1.00 42.15 ? 92  PHE X CE2 1 
ATOM   737  C CZ  . PHE A 1 92  ? -3.991  3.377   2.249   1.00 42.11 ? 92  PHE X CZ  1 
ATOM   738  N N   . GLY A 1 93  ? -3.067  -1.380  -2.225  1.00 40.36 ? 93  GLY X N   1 
ATOM   739  C CA  . GLY A 1 93  ? -3.507  -2.712  -1.808  1.00 40.51 ? 93  GLY X CA  1 
ATOM   740  C C   . GLY A 1 93  ? -4.678  -3.208  -2.640  1.00 40.11 ? 93  GLY X C   1 
ATOM   741  O O   . GLY A 1 93  ? -5.247  -2.454  -3.426  1.00 40.23 ? 93  GLY X O   1 
ATOM   742  N N   . GLY A 1 94  ? -5.043  -4.476  -2.468  1.00 39.96 ? 94  GLY X N   1 
ATOM   743  C CA  . GLY A 1 94  ? -4.377  -5.354  -1.513  1.00 39.77 ? 94  GLY X CA  1 
ATOM   744  C C   . GLY A 1 94  ? -3.516  -6.384  -2.218  1.00 39.77 ? 94  GLY X C   1 
ATOM   745  O O   . GLY A 1 94  ? -2.824  -6.072  -3.191  1.00 39.67 ? 94  GLY X O   1 
ATOM   746  N N   . GLN A 1 95  ? -3.562  -7.619  -1.730  1.00 39.59 ? 95  GLN X N   1 
ATOM   747  C CA  . GLN A 1 95  ? -2.723  -8.674  -2.266  1.00 39.60 ? 95  GLN X CA  1 
ATOM   748  C C   . GLN A 1 95  ? -2.828  -8.714  -3.783  1.00 39.52 ? 95  GLN X C   1 
ATOM   749  O O   . GLN A 1 95  ? -1.819  -8.834  -4.482  1.00 39.17 ? 95  GLN X O   1 
ATOM   750  C CB  . GLN A 1 95  ? -3.119  -10.028 -1.678  1.00 39.49 ? 95  GLN X CB  1 
ATOM   751  C CG  . GLN A 1 95  ? -2.659  -11.198 -2.520  1.00 39.57 ? 95  GLN X CG  1 
ATOM   752  C CD  . GLN A 1 95  ? -2.405  -12.451 -1.710  1.00 39.61 ? 95  GLN X CD  1 
ATOM   753  O OE1 . GLN A 1 95  ? -2.650  -12.495 -0.506  1.00 39.11 ? 95  GLN X OE1 1 
ATOM   754  N NE2 . GLN A 1 95  ? -1.903  -13.485 -2.377  1.00 40.05 ? 95  GLN X NE2 1 
ATOM   755  N N   . THR A 1 96  ? -4.051  -8.617  -4.292  1.00 39.92 ? 96  THR X N   1 
ATOM   756  C CA  . THR A 1 96  ? -4.294  -8.834  -5.714  1.00 40.12 ? 96  THR X CA  1 
ATOM   757  C C   . THR A 1 96  ? -3.697  -7.697  -6.543  1.00 39.81 ? 96  THR X C   1 
ATOM   758  O O   . THR A 1 96  ? -3.064  -7.932  -7.568  1.00 39.70 ? 96  THR X O   1 
ATOM   759  C CB  . THR A 1 96  ? -5.806  -8.972  -6.012  1.00 40.55 ? 96  THR X CB  1 
ATOM   760  O OG1 . THR A 1 96  ? -6.481  -7.747  -5.691  1.00 41.31 ? 96  THR X OG1 1 
ATOM   761  C CG2 . THR A 1 96  ? -6.406  -10.104 -5.192  1.00 40.12 ? 96  THR X CG2 1 
ATOM   762  N N   . LEU A 1 97  ? -3.893  -6.468  -6.083  1.00 39.92 ? 97  LEU X N   1 
ATOM   763  C CA  . LEU A 1 97  ? -3.286  -5.296  -6.708  1.00 40.30 ? 97  LEU X CA  1 
ATOM   764  C C   . LEU A 1 97  ? -1.761  -5.365  -6.695  1.00 40.31 ? 97  LEU X C   1 
ATOM   765  O O   . LEU A 1 97  ? -1.105  -5.139  -7.711  1.00 40.26 ? 97  LEU X O   1 
ATOM   766  C CB  . LEU A 1 97  ? -3.730  -4.029  -5.978  1.00 40.62 ? 97  LEU X CB  1 
ATOM   767  C CG  . LEU A 1 97  ? -4.764  -3.189  -6.715  1.00 40.76 ? 97  LEU X CG  1 
ATOM   768  C CD1 . LEU A 1 97  ? -4.274  -2.874  -8.121  1.00 40.67 ? 97  LEU X CD1 1 
ATOM   769  C CD2 . LEU A 1 97  ? -6.102  -3.927  -6.745  1.00 40.72 ? 97  LEU X CD2 1 
ATOM   770  N N   . PHE A 1 98  ? -1.199  -5.667  -5.532  1.00 40.45 ? 98  PHE X N   1 
ATOM   771  C CA  . PHE A 1 98  ? 0.246   -5.719  -5.393  1.00 40.47 ? 98  PHE X CA  1 
ATOM   772  C C   . PHE A 1 98  ? 0.822   -6.724  -6.390  1.00 40.87 ? 98  PHE X C   1 
ATOM   773  O O   . PHE A 1 98  ? 1.791   -6.431  -7.097  1.00 40.77 ? 98  PHE X O   1 
ATOM   774  C CB  . PHE A 1 98  ? 0.624   -6.079  -3.956  1.00 39.24 ? 98  PHE X CB  1 
ATOM   775  C CG  . PHE A 1 98  ? 0.339   -4.982  -2.961  1.00 39.06 ? 98  PHE X CG  1 
ATOM   776  C CD1 . PHE A 1 98  ? -0.112  -5.282  -1.687  1.00 38.87 ? 98  PHE X CD1 1 
ATOM   777  C CD2 . PHE A 1 98  ? 0.522   -3.654  -3.303  1.00 38.91 ? 98  PHE X CD2 1 
ATOM   778  C CE1 . PHE A 1 98  ? -0.376  -4.278  -0.774  1.00 38.88 ? 98  PHE X CE1 1 
ATOM   779  C CE2 . PHE A 1 98  ? 0.268   -2.644  -2.395  1.00 38.89 ? 98  PHE X CE2 1 
ATOM   780  C CZ  . PHE A 1 98  ? -0.180  -2.956  -1.125  1.00 38.94 ? 98  PHE X CZ  1 
ATOM   781  N N   . GLU A 1 99  ? 0.211   -7.902  -6.457  1.00 41.45 ? 99  GLU X N   1 
ATOM   782  C CA  . GLU A 1 99  ? 0.683   -8.963  -7.336  1.00 42.04 ? 99  GLU X CA  1 
ATOM   783  C C   . GLU A 1 99  ? 0.630   -8.512  -8.787  1.00 42.42 ? 99  GLU X C   1 
ATOM   784  O O   . GLU A 1 99  ? 1.486   -8.871  -9.600  1.00 42.16 ? 99  GLU X O   1 
ATOM   785  C CB  . GLU A 1 99  ? -0.172  -10.218 -7.158  1.00 42.37 ? 99  GLU X CB  1 
ATOM   786  C CG  . GLU A 1 99  ? 0.162   -11.016 -5.913  1.00 42.73 ? 99  GLU X CG  1 
ATOM   787  C CD  . GLU A 1 99  ? -0.862  -12.094 -5.620  1.00 42.96 ? 99  GLU X CD  1 
ATOM   788  O OE1 . GLU A 1 99  ? -0.638  -12.887 -4.681  1.00 42.93 ? 99  GLU X OE1 1 
ATOM   789  O OE2 . GLU A 1 99  ? -1.894  -12.140 -6.323  1.00 43.65 ? 99  GLU X OE2 1 
ATOM   790  N N   . GLU A 1 100 ? -0.387  -7.726  -9.110  1.00 42.74 ? 100 GLU X N   1 
ATOM   791  C CA  . GLU A 1 100 ? -0.615  -7.324  -10.481 1.00 43.25 ? 100 GLU X CA  1 
ATOM   792  C C   . GLU A 1 100 ? 0.358   -6.214  -10.854 1.00 43.43 ? 100 GLU X C   1 
ATOM   793  O O   . GLU A 1 100 ? 0.775   -6.108  -12.002 1.00 43.83 ? 100 GLU X O   1 
ATOM   794  C CB  . GLU A 1 100 ? -2.067  -6.880  -10.671 1.00 43.42 ? 100 GLU X CB  1 
ATOM   795  C CG  . GLU A 1 100 ? -3.071  -7.984  -10.347 1.00 43.88 ? 100 GLU X CG  1 
ATOM   796  C CD  . GLU A 1 100 ? -4.513  -7.562  -10.549 1.00 43.91 ? 100 GLU X CD  1 
ATOM   797  O OE1 . GLU A 1 100 ? -5.022  -7.730  -11.677 1.00 44.46 ? 100 GLU X OE1 1 
ATOM   798  O OE2 . GLU A 1 100 ? -5.139  -7.075  -9.580  1.00 44.04 ? 100 GLU X OE2 1 
ATOM   799  N N   . MET A 1 101 ? 0.740   -5.401  -9.877  1.00 43.72 ? 101 MET X N   1 
ATOM   800  C CA  . MET A 1 101 ? 1.414   -4.143  -10.178 1.00 43.70 ? 101 MET X CA  1 
ATOM   801  C C   . MET A 1 101 ? 2.919   -4.180  -9.890  1.00 43.77 ? 101 MET X C   1 
ATOM   802  O O   . MET A 1 101 ? 3.660   -3.307  -10.353 1.00 43.85 ? 101 MET X O   1 
ATOM   803  C CB  . MET A 1 101 ? 0.758   -2.995  -9.409  1.00 43.78 ? 101 MET X CB  1 
ATOM   804  C CG  . MET A 1 101 ? -0.624  -2.612  -9.925  1.00 43.88 ? 101 MET X CG  1 
ATOM   805  S SD  . MET A 1 101 ? -0.709  -2.433  -11.722 1.00 44.02 ? 101 MET X SD  1 
ATOM   806  C CE  . MET A 1 101 ? 0.173   -0.890  -11.940 1.00 43.49 ? 101 MET X CE  1 
ATOM   807  N N   . ILE A 1 102 ? 3.382   -5.168  -9.127  1.00 43.66 ? 102 ILE X N   1 
ATOM   808  C CA  . ILE A 1 102 ? 4.725   -5.077  -8.542  1.00 43.71 ? 102 ILE X CA  1 
ATOM   809  C C   . ILE A 1 102 ? 5.795   -5.008  -9.625  1.00 43.71 ? 102 ILE X C   1 
ATOM   810  O O   . ILE A 1 102 ? 6.849   -4.400  -9.432  1.00 43.97 ? 102 ILE X O   1 
ATOM   811  C CB  . ILE A 1 102 ? 5.056   -6.257  -7.609  1.00 43.84 ? 102 ILE X CB  1 
ATOM   812  C CG1 . ILE A 1 102 ? 6.442   -6.049  -6.978  1.00 43.86 ? 102 ILE X CG1 1 
ATOM   813  C CG2 . ILE A 1 102 ? 5.015   -7.575  -8.371  1.00 43.75 ? 102 ILE X CG2 1 
ATOM   814  C CD1 . ILE A 1 102 ? 6.661   -6.789  -5.662  1.00 43.58 ? 102 ILE X CD1 1 
ATOM   815  N N   . ASP A 1 103 ? 5.522   -5.635  -10.763 1.00 43.62 ? 103 ASP X N   1 
ATOM   816  C CA  . ASP A 1 103 ? 6.452   -5.624  -11.882 1.00 43.67 ? 103 ASP X CA  1 
ATOM   817  C C   . ASP A 1 103 ? 6.333   -4.349  -12.704 1.00 43.45 ? 103 ASP X C   1 
ATOM   818  O O   . ASP A 1 103 ? 7.066   -4.157  -13.666 1.00 43.96 ? 103 ASP X O   1 
ATOM   819  C CB  . ASP A 1 103 ? 6.207   -6.832  -12.782 1.00 44.13 ? 103 ASP X CB  1 
ATOM   820  C CG  . ASP A 1 103 ? 6.731   -8.115  -12.186 1.00 44.51 ? 103 ASP X CG  1 
ATOM   821  O OD1 . ASP A 1 103 ? 6.440   -9.188  -12.746 1.00 45.13 ? 103 ASP X OD1 1 
ATOM   822  O OD2 . ASP A 1 103 ? 7.439   -8.058  -11.159 1.00 45.15 ? 103 ASP X OD2 1 
ATOM   823  N N   . LYS A 1 104 ? 5.406   -3.479  -12.321 1.00 43.30 ? 104 LYS X N   1 
ATOM   824  C CA  . LYS A 1 104 ? 5.020   -2.352  -13.163 1.00 42.96 ? 104 LYS X CA  1 
ATOM   825  C C   . LYS A 1 104 ? 5.401   -1.025  -12.516 1.00 42.42 ? 104 LYS X C   1 
ATOM   826  O O   . LYS A 1 104 ? 5.525   -0.005  -13.193 1.00 42.26 ? 104 LYS X O   1 
ATOM   827  C CB  . LYS A 1 104 ? 3.511   -2.377  -13.426 1.00 43.69 ? 104 LYS X CB  1 
ATOM   828  C CG  . LYS A 1 104 ? 3.062   -3.488  -14.363 1.00 44.00 ? 104 LYS X CG  1 
ATOM   829  C CD  . LYS A 1 104 ? 4.050   -3.675  -15.511 1.00 44.44 ? 104 LYS X CD  1 
ATOM   830  C CE  . LYS A 1 104 ? 3.546   -4.701  -16.522 1.00 44.65 ? 104 LYS X CE  1 
ATOM   831  N NZ  . LYS A 1 104 ? 3.755   -6.112  -16.070 1.00 44.80 ? 104 LYS X NZ  1 
ATOM   832  N N   . VAL A 1 105 ? 5.573   -1.028  -11.200 1.00 41.82 ? 105 VAL X N   1 
ATOM   833  C CA  . VAL A 1 105 ? 5.732   0.221   -10.472 1.00 41.48 ? 105 VAL X CA  1 
ATOM   834  C C   . VAL A 1 105 ? 7.171   0.724   -10.585 1.00 40.94 ? 105 VAL X C   1 
ATOM   835  O O   . VAL A 1 105 ? 8.103   -0.057  -10.767 1.00 40.55 ? 105 VAL X O   1 
ATOM   836  C CB  . VAL A 1 105 ? 5.353   0.070   -8.985  1.00 41.45 ? 105 VAL X CB  1 
ATOM   837  C CG1 . VAL A 1 105 ? 3.846   -0.117  -8.838  1.00 41.32 ? 105 VAL X CG1 1 
ATOM   838  C CG2 . VAL A 1 105 ? 6.120   -1.088  -8.351  1.00 41.25 ? 105 VAL X CG2 1 
ATOM   839  N N   . ASP A 1 106 ? 7.338   2.037   -10.476 1.00 40.65 ? 106 ASP X N   1 
ATOM   840  C CA  . ASP A 1 106 ? 8.659   2.647   -10.477 1.00 40.42 ? 106 ASP X CA  1 
ATOM   841  C C   . ASP A 1 106 ? 9.407   2.315   -9.191  1.00 39.86 ? 106 ASP X C   1 
ATOM   842  O O   . ASP A 1 106 ? 10.598  1.997   -9.210  1.00 39.71 ? 106 ASP X O   1 
ATOM   843  C CB  . ASP A 1 106 ? 8.526   4.164   -10.623 1.00 41.05 ? 106 ASP X CB  1 
ATOM   844  C CG  . ASP A 1 106 ? 7.752   4.563   -11.866 1.00 41.43 ? 106 ASP X CG  1 
ATOM   845  O OD1 . ASP A 1 106 ? 8.084   4.058   -12.954 1.00 41.67 ? 106 ASP X OD1 1 
ATOM   846  O OD2 . ASP A 1 106 ? 6.810   5.379   -11.758 1.00 42.29 ? 106 ASP X OD2 1 
ATOM   847  N N   . ASP A 1 107 ? 8.697   2.399   -8.073  1.00 39.08 ? 107 ASP X N   1 
ATOM   848  C CA  . ASP A 1 107 ? 9.320   2.302   -6.770  1.00 38.44 ? 107 ASP X CA  1 
ATOM   849  C C   . ASP A 1 107 ? 8.316   1.810   -5.740  1.00 37.92 ? 107 ASP X C   1 
ATOM   850  O O   . ASP A 1 107 ? 7.119   1.736   -6.013  1.00 37.71 ? 107 ASP X O   1 
ATOM   851  C CB  . ASP A 1 107 ? 9.892   3.657   -6.343  1.00 38.26 ? 107 ASP X CB  1 
ATOM   852  C CG  . ASP A 1 107 ? 8.850   4.757   -6.328  1.00 38.22 ? 107 ASP X CG  1 
ATOM   853  O OD1 . ASP A 1 107 ? 9.125   5.818   -5.732  1.00 38.13 ? 107 ASP X OD1 1 
ATOM   854  O OD2 . ASP A 1 107 ? 7.762   4.570   -6.912  1.00 38.54 ? 107 ASP X OD2 1 
ATOM   855  N N   . MET A 1 108 ? 8.817   1.471   -4.557  1.00 37.09 ? 108 MET X N   1 
ATOM   856  C CA  . MET A 1 108 ? 7.980   0.942   -3.495  1.00 36.56 ? 108 MET X CA  1 
ATOM   857  C C   . MET A 1 108 ? 8.332   1.636   -2.185  1.00 36.28 ? 108 MET X C   1 
ATOM   858  O O   . MET A 1 108 ? 9.506   1.787   -1.839  1.00 36.06 ? 108 MET X O   1 
ATOM   859  C CB  . MET A 1 108 ? 8.166   -0.574  -3.365  1.00 36.11 ? 108 MET X CB  1 
ATOM   860  C CG  . MET A 1 108 ? 8.010   -1.340  -4.674  1.00 36.02 ? 108 MET X CG  1 
ATOM   861  S SD  . MET A 1 108 ? 7.713   -3.116  -4.460  1.00 35.97 ? 108 MET X SD  1 
ATOM   862  C CE  . MET A 1 108 ? 9.292   -3.671  -3.818  1.00 35.93 ? 108 MET X CE  1 
ATOM   863  N N   . TYR A 1 109 ? 7.300   2.070   -1.473  1.00 35.92 ? 109 TYR X N   1 
ATOM   864  C CA  . TYR A 1 109 ? 7.440   2.500   -0.098  1.00 35.47 ? 109 TYR X CA  1 
ATOM   865  C C   . TYR A 1 109 ? 6.940   1.411   0.845   1.00 34.98 ? 109 TYR X C   1 
ATOM   866  O O   . TYR A 1 109 ? 5.733   1.246   1.047   1.00 33.77 ? 109 TYR X O   1 
ATOM   867  C CB  . TYR A 1 109 ? 6.656   3.791   0.120   1.00 36.35 ? 109 TYR X CB  1 
ATOM   868  C CG  . TYR A 1 109 ? 7.209   4.964   -0.656  1.00 36.62 ? 109 TYR X CG  1 
ATOM   869  C CD1 . TYR A 1 109 ? 6.810   5.208   -1.962  1.00 36.64 ? 109 TYR X CD1 1 
ATOM   870  C CD2 . TYR A 1 109 ? 8.138   5.822   -0.083  1.00 36.75 ? 109 TYR X CD2 1 
ATOM   871  C CE1 . TYR A 1 109 ? 7.316   6.277   -2.670  1.00 36.68 ? 109 TYR X CE1 1 
ATOM   872  C CE2 . TYR A 1 109 ? 8.647   6.891   -0.784  1.00 36.65 ? 109 TYR X CE2 1 
ATOM   873  C CZ  . TYR A 1 109 ? 8.232   7.117   -2.073  1.00 36.67 ? 109 TYR X CZ  1 
ATOM   874  O OH  . TYR A 1 109 ? 8.743   8.188   -2.768  1.00 36.90 ? 109 TYR X OH  1 
ATOM   875  N N   . ILE A 1 110 ? 7.884   0.665   1.409   1.00 34.33 ? 110 ILE X N   1 
ATOM   876  C CA  . ILE A 1 110 ? 7.569   -0.488  2.238   1.00 33.96 ? 110 ILE X CA  1 
ATOM   877  C C   . ILE A 1 110 ? 7.842   -0.141  3.692   1.00 33.28 ? 110 ILE X C   1 
ATOM   878  O O   . ILE A 1 110 ? 8.913   0.361   4.023   1.00 32.95 ? 110 ILE X O   1 
ATOM   879  C CB  . ILE A 1 110 ? 8.418   -1.702  1.835   1.00 33.95 ? 110 ILE X CB  1 
ATOM   880  C CG1 . ILE A 1 110 ? 8.241   -1.986  0.341   1.00 34.03 ? 110 ILE X CG1 1 
ATOM   881  C CG2 . ILE A 1 110 ? 8.046   -2.923  2.671   1.00 34.16 ? 110 ILE X CG2 1 
ATOM   882  C CD1 . ILE A 1 110 ? 8.723   -3.349  -0.087  1.00 33.98 ? 110 ILE X CD1 1 
ATOM   883  N N   . THR A 1 111 ? 6.865   -0.397  4.555   1.00 32.75 ? 111 THR X N   1 
ATOM   884  C CA  . THR A 1 111 ? 7.114   -0.496  5.990   1.00 32.91 ? 111 THR X CA  1 
ATOM   885  C C   . THR A 1 111 ? 7.269   -1.964  6.370   1.00 32.88 ? 111 THR X C   1 
ATOM   886  O O   . THR A 1 111 ? 6.295   -2.711  6.398   1.00 32.20 ? 111 THR X O   1 
ATOM   887  C CB  . THR A 1 111 ? 5.955   0.122   6.806   1.00 32.81 ? 111 THR X CB  1 
ATOM   888  O OG1 . THR A 1 111 ? 5.734   1.479   6.392   1.00 33.07 ? 111 THR X OG1 1 
ATOM   889  C CG2 . THR A 1 111 ? 6.253   0.094   8.307   1.00 32.49 ? 111 THR X CG2 1 
ATOM   890  N N   . VAL A 1 112 ? 8.501   -2.377  6.644   1.00 33.35 ? 112 VAL X N   1 
ATOM   891  C CA  . VAL A 1 112 ? 8.750   -3.709  7.181   1.00 33.86 ? 112 VAL X CA  1 
ATOM   892  C C   . VAL A 1 112 ? 8.408   -3.740  8.664   1.00 34.25 ? 112 VAL X C   1 
ATOM   893  O O   . VAL A 1 112 ? 9.048   -3.061  9.481   1.00 33.77 ? 112 VAL X O   1 
ATOM   894  C CB  . VAL A 1 112 ? 10.215  -4.142  6.983   1.00 34.02 ? 112 VAL X CB  1 
ATOM   895  C CG1 . VAL A 1 112 ? 10.428  -5.554  7.525   1.00 33.64 ? 112 VAL X CG1 1 
ATOM   896  C CG2 . VAL A 1 112 ? 10.594  -4.065  5.513   1.00 34.05 ? 112 VAL X CG2 1 
ATOM   897  N N   . ILE A 1 113 ? 7.376   -4.508  9.001   1.00 34.77 ? 113 ILE X N   1 
ATOM   898  C CA  . ILE A 1 113 ? 7.048   -4.787  10.395  1.00 35.05 ? 113 ILE X CA  1 
ATOM   899  C C   . ILE A 1 113 ? 7.895   -5.951  10.914  1.00 35.18 ? 113 ILE X C   1 
ATOM   900  O O   . ILE A 1 113 ? 7.753   -7.087  10.455  1.00 34.81 ? 113 ILE X O   1 
ATOM   901  C CB  . ILE A 1 113 ? 5.548   -5.142  10.573  1.00 35.08 ? 113 ILE X CB  1 
ATOM   902  C CG1 . ILE A 1 113 ? 4.652   -4.224  9.728   1.00 35.04 ? 113 ILE X CG1 1 
ATOM   903  C CG2 . ILE A 1 113 ? 5.157   -5.063  12.040  1.00 35.04 ? 113 ILE X CG2 1 
ATOM   904  C CD1 . ILE A 1 113 ? 4.463   -2.829  10.300  1.00 34.73 ? 113 ILE X CD1 1 
ATOM   905  N N   . GLU A 1 114 ? 8.770   -5.666  11.871  1.00 35.47 ? 114 GLU X N   1 
ATOM   906  C CA  . GLU A 1 114 ? 9.735   -6.655  12.339  1.00 36.04 ? 114 GLU X CA  1 
ATOM   907  C C   . GLU A 1 114 ? 9.096   -7.610  13.344  1.00 35.72 ? 114 GLU X C   1 
ATOM   908  O O   . GLU A 1 114 ? 9.597   -7.786  14.453  1.00 35.03 ? 114 GLU X O   1 
ATOM   909  C CB  . GLU A 1 114 ? 10.943  -5.968  12.976  1.00 37.39 ? 114 GLU X CB  1 
ATOM   910  C CG  . GLU A 1 114 ? 11.280  -4.626  12.361  1.00 38.79 ? 114 GLU X CG  1 
ATOM   911  C CD  . GLU A 1 114 ? 12.081  -4.754  11.083  1.00 39.92 ? 114 GLU X CD  1 
ATOM   912  O OE1 . GLU A 1 114 ? 12.395  -5.904  10.686  1.00 40.46 ? 114 GLU X OE1 1 
ATOM   913  O OE2 . GLU A 1 114 ? 12.400  -3.702  10.475  1.00 40.97 ? 114 GLU X OE2 1 
ATOM   914  N N   . GLY A 1 115 ? 7.988   -8.222  12.943  1.00 35.51 ? 115 GLY X N   1 
ATOM   915  C CA  . GLY A 1 115 ? 7.402   -9.325  13.694  1.00 35.86 ? 115 GLY X CA  1 
ATOM   916  C C   . GLY A 1 115 ? 6.820   -10.391 12.781  1.00 35.51 ? 115 GLY X C   1 
ATOM   917  O O   . GLY A 1 115 ? 6.796   -10.232 11.562  1.00 34.92 ? 115 GLY X O   1 
ATOM   918  N N   . LYS A 1 116 ? 6.352   -11.483 13.376  1.00 35.59 ? 116 LYS X N   1 
ATOM   919  C CA  . LYS A 1 116 ? 5.675   -12.529 12.621  1.00 36.07 ? 116 LYS X CA  1 
ATOM   920  C C   . LYS A 1 116 ? 4.229   -12.634 13.081  1.00 35.78 ? 116 LYS X C   1 
ATOM   921  O O   . LYS A 1 116 ? 3.953   -13.046 14.206  1.00 35.80 ? 116 LYS X O   1 
ATOM   922  C CB  . LYS A 1 116 ? 6.389   -13.870 12.788  1.00 36.45 ? 116 LYS X CB  1 
ATOM   923  C CG  . LYS A 1 116 ? 7.798   -13.891 12.213  1.00 36.83 ? 116 LYS X CG  1 
ATOM   924  C CD  . LYS A 1 116 ? 8.490   -15.216 12.482  1.00 36.99 ? 116 LYS X CD  1 
ATOM   925  C CE  . LYS A 1 116 ? 9.811   -15.325 11.724  1.00 37.18 ? 116 LYS X CE  1 
ATOM   926  N NZ  . LYS A 1 116 ? 10.600  -16.510 12.183  1.00 37.51 ? 116 LYS X NZ  1 
ATOM   927  N N   . PHE A 1 117 ? 3.312   -12.233 12.210  1.00 35.60 ? 117 PHE X N   1 
ATOM   928  C CA  . PHE A 1 117 ? 1.898   -12.226 12.544  1.00 35.70 ? 117 PHE X CA  1 
ATOM   929  C C   . PHE A 1 117 ? 1.211   -13.365 11.820  1.00 35.64 ? 117 PHE X C   1 
ATOM   930  O O   . PHE A 1 117 ? 1.714   -13.850 10.811  1.00 36.21 ? 117 PHE X O   1 
ATOM   931  C CB  . PHE A 1 117 ? 1.266   -10.886 12.160  1.00 34.98 ? 117 PHE X CB  1 
ATOM   932  C CG  . PHE A 1 117 ? 1.784   -9.731  12.961  1.00 34.90 ? 117 PHE X CG  1 
ATOM   933  C CD1 . PHE A 1 117 ? 1.013   -9.160  13.960  1.00 34.74 ? 117 PHE X CD1 1 
ATOM   934  C CD2 . PHE A 1 117 ? 3.055   -9.226  12.730  1.00 34.69 ? 117 PHE X CD2 1 
ATOM   935  C CE1 . PHE A 1 117 ? 1.500   -8.100  14.709  1.00 34.67 ? 117 PHE X CE1 1 
ATOM   936  C CE2 . PHE A 1 117 ? 3.543   -8.168  13.474  1.00 34.58 ? 117 PHE X CE2 1 
ATOM   937  C CZ  . PHE A 1 117 ? 2.768   -7.609  14.464  1.00 34.65 ? 117 PHE X CZ  1 
ATOM   938  N N   . ARG A 1 118 ? 0.063   -13.789 12.333  1.00 36.05 ? 118 ARG X N   1 
ATOM   939  C CA  . ARG A 1 118 ? -0.855  -14.624 11.567  1.00 36.57 ? 118 ARG X CA  1 
ATOM   940  C C   . ARG A 1 118 ? -1.550  -13.799 10.486  1.00 36.10 ? 118 ARG X C   1 
ATOM   941  O O   . ARG A 1 118 ? -2.153  -12.766 10.773  1.00 36.14 ? 118 ARG X O   1 
ATOM   942  C CB  . ARG A 1 118 ? -1.887  -15.263 12.500  1.00 38.23 ? 118 ARG X CB  1 
ATOM   943  C CG  . ARG A 1 118 ? -3.293  -15.316 11.932  1.00 39.78 ? 118 ARG X CG  1 
ATOM   944  C CD  . ARG A 1 118 ? -3.745  -16.756 11.716  1.00 41.38 ? 118 ARG X CD  1 
ATOM   945  N NE  . ARG A 1 118 ? -3.161  -17.640 12.720  1.00 42.20 ? 118 ARG X NE  1 
ATOM   946  C CZ  . ARG A 1 118 ? -3.369  -17.504 14.025  1.00 42.65 ? 118 ARG X CZ  1 
ATOM   947  N NH1 . ARG A 1 118 ? -4.148  -16.526 14.463  1.00 43.01 ? 118 ARG X NH1 1 
ATOM   948  N NH2 . ARG A 1 118 ? -2.800  -18.341 14.887  1.00 42.73 ? 118 ARG X NH2 1 
ATOM   949  N N   . GLY A 1 119 ? -1.454  -14.250 9.240   1.00 35.46 ? 119 GLY X N   1 
ATOM   950  C CA  . GLY A 1 119 ? -2.106  -13.563 8.136   1.00 35.52 ? 119 GLY X CA  1 
ATOM   951  C C   . GLY A 1 119 ? -2.865  -14.505 7.222   1.00 35.15 ? 119 GLY X C   1 
ATOM   952  O O   . GLY A 1 119 ? -2.715  -15.726 7.305   1.00 35.02 ? 119 GLY X O   1 
ATOM   953  N N   . ASP A 1 120 ? -3.673  -13.938 6.335   1.00 35.05 ? 120 ASP X N   1 
ATOM   954  C CA  . ASP A 1 120 ? -4.239  -14.708 5.239   1.00 35.12 ? 120 ASP X CA  1 
ATOM   955  C C   . ASP A 1 120 ? -4.010  -14.017 3.899   1.00 34.97 ? 120 ASP X C   1 
ATOM   956  O O   . ASP A 1 120 ? -4.442  -14.512 2.858   1.00 35.21 ? 120 ASP X O   1 
ATOM   957  C CB  . ASP A 1 120 ? -5.734  -14.966 5.473   1.00 35.52 ? 120 ASP X CB  1 
ATOM   958  C CG  . ASP A 1 120 ? -6.518  -13.692 5.753   1.00 35.64 ? 120 ASP X CG  1 
ATOM   959  O OD1 . ASP A 1 120 ? -7.593  -13.777 6.385   1.00 35.34 ? 120 ASP X OD1 1 
ATOM   960  O OD2 . ASP A 1 120 ? -6.061  -12.607 5.336   1.00 36.15 ? 120 ASP X OD2 1 
ATOM   961  N N   . THR A 1 121 ? -3.310  -12.887 3.921   1.00 34.61 ? 121 THR X N   1 
ATOM   962  C CA  . THR A 1 121 ? -2.961  -12.188 2.690   1.00 34.85 ? 121 THR X CA  1 
ATOM   963  C C   . THR A 1 121 ? -1.518  -11.668 2.730   1.00 34.66 ? 121 THR X C   1 
ATOM   964  O O   . THR A 1 121 ? -1.003  -11.304 3.791   1.00 33.69 ? 121 THR X O   1 
ATOM   965  C CB  . THR A 1 121 ? -3.925  -11.009 2.422   1.00 35.00 ? 121 THR X CB  1 
ATOM   966  O OG1 . THR A 1 121 ? -4.036  -10.197 3.596   1.00 36.01 ? 121 THR X OG1 1 
ATOM   967  C CG2 . THR A 1 121 ? -5.306  -11.516 2.046   1.00 35.55 ? 121 THR X CG2 1 
ATOM   968  N N   . PHE A 1 122 ? -0.875  -11.640 1.563   1.00 34.67 ? 122 PHE X N   1 
ATOM   969  C CA  . PHE A 1 122 ? 0.584   -11.603 1.479   1.00 34.62 ? 122 PHE X CA  1 
ATOM   970  C C   . PHE A 1 122 ? 1.054   -10.662 0.375   1.00 34.63 ? 122 PHE X C   1 
ATOM   971  O O   . PHE A 1 122 ? 0.421   -10.546 -0.672  1.00 34.47 ? 122 PHE X O   1 
ATOM   972  C CB  . PHE A 1 122 ? 1.141   -13.002 1.230   1.00 34.40 ? 122 PHE X CB  1 
ATOM   973  C CG  . PHE A 1 122 ? 1.207   -13.854 2.466   1.00 34.38 ? 122 PHE X CG  1 
ATOM   974  C CD1 . PHE A 1 122 ? 2.387   -13.966 3.183   1.00 34.42 ? 122 PHE X CD1 1 
ATOM   975  C CD2 . PHE A 1 122 ? 0.087   -14.534 2.917   1.00 34.43 ? 122 PHE X CD2 1 
ATOM   976  C CE1 . PHE A 1 122 ? 2.451   -14.747 4.320   1.00 34.35 ? 122 PHE X CE1 1 
ATOM   977  C CE2 . PHE A 1 122 ? 0.146   -15.315 4.052   1.00 34.31 ? 122 PHE X CE2 1 
ATOM   978  C CZ  . PHE A 1 122 ? 1.330   -15.420 4.755   1.00 34.37 ? 122 PHE X CZ  1 
ATOM   979  N N   . PHE A 1 123 ? 2.173   -9.991  0.623   1.00 34.85 ? 123 PHE X N   1 
ATOM   980  C CA  . PHE A 1 123 ? 2.924   -9.314  -0.420  1.00 35.03 ? 123 PHE X CA  1 
ATOM   981  C C   . PHE A 1 123 ? 3.760   -10.332 -1.182  1.00 35.15 ? 123 PHE X C   1 
ATOM   982  O O   . PHE A 1 123 ? 4.352   -11.221 -0.580  1.00 34.94 ? 123 PHE X O   1 
ATOM   983  C CB  . PHE A 1 123 ? 3.832   -8.246  0.205   1.00 34.89 ? 123 PHE X CB  1 
ATOM   984  C CG  . PHE A 1 123 ? 4.281   -7.179  -0.760  1.00 34.98 ? 123 PHE X CG  1 
ATOM   985  C CD1 . PHE A 1 123 ? 3.385   -6.237  -1.242  1.00 35.00 ? 123 PHE X CD1 1 
ATOM   986  C CD2 . PHE A 1 123 ? 5.599   -7.115  -1.178  1.00 34.86 ? 123 PHE X CD2 1 
ATOM   987  C CE1 . PHE A 1 123 ? 3.798   -5.256  -2.120  1.00 34.98 ? 123 PHE X CE1 1 
ATOM   988  C CE2 . PHE A 1 123 ? 6.016   -6.137  -2.060  1.00 34.74 ? 123 PHE X CE2 1 
ATOM   989  C CZ  . PHE A 1 123 ? 5.118   -5.209  -2.531  1.00 34.90 ? 123 PHE X CZ  1 
ATOM   990  N N   . PRO A 1 124 ? 3.800   -10.215 -2.519  1.00 35.83 ? 124 PRO X N   1 
ATOM   991  C CA  . PRO A 1 124 ? 4.595   -11.146 -3.315  1.00 36.39 ? 124 PRO X CA  1 
ATOM   992  C C   . PRO A 1 124 ? 6.075   -11.050 -2.985  1.00 36.73 ? 124 PRO X C   1 
ATOM   993  O O   . PRO A 1 124 ? 6.563   -9.965  -2.658  1.00 36.35 ? 124 PRO X O   1 
ATOM   994  C CB  . PRO A 1 124 ? 4.332   -10.696 -4.759  1.00 36.50 ? 124 PRO X CB  1 
ATOM   995  C CG  . PRO A 1 124 ? 3.817   -9.307  -4.658  1.00 36.18 ? 124 PRO X CG  1 
ATOM   996  C CD  . PRO A 1 124 ? 3.110   -9.217  -3.351  1.00 36.04 ? 124 PRO X CD  1 
ATOM   997  N N   . PRO A 1 125 ? 6.789   -12.183 -3.070  1.00 37.49 ? 125 PRO X N   1 
ATOM   998  C CA  . PRO A 1 125 ? 8.239   -12.213 -2.898  1.00 38.09 ? 125 PRO X CA  1 
ATOM   999  C C   . PRO A 1 125 ? 8.938   -11.285 -3.879  1.00 38.80 ? 125 PRO X C   1 
ATOM   1000 O O   . PRO A 1 125 ? 8.485   -11.129 -5.016  1.00 39.25 ? 125 PRO X O   1 
ATOM   1001 C CB  . PRO A 1 125 ? 8.611   -13.671 -3.197  1.00 38.01 ? 125 PRO X CB  1 
ATOM   1002 C CG  . PRO A 1 125 ? 7.351   -14.447 -3.005  1.00 38.01 ? 125 PRO X CG  1 
ATOM   1003 C CD  . PRO A 1 125 ? 6.232   -13.517 -3.358  1.00 37.74 ? 125 PRO X CD  1 
ATOM   1004 N N   . TYR A 1 126 ? 10.026  -10.672 -3.427  1.00 39.26 ? 126 TYR X N   1 
ATOM   1005 C CA  . TYR A 1 126 ? 10.847  -9.812  -4.263  1.00 39.78 ? 126 TYR X CA  1 
ATOM   1006 C C   . TYR A 1 126 ? 12.299  -9.894  -3.791  1.00 40.74 ? 126 TYR X C   1 
ATOM   1007 O O   . TYR A 1 126 ? 12.563  -10.307 -2.659  1.00 40.57 ? 126 TYR X O   1 
ATOM   1008 C CB  . TYR A 1 126 ? 10.341  -8.367  -4.203  1.00 38.84 ? 126 TYR X CB  1 
ATOM   1009 C CG  . TYR A 1 126 ? 10.361  -7.749  -2.817  1.00 38.73 ? 126 TYR X CG  1 
ATOM   1010 C CD1 . TYR A 1 126 ? 11.450  -7.001  -2.384  1.00 38.49 ? 126 TYR X CD1 1 
ATOM   1011 C CD2 . TYR A 1 126 ? 9.291   -7.908  -1.944  1.00 38.53 ? 126 TYR X CD2 1 
ATOM   1012 C CE1 . TYR A 1 126 ? 11.476  -6.436  -1.128  1.00 38.56 ? 126 TYR X CE1 1 
ATOM   1013 C CE2 . TYR A 1 126 ? 9.306   -7.341  -0.684  1.00 38.52 ? 126 TYR X CE2 1 
ATOM   1014 C CZ  . TYR A 1 126 ? 10.404  -6.608  -0.280  1.00 38.68 ? 126 TYR X CZ  1 
ATOM   1015 O OH  . TYR A 1 126 ? 10.434  -6.037  0.971   1.00 38.51 ? 126 TYR X OH  1 
ATOM   1016 N N   . THR A 1 127 ? 13.229  -9.522  -4.670  1.00 42.08 ? 127 THR X N   1 
ATOM   1017 C CA  . THR A 1 127 ? 14.665  -9.596  -4.378  1.00 42.95 ? 127 THR X CA  1 
ATOM   1018 C C   . THR A 1 127 ? 15.299  -8.212  -4.387  1.00 43.56 ? 127 THR X C   1 
ATOM   1019 O O   . THR A 1 127 ? 14.989  -7.383  -5.246  1.00 43.78 ? 127 THR X O   1 
ATOM   1020 C CB  . THR A 1 127 ? 15.419  -10.435 -5.431  1.00 43.16 ? 127 THR X CB  1 
ATOM   1021 O OG1 . THR A 1 127 ? 14.563  -11.462 -5.943  1.00 43.90 ? 127 THR X OG1 1 
ATOM   1022 C CG2 . THR A 1 127 ? 16.662  -11.059 -4.828  1.00 42.83 ? 127 THR X CG2 1 
ATOM   1023 N N   . PHE A 1 128 ? 16.208  -7.969  -3.448  1.00 44.76 ? 128 PHE X N   1 
ATOM   1024 C CA  . PHE A 1 128 ? 16.983  -6.733  -3.455  1.00 45.33 ? 128 PHE X CA  1 
ATOM   1025 C C   . PHE A 1 128 ? 18.000  -6.730  -4.593  1.00 45.89 ? 128 PHE X C   1 
ATOM   1026 O O   . PHE A 1 128 ? 18.649  -5.716  -4.858  1.00 46.18 ? 128 PHE X O   1 
ATOM   1027 C CB  . PHE A 1 128 ? 17.688  -6.537  -2.113  1.00 46.04 ? 128 PHE X CB  1 
ATOM   1028 C CG  . PHE A 1 128 ? 16.754  -6.182  -0.985  1.00 46.20 ? 128 PHE X CG  1 
ATOM   1029 C CD1 . PHE A 1 128 ? 16.340  -4.875  -0.795  1.00 46.10 ? 128 PHE X CD1 1 
ATOM   1030 C CD2 . PHE A 1 128 ? 16.285  -7.158  -0.119  1.00 46.41 ? 128 PHE X CD2 1 
ATOM   1031 C CE1 . PHE A 1 128 ? 15.485  -4.551  0.236   1.00 46.15 ? 128 PHE X CE1 1 
ATOM   1032 C CE2 . PHE A 1 128 ? 15.425  -6.835  0.916   1.00 46.21 ? 128 PHE X CE2 1 
ATOM   1033 C CZ  . PHE A 1 128 ? 15.025  -5.532  1.091   1.00 46.11 ? 128 PHE X CZ  1 
ATOM   1034 N N   . GLU A 1 129 ? 18.127  -7.861  -5.276  1.00 46.37 ? 129 GLU X N   1 
ATOM   1035 C CA  . GLU A 1 129 ? 18.862  -7.898  -6.536  1.00 46.73 ? 129 GLU X CA  1 
ATOM   1036 C C   . GLU A 1 129 ? 18.138  -7.073  -7.593  1.00 46.54 ? 129 GLU X C   1 
ATOM   1037 O O   . GLU A 1 129 ? 18.729  -6.685  -8.600  1.00 46.55 ? 129 GLU X O   1 
ATOM   1038 C CB  . GLU A 1 129 ? 19.038  -9.340  -7.018  1.00 47.54 ? 129 GLU X CB  1 
ATOM   1039 C CG  . GLU A 1 129 ? 20.492  -9.794  -7.095  1.00 48.26 ? 129 GLU X CG  1 
ATOM   1040 C CD  . GLU A 1 129 ? 20.782  -10.640 -8.327  1.00 48.69 ? 129 GLU X CD  1 
ATOM   1041 O OE1 . GLU A 1 129 ? 21.317  -11.763 -8.168  1.00 49.55 ? 129 GLU X OE1 1 
ATOM   1042 O OE2 . GLU A 1 129 ? 20.476  -10.182 -9.453  1.00 49.66 ? 129 GLU X OE2 1 
ATOM   1043 N N   . ASP A 1 130 ? 16.859  -6.804  -7.354  1.00 45.92 ? 130 ASP X N   1 
ATOM   1044 C CA  . ASP A 1 130 ? 16.021  -6.129  -8.337  1.00 45.34 ? 130 ASP X CA  1 
ATOM   1045 C C   . ASP A 1 130 ? 15.767  -4.681  -7.929  1.00 44.39 ? 130 ASP X C   1 
ATOM   1046 O O   . ASP A 1 130 ? 15.253  -3.894  -8.714  1.00 44.20 ? 130 ASP X O   1 
ATOM   1047 C CB  . ASP A 1 130 ? 14.681  -6.857  -8.491  1.00 45.85 ? 130 ASP X CB  1 
ATOM   1048 C CG  . ASP A 1 130 ? 14.811  -8.171  -9.238  1.00 46.44 ? 130 ASP X CG  1 
ATOM   1049 O OD1 . ASP A 1 130 ? 13.766  -8.769  -9.571  1.00 46.84 ? 130 ASP X OD1 1 
ATOM   1050 O OD2 . ASP A 1 130 ? 15.953  -8.611  -9.488  1.00 47.02 ? 130 ASP X OD2 1 
ATOM   1051 N N   . TRP A 1 131 ? 16.128  -4.343  -6.695  1.00 43.71 ? 131 TRP X N   1 
ATOM   1052 C CA  . TRP A 1 131 ? 15.570  -3.173  -6.017  1.00 43.23 ? 131 TRP X CA  1 
ATOM   1053 C C   . TRP A 1 131 ? 16.645  -2.481  -5.191  1.00 43.04 ? 131 TRP X C   1 
ATOM   1054 O O   . TRP A 1 131 ? 17.244  -3.090  -4.308  1.00 43.37 ? 131 TRP X O   1 
ATOM   1055 C CB  . TRP A 1 131 ? 14.418  -3.580  -5.096  1.00 42.38 ? 131 TRP X CB  1 
ATOM   1056 C CG  . TRP A 1 131 ? 13.193  -4.009  -5.832  1.00 42.13 ? 131 TRP X CG  1 
ATOM   1057 C CD1 . TRP A 1 131 ? 12.789  -5.286  -6.077  1.00 41.95 ? 131 TRP X CD1 1 
ATOM   1058 C CD2 . TRP A 1 131 ? 12.210  -3.154  -6.428  1.00 42.07 ? 131 TRP X CD2 1 
ATOM   1059 N NE1 . TRP A 1 131 ? 11.614  -5.282  -6.789  1.00 42.05 ? 131 TRP X NE1 1 
ATOM   1060 C CE2 . TRP A 1 131 ? 11.240  -3.984  -7.018  1.00 42.00 ? 131 TRP X CE2 1 
ATOM   1061 C CE3 . TRP A 1 131 ? 12.060  -1.768  -6.520  1.00 41.95 ? 131 TRP X CE3 1 
ATOM   1062 C CZ2 . TRP A 1 131 ? 10.135  -3.475  -7.690  1.00 42.05 ? 131 TRP X CZ2 1 
ATOM   1063 C CZ3 . TRP A 1 131 ? 10.963  -1.265  -7.188  1.00 42.04 ? 131 TRP X CZ3 1 
ATOM   1064 C CH2 . TRP A 1 131 ? 10.015  -2.115  -7.764  1.00 42.13 ? 131 TRP X CH2 1 
ATOM   1065 N N   . GLU A 1 132 ? 16.878  -1.206  -5.474  1.00 42.75 ? 132 GLU X N   1 
ATOM   1066 C CA  . GLU A 1 132 ? 17.903  -0.446  -4.774  1.00 42.45 ? 132 GLU X CA  1 
ATOM   1067 C C   . GLU A 1 132 ? 17.302  0.296   -3.583  1.00 41.79 ? 132 GLU X C   1 
ATOM   1068 O O   . GLU A 1 132 ? 16.202  0.843   -3.667  1.00 41.80 ? 132 GLU X O   1 
ATOM   1069 C CB  . GLU A 1 132 ? 18.575  0.541   -5.733  1.00 42.80 ? 132 GLU X CB  1 
ATOM   1070 C CG  . GLU A 1 132 ? 19.324  1.652   -5.041  1.00 43.19 ? 132 GLU X CG  1 
ATOM   1071 C CD  . GLU A 1 132 ? 20.234  2.420   -5.979  1.00 43.70 ? 132 GLU X CD  1 
ATOM   1072 O OE1 . GLU A 1 132 ? 21.277  2.925   -5.509  1.00 44.76 ? 132 GLU X OE1 1 
ATOM   1073 O OE2 . GLU A 1 132 ? 19.906  2.532   -7.181  1.00 44.61 ? 132 GLU X OE2 1 
ATOM   1074 N N   . VAL A 1 133 ? 18.030  0.304   -2.470  1.00 40.95 ? 133 VAL X N   1 
ATOM   1075 C CA  . VAL A 1 133 ? 17.559  0.943   -1.248  1.00 40.33 ? 133 VAL X CA  1 
ATOM   1076 C C   . VAL A 1 133 ? 17.898  2.431   -1.282  1.00 39.81 ? 133 VAL X C   1 
ATOM   1077 O O   . VAL A 1 133 ? 19.021  2.834   -0.975  1.00 39.73 ? 133 VAL X O   1 
ATOM   1078 C CB  . VAL A 1 133 ? 18.190  0.291   0.002   1.00 40.27 ? 133 VAL X CB  1 
ATOM   1079 C CG1 . VAL A 1 133 ? 17.639  0.918   1.278   1.00 39.92 ? 133 VAL X CG1 1 
ATOM   1080 C CG2 . VAL A 1 133 ? 17.958  -1.214  -0.008  1.00 40.13 ? 133 VAL X CG2 1 
ATOM   1081 N N   . ALA A 1 134 ? 16.927  3.244   -1.679  1.00 39.08 ? 134 ALA X N   1 
ATOM   1082 C CA  . ALA A 1 134 ? 17.124  4.682   -1.735  1.00 38.84 ? 134 ALA X CA  1 
ATOM   1083 C C   . ALA A 1 134 ? 17.181  5.236   -0.321  1.00 38.49 ? 134 ALA X C   1 
ATOM   1084 O O   . ALA A 1 134 ? 17.846  6.242   -0.059  1.00 38.56 ? 134 ALA X O   1 
ATOM   1085 C CB  . ALA A 1 134 ? 16.002  5.342   -2.521  1.00 38.53 ? 134 ALA X CB  1 
ATOM   1086 N N   . SER A 1 135 ? 16.475  4.575   0.592   1.00 38.14 ? 135 SER X N   1 
ATOM   1087 C CA  . SER A 1 135 ? 16.574  4.900   2.004   1.00 38.17 ? 135 SER X CA  1 
ATOM   1088 C C   . SER A 1 135 ? 15.948  3.840   2.906   1.00 38.28 ? 135 SER X C   1 
ATOM   1089 O O   . SER A 1 135 ? 15.031  3.107   2.518   1.00 37.66 ? 135 SER X O   1 
ATOM   1090 C CB  . SER A 1 135 ? 15.936  6.261   2.286   1.00 37.84 ? 135 SER X CB  1 
ATOM   1091 O OG  . SER A 1 135 ? 14.570  6.267   1.937   1.00 37.71 ? 135 SER X OG  1 
ATOM   1092 N N   . SER A 1 136 ? 16.470  3.785   4.121   1.00 38.49 ? 136 SER X N   1 
ATOM   1093 C CA  . SER A 1 136 ? 16.003  2.875   5.141   1.00 38.66 ? 136 SER X CA  1 
ATOM   1094 C C   . SER A 1 136 ? 16.048  3.626   6.460   1.00 39.21 ? 136 SER X C   1 
ATOM   1095 O O   . SER A 1 136 ? 17.119  4.034   6.910   1.00 39.39 ? 136 SER X O   1 
ATOM   1096 C CB  . SER A 1 136 ? 16.903  1.644   5.190   1.00 38.26 ? 136 SER X CB  1 
ATOM   1097 O OG  . SER A 1 136 ? 16.532  0.772   6.238   1.00 38.09 ? 136 SER X OG  1 
ATOM   1098 N N   . VAL A 1 137 ? 14.878  3.835   7.055   1.00 39.71 ? 137 VAL X N   1 
ATOM   1099 C CA  . VAL A 1 137 ? 14.758  4.578   8.304   1.00 40.24 ? 137 VAL X CA  1 
ATOM   1100 C C   . VAL A 1 137 ? 14.022  3.754   9.364   1.00 40.83 ? 137 VAL X C   1 
ATOM   1101 O O   . VAL A 1 137 ? 12.850  3.429   9.204   1.00 40.24 ? 137 VAL X O   1 
ATOM   1102 C CB  . VAL A 1 137 ? 13.993  5.894   8.094   1.00 39.91 ? 137 VAL X CB  1 
ATOM   1103 C CG1 . VAL A 1 137 ? 13.942  6.691   9.385   1.00 39.89 ? 137 VAL X CG1 1 
ATOM   1104 C CG2 . VAL A 1 137 ? 14.634  6.711   6.983   1.00 39.91 ? 137 VAL X CG2 1 
ATOM   1105 N N   . GLU A 1 138 ? 14.716  3.423   10.447  1.00 41.90 ? 138 GLU X N   1 
ATOM   1106 C CA  . GLU A 1 138 ? 14.070  2.851   11.620  1.00 42.88 ? 138 GLU X CA  1 
ATOM   1107 C C   . GLU A 1 138 ? 12.944  3.740   12.131  1.00 43.37 ? 138 GLU X C   1 
ATOM   1108 O O   . GLU A 1 138 ? 13.158  4.910   12.457  1.00 43.24 ? 138 GLU X O   1 
ATOM   1109 C CB  . GLU A 1 138 ? 15.087  2.656   12.734  1.00 43.36 ? 138 GLU X CB  1 
ATOM   1110 C CG  . GLU A 1 138 ? 16.023  1.491   12.536  1.00 43.80 ? 138 GLU X CG  1 
ATOM   1111 C CD  . GLU A 1 138 ? 16.920  1.298   13.735  1.00 44.20 ? 138 GLU X CD  1 
ATOM   1112 O OE1 . GLU A 1 138 ? 16.429  1.495   14.870  1.00 44.74 ? 138 GLU X OE1 1 
ATOM   1113 O OE2 . GLU A 1 138 ? 18.111  0.966   13.546  1.00 45.35 ? 138 GLU X OE2 1 
ATOM   1114 N N   . GLY A 1 139 ? 11.744  3.177   12.211  1.00 43.94 ? 139 GLY X N   1 
ATOM   1115 C CA  . GLY A 1 139 ? 10.649  3.820   12.916  1.00 44.57 ? 139 GLY X CA  1 
ATOM   1116 C C   . GLY A 1 139 ? 10.913  3.852   14.404  1.00 45.27 ? 139 GLY X C   1 
ATOM   1117 O O   . GLY A 1 139 ? 11.641  3.010   14.934  1.00 45.06 ? 139 GLY X O   1 
ATOM   1118 N N   . LYS A 1 140 ? 10.322  4.832   15.081  1.00 46.18 ? 140 LYS X N   1 
ATOM   1119 C CA  . LYS A 1 140 ? 10.603  5.055   16.489  1.00 46.96 ? 140 LYS X CA  1 
ATOM   1120 C C   . LYS A 1 140 ? 9.606   4.292   17.352  1.00 47.50 ? 140 LYS X C   1 
ATOM   1121 O O   . LYS A 1 140 ? 8.407   4.278   17.078  1.00 47.66 ? 140 LYS X O   1 
ATOM   1122 C CB  . LYS A 1 140 ? 10.556  6.551   16.815  1.00 47.37 ? 140 LYS X CB  1 
ATOM   1123 C CG  . LYS A 1 140 ? 11.281  7.439   15.799  1.00 47.55 ? 140 LYS X CG  1 
ATOM   1124 C CD  . LYS A 1 140 ? 12.752  7.602   16.129  1.00 47.66 ? 140 LYS X CD  1 
ATOM   1125 C CE  . LYS A 1 140 ? 13.185  9.061   16.001  1.00 47.85 ? 140 LYS X CE  1 
ATOM   1126 N NZ  . LYS A 1 140 ? 14.663  9.230   15.857  1.00 47.63 ? 140 LYS X NZ  1 
ATOM   1127 N N   . LEU A 1 141 ? 10.117  3.644   18.390  1.00 48.30 ? 141 LEU X N   1 
ATOM   1128 C CA  . LEU A 1 141 ? 9.271   2.931   19.333  1.00 48.90 ? 141 LEU X CA  1 
ATOM   1129 C C   . LEU A 1 141 ? 8.816   3.860   20.452  1.00 49.49 ? 141 LEU X C   1 
ATOM   1130 O O   . LEU A 1 141 ? 9.469   4.859   20.755  1.00 49.79 ? 141 LEU X O   1 
ATOM   1131 C CB  . LEU A 1 141 ? 10.026  1.745   19.924  1.00 49.15 ? 141 LEU X CB  1 
ATOM   1132 C CG  . LEU A 1 141 ? 10.186  0.533   19.006  1.00 49.16 ? 141 LEU X CG  1 
ATOM   1133 C CD1 . LEU A 1 141 ? 9.997   -0.747  19.798  1.00 49.24 ? 141 LEU X CD1 1 
ATOM   1134 C CD2 . LEU A 1 141 ? 9.204   0.605   17.846  1.00 49.41 ? 141 LEU X CD2 1 
ATOM   1135 N N   . ASP A 1 142 ? 7.688   3.527   21.061  1.00 50.10 ? 142 ASP X N   1 
ATOM   1136 C CA  . ASP A 1 142 ? 7.145   4.333   22.137  1.00 50.39 ? 142 ASP X CA  1 
ATOM   1137 C C   . ASP A 1 142 ? 5.872   3.686   22.653  1.00 50.92 ? 142 ASP X C   1 
ATOM   1138 O O   . ASP A 1 142 ? 5.560   2.543   22.304  1.00 51.23 ? 142 ASP X O   1 
ATOM   1139 C CB  . ASP A 1 142 ? 6.863   5.753   21.645  1.00 50.65 ? 142 ASP X CB  1 
ATOM   1140 C CG  . ASP A 1 142 ? 5.736   5.806   20.637  1.00 50.76 ? 142 ASP X CG  1 
ATOM   1141 O OD1 . ASP A 1 142 ? 5.618   6.827   19.929  1.00 50.94 ? 142 ASP X OD1 1 
ATOM   1142 O OD2 . ASP A 1 142 ? 4.963   4.832   20.552  1.00 51.13 ? 142 ASP X OD2 1 
ATOM   1143 N N   . GLU A 1 143 ? 5.134   4.409   23.486  1.00 51.24 ? 143 GLU X N   1 
ATOM   1144 C CA  . GLU A 1 143 ? 4.010   3.810   24.182  1.00 51.13 ? 143 GLU X CA  1 
ATOM   1145 C C   . GLU A 1 143 ? 3.009   3.267   23.167  1.00 50.91 ? 143 GLU X C   1 
ATOM   1146 O O   . GLU A 1 143 ? 2.486   2.162   23.327  1.00 51.29 ? 143 GLU X O   1 
ATOM   1147 C CB  . GLU A 1 143 ? 3.346   4.827   25.111  1.00 52.19 ? 143 GLU X CB  1 
ATOM   1148 C CG  . GLU A 1 143 ? 2.838   4.223   26.423  1.00 52.95 ? 143 GLU X CG  1 
ATOM   1149 C CD  . GLU A 1 143 ? 3.952   3.612   27.265  1.00 53.59 ? 143 GLU X CD  1 
ATOM   1150 O OE1 . GLU A 1 143 ? 3.656   2.706   28.081  1.00 53.80 ? 143 GLU X OE1 1 
ATOM   1151 O OE2 . GLU A 1 143 ? 5.120   4.038   27.114  1.00 54.12 ? 143 GLU X OE2 1 
ATOM   1152 N N   . LYS A 1 144 ? 2.757   4.038   22.113  1.00 50.17 ? 144 LYS X N   1 
ATOM   1153 C CA  . LYS A 1 144 ? 1.653   3.747   21.201  1.00 49.51 ? 144 LYS X CA  1 
ATOM   1154 C C   . LYS A 1 144 ? 2.130   3.068   19.914  1.00 48.67 ? 144 LYS X C   1 
ATOM   1155 O O   . LYS A 1 144 ? 1.320   2.625   19.099  1.00 48.66 ? 144 LYS X O   1 
ATOM   1156 C CB  . LYS A 1 144 ? 0.900   5.035   20.866  1.00 50.01 ? 144 LYS X CB  1 
ATOM   1157 C CG  . LYS A 1 144 ? 0.218   5.669   22.071  1.00 50.17 ? 144 LYS X CG  1 
ATOM   1158 C CD  . LYS A 1 144 ? -0.150  7.122   21.808  1.00 50.37 ? 144 LYS X CD  1 
ATOM   1159 C CE  . LYS A 1 144 ? -1.116  7.651   22.869  1.00 50.56 ? 144 LYS X CE  1 
ATOM   1160 N NZ  . LYS A 1 144 ? -1.218  6.738   24.047  1.00 50.86 ? 144 LYS X NZ  1 
ATOM   1161 N N   . ASN A 1 145 ? 3.446   2.989   19.738  1.00 47.58 ? 145 ASN X N   1 
ATOM   1162 C CA  . ASN A 1 145 ? 4.042   2.231   18.642  1.00 46.44 ? 145 ASN X CA  1 
ATOM   1163 C C   . ASN A 1 145 ? 5.090   1.254   19.164  1.00 45.53 ? 145 ASN X C   1 
ATOM   1164 O O   . ASN A 1 145 ? 6.232   1.642   19.407  1.00 45.51 ? 145 ASN X O   1 
ATOM   1165 C CB  . ASN A 1 145 ? 4.702   3.180   17.636  1.00 46.27 ? 145 ASN X CB  1 
ATOM   1166 C CG  . ASN A 1 145 ? 3.714   4.131   16.986  1.00 46.11 ? 145 ASN X CG  1 
ATOM   1167 O OD1 . ASN A 1 145 ? 3.143   3.833   15.934  1.00 46.02 ? 145 ASN X OD1 1 
ATOM   1168 N ND2 . ASN A 1 145 ? 3.515   5.286   17.605  1.00 46.13 ? 145 ASN X ND2 1 
ATOM   1169 N N   . THR A 1 146 ? 4.698   -0.005  19.337  1.00 44.27 ? 146 THR X N   1 
ATOM   1170 C CA  . THR A 1 146 ? 5.432   -0.932  20.195  1.00 43.46 ? 146 THR X CA  1 
ATOM   1171 C C   . THR A 1 146 ? 6.023   -2.066  19.368  1.00 42.34 ? 146 THR X C   1 
ATOM   1172 O O   . THR A 1 146 ? 6.710   -2.939  19.893  1.00 42.13 ? 146 THR X O   1 
ATOM   1173 C CB  . THR A 1 146 ? 4.530   -1.544  21.294  1.00 43.69 ? 146 THR X CB  1 
ATOM   1174 O OG1 . THR A 1 146 ? 3.590   -2.454  20.704  1.00 44.03 ? 146 THR X OG1 1 
ATOM   1175 C CG2 . THR A 1 146 ? 3.781   -0.458  22.047  1.00 43.84 ? 146 THR X CG2 1 
ATOM   1176 N N   . ILE A 1 147 ? 5.750   -2.040  18.068  1.00 41.24 ? 147 ILE X N   1 
ATOM   1177 C CA  . ILE A 1 147 ? 6.354   -2.975  17.129  1.00 40.55 ? 147 ILE X CA  1 
ATOM   1178 C C   . ILE A 1 147 ? 7.505   -2.312  16.374  1.00 39.25 ? 147 ILE X C   1 
ATOM   1179 O O   . ILE A 1 147 ? 7.324   -1.276  15.745  1.00 38.48 ? 147 ILE X O   1 
ATOM   1180 C CB  . ILE A 1 147 ? 5.308   -3.467  16.117  1.00 40.72 ? 147 ILE X CB  1 
ATOM   1181 C CG1 . ILE A 1 147 ? 3.973   -3.711  16.831  1.00 41.06 ? 147 ILE X CG1 1 
ATOM   1182 C CG2 . ILE A 1 147 ? 5.799   -4.727  15.414  1.00 40.82 ? 147 ILE X CG2 1 
ATOM   1183 C CD1 . ILE A 1 147 ? 2.744   -3.563  15.943  1.00 40.81 ? 147 ILE X CD1 1 
ATOM   1184 N N   . PRO A 1 148 ? 8.698   -2.918  16.425  1.00 38.36 ? 148 PRO X N   1 
ATOM   1185 C CA  . PRO A 1 148 ? 9.799   -2.407  15.616  1.00 37.99 ? 148 PRO X CA  1 
ATOM   1186 C C   . PRO A 1 148 ? 9.463   -2.428  14.133  1.00 37.31 ? 148 PRO X C   1 
ATOM   1187 O O   . PRO A 1 148 ? 8.828   -3.366  13.645  1.00 36.98 ? 148 PRO X O   1 
ATOM   1188 C CB  . PRO A 1 148 ? 10.953  -3.366  15.924  1.00 38.21 ? 148 PRO X CB  1 
ATOM   1189 C CG  . PRO A 1 148 ? 10.564  -4.087  17.170  1.00 38.25 ? 148 PRO X CG  1 
ATOM   1190 C CD  . PRO A 1 148 ? 9.076   -4.098  17.218  1.00 38.26 ? 148 PRO X CD  1 
ATOM   1191 N N   . HIS A 1 149 ? 9.868   -1.387  13.421  1.00 36.52 ? 149 HIS X N   1 
ATOM   1192 C CA  . HIS A 1 149 ? 9.497   -1.249  12.022  1.00 36.21 ? 149 HIS X CA  1 
ATOM   1193 C C   . HIS A 1 149 ? 10.471  -0.341  11.285  1.00 35.93 ? 149 HIS X C   1 
ATOM   1194 O O   . HIS A 1 149 ? 11.114  0.526   11.884  1.00 35.47 ? 149 HIS X O   1 
ATOM   1195 C CB  . HIS A 1 149 ? 8.065   -0.723  11.888  1.00 35.63 ? 149 HIS X CB  1 
ATOM   1196 C CG  . HIS A 1 149 ? 7.807   0.545   12.643  1.00 35.51 ? 149 HIS X CG  1 
ATOM   1197 N ND1 . HIS A 1 149 ? 7.668   0.583   14.014  1.00 35.27 ? 149 HIS X ND1 1 
ATOM   1198 C CD2 . HIS A 1 149 ? 7.647   1.820   12.214  1.00 35.23 ? 149 HIS X CD2 1 
ATOM   1199 C CE1 . HIS A 1 149 ? 7.445   1.828   14.397  1.00 35.43 ? 149 HIS X CE1 1 
ATOM   1200 N NE2 . HIS A 1 149 ? 7.424   2.597   13.324  1.00 35.08 ? 149 HIS X NE2 1 
ATOM   1201 N N   . THR A 1 150 ? 10.577  -0.560  9.980   1.00 35.72 ? 150 THR X N   1 
ATOM   1202 C CA  . THR A 1 150 ? 11.546  0.137   9.152   1.00 35.69 ? 150 THR X CA  1 
ATOM   1203 C C   . THR A 1 150 ? 10.885  0.631   7.879   1.00 35.41 ? 150 THR X C   1 
ATOM   1204 O O   . THR A 1 150 ? 10.314  -0.151  7.125   1.00 35.22 ? 150 THR X O   1 
ATOM   1205 C CB  . THR A 1 150 ? 12.708  -0.787  8.776   1.00 35.74 ? 150 THR X CB  1 
ATOM   1206 O OG1 . THR A 1 150 ? 13.269  -1.338  9.972   1.00 36.16 ? 150 THR X OG1 1 
ATOM   1207 C CG2 . THR A 1 150 ? 13.780  -0.025  8.005   1.00 35.59 ? 150 THR X CG2 1 
ATOM   1208 N N   . PHE A 1 151 ? 10.966  1.936   7.652   1.00 35.35 ? 151 PHE X N   1 
ATOM   1209 C CA  . PHE A 1 151 ? 10.553  2.523   6.387   1.00 35.34 ? 151 PHE X CA  1 
ATOM   1210 C C   . PHE A 1 151 ? 11.631  2.343   5.316   1.00 35.14 ? 151 PHE X C   1 
ATOM   1211 O O   . PHE A 1 151 ? 12.734  2.885   5.433   1.00 35.05 ? 151 PHE X O   1 
ATOM   1212 C CB  . PHE A 1 151 ? 10.228  4.005   6.589   1.00 35.69 ? 151 PHE X CB  1 
ATOM   1213 C CG  . PHE A 1 151 ? 9.230   4.257   7.691   1.00 35.77 ? 151 PHE X CG  1 
ATOM   1214 C CD1 . PHE A 1 151 ? 7.898   3.903   7.534   1.00 35.69 ? 151 PHE X CD1 1 
ATOM   1215 C CD2 . PHE A 1 151 ? 9.624   4.843   8.883   1.00 36.04 ? 151 PHE X CD2 1 
ATOM   1216 C CE1 . PHE A 1 151 ? 6.978   4.132   8.539   1.00 35.64 ? 151 PHE X CE1 1 
ATOM   1217 C CE2 . PHE A 1 151 ? 8.706   5.076   9.894   1.00 36.02 ? 151 PHE X CE2 1 
ATOM   1218 C CZ  . PHE A 1 151 ? 7.378   4.717   9.719   1.00 35.91 ? 151 PHE X CZ  1 
ATOM   1219 N N   . LEU A 1 152 ? 11.299  1.569   4.281   1.00 34.94 ? 152 LEU X N   1 
ATOM   1220 C CA  . LEU A 1 152 ? 12.143  1.424   3.096   1.00 35.05 ? 152 LEU X CA  1 
ATOM   1221 C C   . LEU A 1 152 ? 11.546  2.164   1.908   1.00 35.51 ? 152 LEU X C   1 
ATOM   1222 O O   . LEU A 1 152 ? 10.361  2.024   1.604   1.00 35.48 ? 152 LEU X O   1 
ATOM   1223 C CB  . LEU A 1 152 ? 12.286  -0.048  2.709   1.00 34.83 ? 152 LEU X CB  1 
ATOM   1224 C CG  . LEU A 1 152 ? 12.945  -1.010  3.694   1.00 34.75 ? 152 LEU X CG  1 
ATOM   1225 C CD1 . LEU A 1 152 ? 12.975  -2.408  3.089   1.00 34.18 ? 152 LEU X CD1 1 
ATOM   1226 C CD2 . LEU A 1 152 ? 14.356  -0.541  4.066   1.00 34.93 ? 152 LEU X CD2 1 
ATOM   1227 N N   . HIS A 1 153 ? 12.378  2.936   1.224   1.00 35.65 ? 153 HIS X N   1 
ATOM   1228 C CA  . HIS A 1 153 ? 12.085  3.349   -0.132  1.00 35.92 ? 153 HIS X CA  1 
ATOM   1229 C C   . HIS A 1 153 ? 12.988  2.583   -1.080  1.00 36.07 ? 153 HIS X C   1 
ATOM   1230 O O   . HIS A 1 153 ? 14.205  2.754   -1.057  1.00 35.99 ? 153 HIS X O   1 
ATOM   1231 C CB  . HIS A 1 153 ? 12.297  4.856   -0.270  1.00 35.64 ? 153 HIS X CB  1 
ATOM   1232 C CG  . HIS A 1 153 ? 11.916  5.404   -1.606  1.00 35.61 ? 153 HIS X CG  1 
ATOM   1233 N ND1 . HIS A 1 153 ? 12.460  6.565   -2.112  1.00 35.66 ? 153 HIS X ND1 1 
ATOM   1234 C CD2 . HIS A 1 153 ? 11.043  4.959   -2.539  1.00 35.44 ? 153 HIS X CD2 1 
ATOM   1235 C CE1 . HIS A 1 153 ? 11.939  6.811   -3.300  1.00 35.53 ? 153 HIS X CE1 1 
ATOM   1236 N NE2 . HIS A 1 153 ? 11.078  5.849   -3.584  1.00 35.70 ? 153 HIS X NE2 1 
ATOM   1237 N N   . LEU A 1 154 ? 12.385  1.720   -1.895  1.00 36.83 ? 154 LEU X N   1 
ATOM   1238 C CA  . LEU A 1 154 ? 13.127  0.938   -2.880  1.00 37.59 ? 154 LEU X CA  1 
ATOM   1239 C C   . LEU A 1 154 ? 12.816  1.419   -4.293  1.00 38.12 ? 154 LEU X C   1 
ATOM   1240 O O   . LEU A 1 154 ? 11.677  1.783   -4.600  1.00 38.18 ? 154 LEU X O   1 
ATOM   1241 C CB  . LEU A 1 154 ? 12.784  -0.549  -2.768  1.00 37.44 ? 154 LEU X CB  1 
ATOM   1242 C CG  . LEU A 1 154 ? 12.801  -1.187  -1.377  1.00 37.62 ? 154 LEU X CG  1 
ATOM   1243 C CD1 . LEU A 1 154 ? 12.423  -2.662  -1.484  1.00 37.62 ? 154 LEU X CD1 1 
ATOM   1244 C CD2 . LEU A 1 154 ? 14.162  -1.019  -0.702  1.00 37.54 ? 154 LEU X CD2 1 
ATOM   1245 N N   . ILE A 1 155 ? 13.831  1.409   -5.150  1.00 39.06 ? 155 ILE X N   1 
ATOM   1246 C CA  . ILE A 1 155 ? 13.675  1.835   -6.536  1.00 39.83 ? 155 ILE X CA  1 
ATOM   1247 C C   . ILE A 1 155 ? 14.179  0.747   -7.466  1.00 40.44 ? 155 ILE X C   1 
ATOM   1248 O O   . ILE A 1 155 ? 15.276  0.221   -7.291  1.00 40.32 ? 155 ILE X O   1 
ATOM   1249 C CB  . ILE A 1 155 ? 14.450  3.135   -6.841  1.00 39.91 ? 155 ILE X CB  1 
ATOM   1250 C CG1 . ILE A 1 155 ? 13.999  4.260   -5.914  1.00 39.84 ? 155 ILE X CG1 1 
ATOM   1251 C CG2 . ILE A 1 155 ? 14.244  3.555   -8.302  1.00 39.73 ? 155 ILE X CG2 1 
ATOM   1252 C CD1 . ILE A 1 155 ? 14.882  5.493   -5.990  1.00 40.29 ? 155 ILE X CD1 1 
ATOM   1253 N N   . ARG A 1 156 ? 13.363  0.405   -8.454  1.00 41.25 ? 156 ARG X N   1 
ATOM   1254 C CA  . ARG A 1 156 ? 13.695  -0.673  -9.358  1.00 42.12 ? 156 ARG X CA  1 
ATOM   1255 C C   . ARG A 1 156 ? 15.060  -0.401  -9.967  1.00 43.02 ? 156 ARG X C   1 
ATOM   1256 O O   . ARG A 1 156 ? 15.346  0.721   -10.370 1.00 42.71 ? 156 ARG X O   1 
ATOM   1257 C CB  . ARG A 1 156 ? 12.643  -0.784  -10.459 1.00 41.86 ? 156 ARG X CB  1 
ATOM   1258 C CG  . ARG A 1 156 ? 12.898  -1.919  -11.430 1.00 41.61 ? 156 ARG X CG  1 
ATOM   1259 C CD  . ARG A 1 156 ? 11.819  -1.987  -12.500 1.00 41.48 ? 156 ARG X CD  1 
ATOM   1260 N NE  . ARG A 1 156 ? 10.481  -1.838  -11.936 1.00 41.39 ? 156 ARG X NE  1 
ATOM   1261 C CZ  . ARG A 1 156 ? 9.741   -2.846  -11.482 1.00 41.27 ? 156 ARG X CZ  1 
ATOM   1262 N NH1 . ARG A 1 156 ? 10.205  -4.087  -11.520 1.00 40.94 ? 156 ARG X NH1 1 
ATOM   1263 N NH2 . ARG A 1 156 ? 8.535   -2.611  -10.987 1.00 41.19 ? 156 ARG X NH2 1 
ATOM   1264 N N   . LYS A 1 157 ? 15.899  -1.429  -10.030 1.00 44.41 ? 157 LYS X N   1 
ATOM   1265 C CA  . LYS A 1 157 ? 17.191  -1.312  -10.692 1.00 45.44 ? 157 LYS X CA  1 
ATOM   1266 C C   . LYS A 1 157 ? 17.029  -1.402  -12.205 1.00 47.58 ? 157 LYS X C   1 
ATOM   1267 O O   . LYS A 1 157 ? 16.278  -2.238  -12.717 1.00 47.61 ? 157 LYS X O   1 
ATOM   1268 C CB  . LYS A 1 157 ? 18.143  -2.398  -10.195 1.00 45.74 ? 157 LYS X CB  1 
ATOM   1269 C CG  . LYS A 1 157 ? 18.584  -2.212  -8.749  1.00 45.77 ? 157 LYS X CG  1 
ATOM   1270 C CD  . LYS A 1 157 ? 19.852  -2.994  -8.449  1.00 45.65 ? 157 LYS X CD  1 
ATOM   1271 C CE  . LYS A 1 157 ? 20.000  -3.255  -6.965  1.00 45.72 ? 157 LYS X CE  1 
ATOM   1272 N NZ  . LYS A 1 157 ? 21.066  -4.255  -6.690  1.00 45.94 ? 157 LYS X NZ  1 
ATOM   1273 N N   . LYS A 1 158 ? 17.721  -0.517  -12.914 1.00 49.57 ? 158 LYS X N   1 
ATOM   1274 C CA  . LYS A 1 158 ? 18.799  -0.912  -13.812 1.00 51.24 ? 158 LYS X CA  1 
ATOM   1275 C C   . LYS A 1 158 ? 18.918  0.106   -14.936 1.00 52.04 ? 158 LYS X C   1 
ATOM   1276 O O   . LYS A 1 158 ? 19.922  0.149   -15.648 1.00 52.99 ? 158 LYS X O   1 
ATOM   1277 C CB  . LYS A 1 158 ? 18.542  -2.302  -14.393 1.00 51.51 ? 158 LYS X CB  1 
ATOM   1278 C CG  . LYS A 1 158 ? 19.531  -3.364  -13.925 1.00 51.83 ? 158 LYS X CG  1 
ATOM   1279 C CD  . LYS A 1 158 ? 18.901  -4.753  -13.930 1.00 51.84 ? 158 LYS X CD  1 
ATOM   1280 C CE  . LYS A 1 158 ? 18.966  -5.404  -12.556 1.00 52.06 ? 158 LYS X CE  1 
ATOM   1281 N NZ  . LYS A 1 158 ? 17.756  -6.230  -12.258 1.00 51.99 ? 158 LYS X NZ  1 
ATOM   1282 O OXT . LYS A 1 158 ? 18.010  0.914   -15.156 1.00 52.87 ? 158 LYS X OXT 1 
HETATM 1283 P PA  . NDP B 2 .   ? -8.001  -6.362  -2.697  1.00 43.82 ? 301 NDP X PA  1 
HETATM 1284 O O1A . NDP B 2 .   ? -7.993  -5.189  -1.798  1.00 43.76 ? 301 NDP X O1A 1 
HETATM 1285 O O2A . NDP B 2 .   ? -6.807  -6.431  -3.570  1.00 43.40 ? 301 NDP X O2A 1 
HETATM 1286 O O5B . NDP B 2 .   ? -9.334  -6.328  -3.582  1.00 43.84 ? 301 NDP X O5B 1 
HETATM 1287 C C5B . NDP B 2 .   ? -9.658  -7.422  -4.403  1.00 43.61 ? 301 NDP X C5B 1 
HETATM 1288 C C4B . NDP B 2 .   ? -10.720 -6.931  -5.361  1.00 43.50 ? 301 NDP X C4B 1 
HETATM 1289 O O4B . NDP B 2 .   ? -10.209 -5.869  -6.147  1.00 43.58 ? 301 NDP X O4B 1 
HETATM 1290 C C3B . NDP B 2 .   ? -11.217 -7.959  -6.361  1.00 43.53 ? 301 NDP X C3B 1 
HETATM 1291 O O3B . NDP B 2 .   ? -12.132 -8.875  -5.810  1.00 43.21 ? 301 NDP X O3B 1 
HETATM 1292 C C2B . NDP B 2 .   ? -11.834 -7.020  -7.369  1.00 43.55 ? 301 NDP X C2B 1 
HETATM 1293 O O2B . NDP B 2 .   ? -13.033 -6.491  -6.871  1.00 43.37 ? 301 NDP X O2B 1 
HETATM 1294 C C1B . NDP B 2 .   ? -10.832 -5.882  -7.417  1.00 43.80 ? 301 NDP X C1B 1 
HETATM 1295 N N9A . NDP B 2 .   ? -9.857  -6.125  -8.487  1.00 43.81 ? 301 NDP X N9A 1 
HETATM 1296 C C8A . NDP B 2 .   ? -8.565  -6.553  -8.334  1.00 43.90 ? 301 NDP X C8A 1 
HETATM 1297 N N7A . NDP B 2 .   ? -8.002  -6.650  -9.560  1.00 43.89 ? 301 NDP X N7A 1 
HETATM 1298 C C5A . NDP B 2 .   ? -8.923  -6.298  -10.487 1.00 44.00 ? 301 NDP X C5A 1 
HETATM 1299 C C6A . NDP B 2 .   ? -8.876  -6.224  -11.875 1.00 43.95 ? 301 NDP X C6A 1 
HETATM 1300 N N6A . NDP B 2 .   ? -7.758  -6.536  -12.524 1.00 43.91 ? 301 NDP X N6A 1 
HETATM 1301 N N1A . NDP B 2 .   ? -9.996  -5.816  -12.574 1.00 43.91 ? 301 NDP X N1A 1 
HETATM 1302 C C2A . NDP B 2 .   ? -11.153 -5.491  -11.889 1.00 43.92 ? 301 NDP X C2A 1 
HETATM 1303 N N3A . NDP B 2 .   ? -11.194 -5.568  -10.512 1.00 44.01 ? 301 NDP X N3A 1 
HETATM 1304 C C4A . NDP B 2 .   ? -10.095 -5.965  -9.823  1.00 43.94 ? 301 NDP X C4A 1 
HETATM 1305 O O3  . NDP B 2 .   ? -8.208  -7.709  -1.847  1.00 44.32 ? 301 NDP X O3  1 
HETATM 1306 P PN  . NDP B 2 .   ? -7.181  -8.834  -1.332  1.00 44.45 ? 301 NDP X PN  1 
HETATM 1307 O O1N . NDP B 2 .   ? -6.261  -9.153  -2.441  1.00 44.75 ? 301 NDP X O1N 1 
HETATM 1308 O O2N . NDP B 2 .   ? -7.992  -9.910  -0.721  1.00 45.04 ? 301 NDP X O2N 1 
HETATM 1309 O O5D . NDP B 2 .   ? -6.368  -8.084  -0.158  1.00 44.24 ? 301 NDP X O5D 1 
HETATM 1310 C C5D . NDP B 2 .   ? -7.038  -7.533  0.956   1.00 44.32 ? 301 NDP X C5D 1 
HETATM 1311 C C4D . NDP B 2 .   ? -6.176  -7.672  2.209   1.00 44.36 ? 301 NDP X C4D 1 
HETATM 1312 O O4D . NDP B 2 .   ? -5.010  -6.874  2.103   1.00 44.27 ? 301 NDP X O4D 1 
HETATM 1313 C C3D . NDP B 2 .   ? -6.891  -7.215  3.470   1.00 44.41 ? 301 NDP X C3D 1 
HETATM 1314 O O3D . NDP B 2 .   ? -6.713  -8.158  4.501   1.00 44.87 ? 301 NDP X O3D 1 
HETATM 1315 C C2D . NDP B 2 .   ? -6.211  -5.929  3.869   1.00 44.14 ? 301 NDP X C2D 1 
HETATM 1316 O O2D . NDP B 2 .   ? -6.180  -5.789  5.269   1.00 44.23 ? 301 NDP X O2D 1 
HETATM 1317 C C1D . NDP B 2 .   ? -4.827  -6.111  3.278   1.00 43.86 ? 301 NDP X C1D 1 
HETATM 1318 N N1N . NDP B 2 .   ? -4.147  -4.844  2.962   1.00 43.77 ? 301 NDP X N1N 1 
HETATM 1319 C C2N . NDP B 2 .   ? -2.901  -4.645  3.477   1.00 43.51 ? 301 NDP X C2N 1 
HETATM 1320 C C3N . NDP B 2 .   ? -2.205  -3.479  3.204   1.00 43.27 ? 301 NDP X C3N 1 
HETATM 1321 C C7N . NDP B 2 .   ? -0.904  -3.234  3.907   1.00 42.66 ? 301 NDP X C7N 1 
HETATM 1322 O O7N . NDP B 2 .   ? -0.099  -2.149  3.508   1.00 42.08 ? 301 NDP X O7N 1 
HETATM 1323 N N7N . NDP B 2 .   ? -0.553  -4.064  4.890   1.00 42.23 ? 301 NDP X N7N 1 
HETATM 1324 C C4N . NDP B 2 .   ? -2.779  -2.506  2.393   1.00 43.65 ? 301 NDP X C4N 1 
HETATM 1325 C C5N . NDP B 2 .   ? -4.050  -2.722  1.870   1.00 43.69 ? 301 NDP X C5N 1 
HETATM 1326 C C6N . NDP B 2 .   ? -4.728  -3.902  2.162   1.00 43.79 ? 301 NDP X C6N 1 
HETATM 1327 P P2B . NDP B 2 .   ? -14.473 -7.095  -7.265  1.00 43.52 ? 301 NDP X P2B 1 
HETATM 1328 O O1X . NDP B 2 .   ? -14.596 -7.018  -8.764  1.00 43.00 ? 301 NDP X O1X 1 
HETATM 1329 O O2X . NDP B 2 .   ? -15.507 -6.237  -6.569  1.00 43.20 ? 301 NDP X O2X 1 
HETATM 1330 O O3X . NDP B 2 .   ? -14.574 -8.529  -6.800  1.00 43.36 ? 301 NDP X O3X 1 
HETATM 1331 N N4  . XCF C 3 .   ? 1.975   1.117   5.035   1.00 49.89 ? 300 XCF X N4  1 
HETATM 1332 C C3  . XCF C 3 .   ? 0.669   0.930   4.717   1.00 50.06 ? 300 XCF X C3  1 
HETATM 1333 N N5  . XCF C 3 .   ? 0.323   0.849   3.428   1.00 50.00 ? 300 XCF X N5  1 
HETATM 1334 N N2  . XCF C 3 .   ? -0.256  0.831   5.686   1.00 50.01 ? 300 XCF X N2  1 
HETATM 1335 C C1  . XCF C 3 .   ? -1.549  0.648   5.382   1.00 50.10 ? 300 XCF X C1  1 
HETATM 1336 C C8  . XCF C 3 .   ? -1.932  0.562   4.049   1.00 50.07 ? 300 XCF X C8  1 
HETATM 1337 C C6  . XCF C 3 .   ? -0.952  0.666   3.076   1.00 49.98 ? 300 XCF X C6  1 
HETATM 1338 N N7  . XCF C 3 .   ? -1.277  0.587   1.766   1.00 49.99 ? 300 XCF X N7  1 
HETATM 1339 C C9  . XCF C 3 .   ? -3.373  0.358   3.621   1.00 50.32 ? 300 XCF X C9  1 
HETATM 1340 C C10 . XCF C 3 .   ? -4.370  0.239   4.758   1.00 50.46 ? 300 XCF X C10 1 
HETATM 1341 C C11 . XCF C 3 .   ? -4.621  1.308   5.606   1.00 50.52 ? 300 XCF X C11 1 
HETATM 1342 C C27 . XCF C 3 .   ? -3.943  2.606   5.411   1.00 50.56 ? 300 XCF X C27 1 
HETATM 1343 C C28 . XCF C 3 .   ? -4.333  3.669   6.111   1.00 50.61 ? 300 XCF X C28 1 
HETATM 1344 C C14 . XCF C 3 .   ? -5.450  3.585   7.135   1.00 50.84 ? 300 XCF X C14 1 
HETATM 1345 C C24 . XCF C 3 .   ? -6.707  4.250   6.559   1.00 50.85 ? 300 XCF X C24 1 
HETATM 1346 C C25 . XCF C 3 .   ? -6.934  5.728   6.864   1.00 50.93 ? 300 XCF X C25 1 
HETATM 1347 C C26 . XCF C 3 .   ? -7.779  4.666   7.563   1.00 50.89 ? 300 XCF X C26 1 
HETATM 1348 O O13 . XCF C 3 .   ? -5.789  2.241   7.478   1.00 50.69 ? 300 XCF X O13 1 
HETATM 1349 C C12 . XCF C 3 .   ? -5.549  1.189   6.627   1.00 50.64 ? 300 XCF X C12 1 
HETATM 1350 C C15 . XCF C 3 .   ? -6.228  -0.002  6.811   1.00 50.54 ? 300 XCF X C15 1 
HETATM 1351 O O16 . XCF C 3 .   ? -7.139  -0.115  7.828   1.00 50.63 ? 300 XCF X O16 1 
HETATM 1352 C C17 . XCF C 3 .   ? -7.960  0.997   8.185   1.00 50.77 ? 300 XCF X C17 1 
HETATM 1353 C C18 . XCF C 3 .   ? -5.991  -1.075  5.971   1.00 50.55 ? 300 XCF X C18 1 
HETATM 1354 C C21 . XCF C 3 .   ? -5.062  -0.957  4.939   1.00 50.44 ? 300 XCF X C21 1 
HETATM 1355 O O19 . XCF C 3 .   ? -6.678  -2.245  6.172   1.00 50.50 ? 300 XCF X O19 1 
HETATM 1356 C C20 . XCF C 3 .   ? -6.533  -3.328  5.255   1.00 50.59 ? 300 XCF X C20 1 
HETATM 1357 O O   . HOH D 4 .   ? -4.100  8.422   5.488   1.00 47.98 ? 159 HOH X O   1 
HETATM 1358 O O   . HOH D 4 .   ? -3.191  2.535   14.959  1.00 56.23 ? 160 HOH X O   1 
HETATM 1359 O O   . HOH D 4 .   ? -1.995  7.382   13.185  1.00 50.07 ? 161 HOH X O   1 
HETATM 1360 O O   . HOH D 4 .   ? -2.197  -0.076  12.451  1.00 55.32 ? 162 HOH X O   1 
HETATM 1361 O O   . HOH D 4 .   ? 0.221   -0.235  8.989   1.00 37.97 ? 163 HOH X O   1 
HETATM 1362 O O   . HOH D 4 .   ? -7.311  -2.588  8.999   1.00 43.30 ? 164 HOH X O   1 
HETATM 1363 O O   . HOH D 4 .   ? -12.715 -6.074  3.228   1.00 51.96 ? 165 HOH X O   1 
HETATM 1364 O O   . HOH D 4 .   ? -10.226 -9.812  -9.189  1.00 52.58 ? 166 HOH X O   1 
HETATM 1365 O O   . HOH D 4 .   ? -7.752  -5.537  -15.460 1.00 62.88 ? 167 HOH X O   1 
HETATM 1366 O O   . HOH D 4 .   ? -8.906  -4.920  -19.968 1.00 73.33 ? 168 HOH X O   1 
HETATM 1367 O O   . HOH D 4 .   ? 1.380   12.092  -15.350 1.00 77.36 ? 169 HOH X O   1 
HETATM 1368 O O   . HOH D 4 .   ? 12.088  -8.984  -7.122  1.00 34.60 ? 170 HOH X O   1 
HETATM 1369 O O   . HOH D 4 .   ? 11.945  -8.466  -11.051 1.00 61.65 ? 171 HOH X O   1 
HETATM 1370 O O   . HOH D 4 .   ? 13.164  -9.636  -15.186 1.00 62.81 ? 172 HOH X O   1 
HETATM 1371 O O   . HOH D 4 .   ? 2.648   -14.361 -2.420  1.00 39.77 ? 173 HOH X O   1 
HETATM 1372 O O   . HOH D 4 .   ? -8.827  -10.595 2.088   1.00 58.27 ? 174 HOH X O   1 
HETATM 1373 O O   . HOH D 4 .   ? -7.627  -9.273  11.240  1.00 54.92 ? 175 HOH X O   1 
HETATM 1374 O O   . HOH D 4 .   ? 6.123   -16.155 4.192   1.00 35.77 ? 176 HOH X O   1 
HETATM 1375 O O   . HOH D 4 .   ? 8.608   -16.953 4.811   1.00 61.70 ? 177 HOH X O   1 
HETATM 1376 O O   . HOH D 4 .   ? 10.645  -11.779 -0.503  1.00 49.15 ? 178 HOH X O   1 
HETATM 1377 O O   . HOH D 4 .   ? 12.307  -13.665 -3.176  1.00 62.46 ? 179 HOH X O   1 
HETATM 1378 O O   . HOH D 4 .   ? 12.753  -9.723  0.273   1.00 58.97 ? 180 HOH X O   1 
HETATM 1379 O O   . HOH D 4 .   ? 16.722  -10.277 -1.874  1.00 59.28 ? 181 HOH X O   1 
HETATM 1380 O O   . HOH D 4 .   ? 14.167  8.016   -0.306  1.00 33.73 ? 182 HOH X O   1 
HETATM 1381 O O   . HOH D 4 .   ? -1.476  -10.544 -12.040 1.00 74.11 ? 183 HOH X O   1 
HETATM 1382 O O   . HOH D 4 .   ? -16.061 -10.569 -1.384  1.00 38.08 ? 184 HOH X O   1 
HETATM 1383 O O   . HOH D 4 .   ? -19.124 -4.213  -4.989  1.00 58.63 ? 185 HOH X O   1 
HETATM 1384 O O   . HOH D 4 .   ? 5.140   2.149   3.568   1.00 34.64 ? 186 HOH X O   1 
HETATM 1385 O O   . HOH D 4 .   ? 8.472   3.480   3.267   1.00 33.62 ? 187 HOH X O   1 
HETATM 1386 O O   . HOH D 4 .   ? 12.708  5.297   4.040   1.00 36.39 ? 188 HOH X O   1 
HETATM 1387 O O   . HOH D 4 .   ? 10.030  5.676   2.937   1.00 39.44 ? 189 HOH X O   1 
HETATM 1388 O O   . HOH D 4 .   ? 9.494   7.863   3.117   1.00 48.03 ? 190 HOH X O   1 
HETATM 1389 O O   . HOH D 4 .   ? 19.492  -3.415  -2.838  1.00 51.33 ? 191 HOH X O   1 
HETATM 1390 O O   . HOH D 4 .   ? 19.755  -0.633  4.135   1.00 51.61 ? 192 HOH X O   1 
HETATM 1391 O O   . HOH D 4 .   ? 16.356  -9.017  3.067   1.00 59.21 ? 193 HOH X O   1 
HETATM 1392 O O   . HOH D 4 .   ? 12.533  -18.379 6.096   1.00 51.24 ? 194 HOH X O   1 
HETATM 1393 O O   . HOH D 4 .   ? 13.279  -12.689 4.395   1.00 60.42 ? 195 HOH X O   1 
HETATM 1394 O O   . HOH D 4 .   ? 10.359  -18.720 2.959   1.00 40.36 ? 196 HOH X O   1 
HETATM 1395 O O   . HOH D 4 .   ? -1.027  18.176  6.120   1.00 59.23 ? 197 HOH X O   1 
HETATM 1396 O O   . HOH D 4 .   ? -3.405  -11.521 12.885  1.00 41.11 ? 198 HOH X O   1 
HETATM 1397 O O   . HOH D 4 .   ? -0.709  -12.248 14.667  1.00 46.07 ? 199 HOH X O   1 
HETATM 1398 O O   . HOH D 4 .   ? -7.085  4.514   11.251  1.00 50.74 ? 200 HOH X O   1 
HETATM 1399 O O   . HOH D 4 .   ? 1.376   -12.200 -2.843  1.00 35.41 ? 201 HOH X O   1 
HETATM 1400 O O   . HOH D 4 .   ? 11.804  0.353   14.961  1.00 31.64 ? 202 HOH X O   1 
HETATM 1401 O O   . HOH D 4 .   ? 13.506  -0.833  12.924  1.00 47.75 ? 203 HOH X O   1 
HETATM 1402 O O   . HOH D 4 .   ? 13.511  -0.605  17.004  1.00 42.29 ? 204 HOH X O   1 
HETATM 1403 O O   . HOH D 4 .   ? 15.071  8.625   -3.523  1.00 40.81 ? 205 HOH X O   1 
HETATM 1404 O O   . HOH D 4 .   ? 3.210   -7.591  -11.395 1.00 44.99 ? 206 HOH X O   1 
HETATM 1405 O O   . HOH D 4 .   ? 8.296   -9.590  -7.319  1.00 61.93 ? 207 HOH X O   1 
HETATM 1406 O O   . HOH D 4 .   ? 17.000  -7.805  -16.197 1.00 69.55 ? 208 HOH X O   1 
HETATM 1407 O O   . HOH D 4 .   ? 21.006  -9.299  -11.642 1.00 69.14 ? 209 HOH X O   1 
HETATM 1408 O O   . HOH D 4 .   ? 9.397   -5.662  -14.508 1.00 64.42 ? 210 HOH X O   1 
HETATM 1409 O O   . HOH D 4 .   ? 10.119  -7.526  -7.594  1.00 35.44 ? 211 HOH X O   1 
HETATM 1410 O O   . HOH D 4 .   ? 9.425   -7.138  -9.765  1.00 41.93 ? 212 HOH X O   1 
HETATM 1411 O O   . HOH D 4 .   ? -13.410 -9.429  -9.540  1.00 53.92 ? 213 HOH X O   1 
HETATM 1412 O O   . HOH D 4 .   ? -21.379 -5.739  -11.771 1.00 53.13 ? 214 HOH X O   1 
HETATM 1413 O O   . HOH D 4 .   ? -7.735  -10.591 4.632   1.00 30.72 ? 215 HOH X O   1 
HETATM 1414 O O   . HOH D 4 .   ? -8.520  -16.160 7.091   1.00 29.73 ? 216 HOH X O   1 
HETATM 1415 O O   . HOH D 4 .   ? -6.309  -18.077 8.098   1.00 44.93 ? 217 HOH X O   1 
HETATM 1416 O O   . HOH D 4 .   ? -9.087  -17.029 4.909   1.00 54.24 ? 218 HOH X O   1 
HETATM 1417 O O   . HOH D 4 .   ? -3.728  -18.034 8.614   1.00 34.18 ? 219 HOH X O   1 
HETATM 1418 O O   . HOH D 4 .   ? 3.943   -13.933 9.566   1.00 35.20 ? 220 HOH X O   1 
HETATM 1419 O O   . HOH D 4 .   ? 14.584  -8.091  10.796  1.00 52.10 ? 221 HOH X O   1 
HETATM 1420 O O   . HOH D 4 .   ? 7.973   -19.104 10.994  1.00 66.59 ? 222 HOH X O   1 
HETATM 1421 O O   . HOH D 4 .   ? 2.998   -16.063 7.752   1.00 28.70 ? 223 HOH X O   1 
HETATM 1422 O O   . HOH D 4 .   ? 4.583   -17.420 6.149   1.00 37.39 ? 224 HOH X O   1 
HETATM 1423 O O   . HOH D 4 .   ? -4.819  -13.683 14.030  1.00 71.10 ? 225 HOH X O   1 
HETATM 1424 O O   . HOH D 4 .   ? 1.746   -0.375  18.519  1.00 50.34 ? 226 HOH X O   1 
HETATM 1425 O O   . HOH D 4 .   ? 2.051   7.584   17.705  1.00 48.19 ? 227 HOH X O   1 
HETATM 1426 O O   . HOH D 4 .   ? 1.784   14.334  0.397   1.00 63.92 ? 228 HOH X O   1 
HETATM 1427 O O   . HOH D 4 .   ? 4.601   11.926  -1.482  1.00 46.50 ? 229 HOH X O   1 
HETATM 1428 O O   . HOH D 4 .   ? 4.642   13.058  -4.251  1.00 56.64 ? 230 HOH X O   1 
HETATM 1429 O O   . HOH D 4 .   ? 8.182   12.116  -4.195  1.00 53.66 ? 231 HOH X O   1 
HETATM 1430 O O   . HOH D 4 .   ? 8.116   8.145   -5.389  1.00 37.16 ? 232 HOH X O   1 
HETATM 1431 O O   . HOH D 4 .   ? 12.013  7.770   -7.021  1.00 65.04 ? 233 HOH X O   1 
HETATM 1432 O O   . HOH D 4 .   ? 14.608  1.895   -12.146 1.00 56.47 ? 234 HOH X O   1 
HETATM 1433 O O   . HOH D 4 .   ? 14.859  -2.562  -14.809 1.00 66.22 ? 235 HOH X O   1 
HETATM 1434 O O   . HOH D 4 .   ? 0.353   -16.514 8.453   1.00 33.57 ? 236 HOH X O   1 
HETATM 1435 O O   . HOH D 4 .   ? -5.963  12.348  6.843   1.00 63.40 ? 237 HOH X O   1 
HETATM 1436 O O   . HOH D 4 .   ? -3.227  -11.659 -8.471  1.00 58.56 ? 238 HOH X O   1 
HETATM 1437 O O   . HOH D 4 .   ? 0.107   14.212  -7.307  1.00 48.09 ? 239 HOH X O   1 
HETATM 1438 O O   . HOH D 4 .   ? -2.261  12.121  -8.003  1.00 59.20 ? 240 HOH X O   1 
HETATM 1439 O O   . HOH D 4 .   ? -11.338 -8.654  10.721  1.00 56.47 ? 241 HOH X O   1 
HETATM 1440 O O   . HOH D 4 .   ? -7.119  -18.660 10.847  1.00 46.87 ? 242 HOH X O   1 
HETATM 1441 O O   . HOH D 4 .   ? -0.527  -18.343 9.875   1.00 45.31 ? 243 HOH X O   1 
HETATM 1442 O O   . HOH D 4 .   ? 0.432   -20.437 8.464   1.00 43.98 ? 244 HOH X O   1 
HETATM 1443 O O   . HOH D 4 .   ? 17.064  -1.625  5.741   1.00 46.57 ? 245 HOH X O   1 
HETATM 1444 O O   . HOH D 4 .   ? 15.765  -1.139  10.429  1.00 49.43 ? 246 HOH X O   1 
HETATM 1445 O O   . HOH D 4 .   ? -9.434  -9.348  -11.256 1.00 57.04 ? 247 HOH X O   1 
HETATM 1446 O O   . HOH D 4 .   ? -3.919  5.376   18.175  1.00 53.82 ? 248 HOH X O   1 
HETATM 1447 O O   . HOH D 4 .   ? -5.097  -1.799  15.415  1.00 55.80 ? 249 HOH X O   1 
HETATM 1448 O O   . HOH D 4 .   ? -4.697  14.232  4.958   1.00 51.74 ? 250 HOH X O   1 
HETATM 1449 O O   . HOH D 4 .   ? -17.645 5.916   -7.318  1.00 54.49 ? 251 HOH X O   1 
HETATM 1450 O O   . HOH D 4 .   ? -19.175 1.132   -11.463 1.00 59.73 ? 252 HOH X O   1 
HETATM 1451 O O   . HOH D 4 .   ? 15.638  -4.483  -11.407 1.00 57.06 ? 253 HOH X O   1 
HETATM 1452 O O   . HOH D 4 .   ? 8.582   7.214   13.096  1.00 48.64 ? 254 HOH X O   1 
HETATM 1453 O O   . HOH D 4 .   ? -9.626  -10.815 12.865  1.00 53.77 ? 255 HOH X O   1 
HETATM 1454 O O   . HOH D 4 .   ? 12.386  -6.869  2.965   1.00 46.47 ? 256 HOH X O   1 
HETATM 1455 O O   . HOH D 4 .   ? -4.766  10.929  -10.266 1.00 47.58 ? 257 HOH X O   1 
HETATM 1456 O O   . HOH D 4 .   ? -3.192  6.740   7.238   1.00 56.30 ? 258 HOH X O   1 
HETATM 1457 O O   . HOH D 4 .   ? -7.644  16.500  -1.947  0.50 35.13 ? 259 HOH X O   1 
HETATM 1458 O O   . HOH D 4 .   ? 9.971   -14.546 1.913   1.00 66.97 ? 260 HOH X O   1 
HETATM 1459 O O   . HOH D 4 .   ? 13.714  -7.042  8.670   1.00 48.71 ? 261 HOH X O   1 
HETATM 1460 O O   . HOH D 4 .   ? 6.740   10.350  -2.887  1.00 47.00 ? 262 HOH X O   1 
HETATM 1461 O O   . HOH D 4 .   ? -7.639  -10.383 -11.168 1.00 57.83 ? 263 HOH X O   1 
HETATM 1462 O O   . HOH D 4 .   ? -9.499  3.132   11.563  1.00 65.73 ? 264 HOH X O   1 
HETATM 1463 O O   . HOH D 4 .   ? -22.725 3.469   -2.896  1.00 58.48 ? 265 HOH X O   1 
HETATM 1464 O O   . HOH D 4 .   ? 7.251   -13.096 -6.756  1.00 47.89 ? 266 HOH X O   1 
HETATM 1465 O O   . HOH D 4 .   ? 11.333  -11.814 -7.683  1.00 52.57 ? 267 HOH X O   1 
HETATM 1466 O O   . HOH D 4 .   ? 1.035   10.118  -11.998 1.00 64.31 ? 268 HOH X O   1 
HETATM 1467 O O   . HOH D 4 .   ? -15.781 7.208   -11.111 1.00 54.94 ? 269 HOH X O   1 
HETATM 1468 O O   . HOH D 4 .   ? 11.730  7.286   5.848   1.00 51.33 ? 270 HOH X O   1 
HETATM 1469 O O   . HOH D 4 .   ? 5.219   -17.825 11.743  1.00 68.64 ? 271 HOH X O   1 
HETATM 1470 O O   . HOH D 4 .   ? -0.412  -18.832 12.515  1.00 61.91 ? 272 HOH X O   1 
HETATM 1471 O O   . HOH D 4 .   ? 1.543   -16.590 12.362  1.00 65.93 ? 273 HOH X O   1 
HETATM 1472 O O   . HOH D 4 .   ? 13.320  -16.344 12.788  1.00 66.80 ? 274 HOH X O   1 
HETATM 1473 O O   . HOH D 4 .   ? 14.368  -5.779  4.686   1.00 53.18 ? 275 HOH X O   1 
HETATM 1474 O O   . HOH D 4 .   ? 7.433   -10.176 -9.507  1.00 80.61 ? 276 HOH X O   1 
HETATM 1475 O O   . HOH D 4 .   ? -5.152  -9.714  13.424  1.00 51.43 ? 277 HOH X O   1 
HETATM 1476 O O   . HOH D 4 .   ? 13.433  -7.828  6.559   1.00 59.23 ? 278 HOH X O   1 
HETATM 1477 O O   . HOH D 4 .   ? -8.348  10.570  -14.336 1.00 57.90 ? 279 HOH X O   1 
HETATM 1478 O O   . HOH D 4 .   ? 5.403   8.057   10.916  1.00 59.60 ? 280 HOH X O   1 
HETATM 1479 O O   . HOH D 4 .   ? 5.576   9.887   8.718   1.00 63.81 ? 281 HOH X O   1 
HETATM 1480 O O   . HOH D 4 .   ? 17.825  1.513   -9.761  1.00 68.98 ? 282 HOH X O   1 
HETATM 1481 O O   . HOH D 4 .   ? 22.478  -1.433  -5.404  1.00 63.06 ? 283 HOH X O   1 
# 
loop_
_pdbx_poly_seq_scheme.asym_id 
_pdbx_poly_seq_scheme.entity_id 
_pdbx_poly_seq_scheme.seq_id 
_pdbx_poly_seq_scheme.mon_id 
_pdbx_poly_seq_scheme.ndb_seq_num 
_pdbx_poly_seq_scheme.pdb_seq_num 
_pdbx_poly_seq_scheme.auth_seq_num 
_pdbx_poly_seq_scheme.pdb_mon_id 
_pdbx_poly_seq_scheme.auth_mon_id 
_pdbx_poly_seq_scheme.pdb_strand_id 
_pdbx_poly_seq_scheme.pdb_ins_code 
_pdbx_poly_seq_scheme.hetero 
A 1 1   THR 1   1   1   THR THR X . n 
A 1 2   LEU 2   2   2   LEU LEU X . n 
A 1 3   SER 3   3   3   SER SER X . n 
A 1 4   ILE 4   4   4   ILE ILE X . n 
A 1 5   LEU 5   5   5   LEU LEU X . n 
A 1 6   VAL 6   6   6   VAL VAL X . n 
A 1 7   ALA 7   7   7   ALA ALA X . n 
A 1 8   HIS 8   8   8   HIS HIS X . n 
A 1 9   ASP 9   9   9   ASP ASP X . n 
A 1 10  LEU 10  10  10  LEU LEU X . n 
A 1 11  GLN 11  11  11  GLN GLN X . n 
A 1 12  ARG 12  12  12  ARG ARG X . n 
A 1 13  VAL 13  13  13  VAL VAL X . n 
A 1 14  ILE 14  14  14  ILE ILE X . n 
A 1 15  GLY 15  15  15  GLY GLY X . n 
A 1 16  PHE 16  16  16  PHE PHE X . n 
A 1 17  GLU 17  17  17  GLU GLU X . n 
A 1 18  ASN 18  18  18  ASN ASN X . n 
A 1 19  GLN 19  19  19  GLN GLN X . n 
A 1 20  LEU 20  20  20  LEU LEU X . n 
A 1 21  PRO 21  21  21  PRO PRO X . n 
A 1 22  TRP 22  22  22  TRP TRP X . n 
A 1 23  HIS 23  23  23  HIS HIS X . n 
A 1 24  LEU 24  24  24  LEU LEU X . n 
A 1 25  PRO 25  25  25  PRO PRO X . n 
A 1 26  ASN 26  26  26  ASN ASN X . n 
A 1 27  ASP 27  27  27  ASP ASP X . n 
A 1 28  LEU 28  28  28  LEU LEU X . n 
A 1 29  LYS 29  29  29  LYS LYS X . n 
A 1 30  HIS 30  30  30  HIS HIS X . n 
A 1 31  VAL 31  31  31  VAL VAL X . n 
A 1 32  LYS 32  32  32  LYS LYS X . n 
A 1 33  LYS 33  33  33  LYS LYS X . n 
A 1 34  LEU 34  34  34  LEU LEU X . n 
A 1 35  SER 35  35  35  SER SER X . n 
A 1 36  THR 36  36  36  THR THR X . n 
A 1 37  GLY 37  37  37  GLY GLY X . n 
A 1 38  HIS 38  38  38  HIS HIS X . n 
A 1 39  THR 39  39  39  THR THR X . n 
A 1 40  LEU 40  40  40  LEU LEU X . n 
A 1 41  VAL 41  41  41  VAL VAL X . n 
A 1 42  MET 42  42  42  MET MET X . n 
A 1 43  GLY 43  43  43  GLY GLY X . n 
A 1 44  ARG 44  44  44  ARG ARG X . n 
A 1 45  LYS 45  45  45  LYS LYS X . n 
A 1 46  THR 46  46  46  THR THR X . n 
A 1 47  PHE 47  47  47  PHE PHE X . n 
A 1 48  GLU 48  48  48  GLU GLU X . n 
A 1 49  SER 49  49  49  SER SER X . n 
A 1 50  ILE 50  50  50  ILE ILE X . n 
A 1 51  GLY 51  51  51  GLY GLY X . n 
A 1 52  LYS 52  52  52  LYS LYS X . n 
A 1 53  PRO 53  53  53  PRO PRO X . n 
A 1 54  LEU 54  54  54  LEU LEU X . n 
A 1 55  PRO 55  55  55  PRO PRO X . n 
A 1 56  ASN 56  56  56  ASN ASN X . n 
A 1 57  ARG 57  57  57  ARG ARG X . n 
A 1 58  ARG 58  58  58  ARG ARG X . n 
A 1 59  ASN 59  59  59  ASN ASN X . n 
A 1 60  VAL 60  60  60  VAL VAL X . n 
A 1 61  VAL 61  61  61  VAL VAL X . n 
A 1 62  LEU 62  62  62  LEU LEU X . n 
A 1 63  THR 63  63  63  THR THR X . n 
A 1 64  SER 64  64  64  SER SER X . n 
A 1 65  ASP 65  65  65  ASP ASP X . n 
A 1 66  THR 66  66  66  THR THR X . n 
A 1 67  SER 67  67  67  SER SER X . n 
A 1 68  PHE 68  68  68  PHE PHE X . n 
A 1 69  ASN 69  69  69  ASN ASN X . n 
A 1 70  VAL 70  70  70  VAL VAL X . n 
A 1 71  GLU 71  71  71  GLU GLU X . n 
A 1 72  GLY 72  72  72  GLY GLY X . n 
A 1 73  VAL 73  73  73  VAL VAL X . n 
A 1 74  ASP 74  74  74  ASP ASP X . n 
A 1 75  VAL 75  75  75  VAL VAL X . n 
A 1 76  ILE 76  76  76  ILE ILE X . n 
A 1 77  HIS 77  77  77  HIS HIS X . n 
A 1 78  SER 78  78  78  SER SER X . n 
A 1 79  ILE 79  79  79  ILE ILE X . n 
A 1 80  GLU 80  80  80  GLU GLU X . n 
A 1 81  ASP 81  81  81  ASP ASP X . n 
A 1 82  ILE 82  82  82  ILE ILE X . n 
A 1 83  TYR 83  83  83  TYR TYR X . n 
A 1 84  GLN 84  84  84  GLN GLN X . n 
A 1 85  LEU 85  85  85  LEU LEU X . n 
A 1 86  PRO 86  86  86  PRO PRO X . n 
A 1 87  GLY 87  87  87  GLY GLY X . n 
A 1 88  HIS 88  88  88  HIS HIS X . n 
A 1 89  VAL 89  89  89  VAL VAL X . n 
A 1 90  PHE 90  90  90  PHE PHE X . n 
A 1 91  ILE 91  91  91  ILE ILE X . n 
A 1 92  PHE 92  92  92  PHE PHE X . n 
A 1 93  GLY 93  93  93  GLY GLY X . n 
A 1 94  GLY 94  94  94  GLY GLY X . n 
A 1 95  GLN 95  95  95  GLN GLN X . n 
A 1 96  THR 96  96  96  THR THR X . n 
A 1 97  LEU 97  97  97  LEU LEU X . n 
A 1 98  PHE 98  98  98  PHE PHE X . n 
A 1 99  GLU 99  99  99  GLU GLU X . n 
A 1 100 GLU 100 100 100 GLU GLU X . n 
A 1 101 MET 101 101 101 MET MET X . n 
A 1 102 ILE 102 102 102 ILE ILE X . n 
A 1 103 ASP 103 103 103 ASP ASP X . n 
A 1 104 LYS 104 104 104 LYS LYS X . n 
A 1 105 VAL 105 105 105 VAL VAL X . n 
A 1 106 ASP 106 106 106 ASP ASP X . n 
A 1 107 ASP 107 107 107 ASP ASP X . n 
A 1 108 MET 108 108 108 MET MET X . n 
A 1 109 TYR 109 109 109 TYR TYR X . n 
A 1 110 ILE 110 110 110 ILE ILE X . n 
A 1 111 THR 111 111 111 THR THR X . n 
A 1 112 VAL 112 112 112 VAL VAL X . n 
A 1 113 ILE 113 113 113 ILE ILE X . n 
A 1 114 GLU 114 114 114 GLU GLU X . n 
A 1 115 GLY 115 115 115 GLY GLY X . n 
A 1 116 LYS 116 116 116 LYS LYS X . n 
A 1 117 PHE 117 117 117 PHE PHE X . n 
A 1 118 ARG 118 118 118 ARG ARG X . n 
A 1 119 GLY 119 119 119 GLY GLY X . n 
A 1 120 ASP 120 120 120 ASP ASP X . n 
A 1 121 THR 121 121 121 THR THR X . n 
A 1 122 PHE 122 122 122 PHE PHE X . n 
A 1 123 PHE 123 123 123 PHE PHE X . n 
A 1 124 PRO 124 124 124 PRO PRO X . n 
A 1 125 PRO 125 125 125 PRO PRO X . n 
A 1 126 TYR 126 126 126 TYR TYR X . n 
A 1 127 THR 127 127 127 THR THR X . n 
A 1 128 PHE 128 128 128 PHE PHE X . n 
A 1 129 GLU 129 129 129 GLU GLU X . n 
A 1 130 ASP 130 130 130 ASP ASP X . n 
A 1 131 TRP 131 131 131 TRP TRP X . n 
A 1 132 GLU 132 132 132 GLU GLU X . n 
A 1 133 VAL 133 133 133 VAL VAL X . n 
A 1 134 ALA 134 134 134 ALA ALA X . n 
A 1 135 SER 135 135 135 SER SER X . n 
A 1 136 SER 136 136 136 SER SER X . n 
A 1 137 VAL 137 137 137 VAL VAL X . n 
A 1 138 GLU 138 138 138 GLU GLU X . n 
A 1 139 GLY 139 139 139 GLY GLY X . n 
A 1 140 LYS 140 140 140 LYS LYS X . n 
A 1 141 LEU 141 141 141 LEU LEU X . n 
A 1 142 ASP 142 142 142 ASP ASP X . n 
A 1 143 GLU 143 143 143 GLU GLU X . n 
A 1 144 LYS 144 144 144 LYS LYS X . n 
A 1 145 ASN 145 145 145 ASN ASN X . n 
A 1 146 THR 146 146 146 THR THR X . n 
A 1 147 ILE 147 147 147 ILE ILE X . n 
A 1 148 PRO 148 148 148 PRO PRO X . n 
A 1 149 HIS 149 149 149 HIS HIS X . n 
A 1 150 THR 150 150 150 THR THR X . n 
A 1 151 PHE 151 151 151 PHE PHE X . n 
A 1 152 LEU 152 152 152 LEU LEU X . n 
A 1 153 HIS 153 153 153 HIS HIS X . n 
A 1 154 LEU 154 154 154 LEU LEU X . n 
A 1 155 ILE 155 155 155 ILE ILE X . n 
A 1 156 ARG 156 156 156 ARG ARG X . n 
A 1 157 LYS 157 157 157 LYS LYS X . n 
A 1 158 LYS 158 158 158 LYS LYS X . n 
# 
loop_
_pdbx_nonpoly_scheme.asym_id 
_pdbx_nonpoly_scheme.entity_id 
_pdbx_nonpoly_scheme.mon_id 
_pdbx_nonpoly_scheme.ndb_seq_num 
_pdbx_nonpoly_scheme.pdb_seq_num 
_pdbx_nonpoly_scheme.auth_seq_num 
_pdbx_nonpoly_scheme.pdb_mon_id 
_pdbx_nonpoly_scheme.auth_mon_id 
_pdbx_nonpoly_scheme.pdb_strand_id 
_pdbx_nonpoly_scheme.pdb_ins_code 
B 2 NDP 1   301 301 NDP NAP X . 
C 3 XCF 1   300 300 XCF XCP X . 
D 4 HOH 1   159 1   HOH HOH X . 
D 4 HOH 2   160 3   HOH HOH X . 
D 4 HOH 3   161 4   HOH HOH X . 
D 4 HOH 4   162 5   HOH HOH X . 
D 4 HOH 5   163 6   HOH HOH X . 
D 4 HOH 6   164 7   HOH HOH X . 
D 4 HOH 7   165 8   HOH HOH X . 
D 4 HOH 8   166 9   HOH HOH X . 
D 4 HOH 9   167 11  HOH HOH X . 
D 4 HOH 10  168 12  HOH HOH X . 
D 4 HOH 11  169 13  HOH HOH X . 
D 4 HOH 12  170 14  HOH HOH X . 
D 4 HOH 13  171 15  HOH HOH X . 
D 4 HOH 14  172 16  HOH HOH X . 
D 4 HOH 15  173 17  HOH HOH X . 
D 4 HOH 16  174 18  HOH HOH X . 
D 4 HOH 17  175 19  HOH HOH X . 
D 4 HOH 18  176 20  HOH HOH X . 
D 4 HOH 19  177 21  HOH HOH X . 
D 4 HOH 20  178 22  HOH HOH X . 
D 4 HOH 21  179 23  HOH HOH X . 
D 4 HOH 22  180 24  HOH HOH X . 
D 4 HOH 23  181 25  HOH HOH X . 
D 4 HOH 24  182 27  HOH HOH X . 
D 4 HOH 25  183 29  HOH HOH X . 
D 4 HOH 26  184 32  HOH HOH X . 
D 4 HOH 27  185 33  HOH HOH X . 
D 4 HOH 28  186 34  HOH HOH X . 
D 4 HOH 29  187 35  HOH HOH X . 
D 4 HOH 30  188 36  HOH HOH X . 
D 4 HOH 31  189 37  HOH HOH X . 
D 4 HOH 32  190 38  HOH HOH X . 
D 4 HOH 33  191 39  HOH HOH X . 
D 4 HOH 34  192 42  HOH HOH X . 
D 4 HOH 35  193 43  HOH HOH X . 
D 4 HOH 36  194 44  HOH HOH X . 
D 4 HOH 37  195 45  HOH HOH X . 
D 4 HOH 38  196 46  HOH HOH X . 
D 4 HOH 39  197 48  HOH HOH X . 
D 4 HOH 40  198 49  HOH HOH X . 
D 4 HOH 41  199 50  HOH HOH X . 
D 4 HOH 42  200 51  HOH HOH X . 
D 4 HOH 43  201 52  HOH HOH X . 
D 4 HOH 44  202 53  HOH HOH X . 
D 4 HOH 45  203 54  HOH HOH X . 
D 4 HOH 46  204 55  HOH HOH X . 
D 4 HOH 47  205 56  HOH HOH X . 
D 4 HOH 48  206 57  HOH HOH X . 
D 4 HOH 49  207 58  HOH HOH X . 
D 4 HOH 50  208 59  HOH HOH X . 
D 4 HOH 51  209 60  HOH HOH X . 
D 4 HOH 52  210 61  HOH HOH X . 
D 4 HOH 53  211 62  HOH HOH X . 
D 4 HOH 54  212 63  HOH HOH X . 
D 4 HOH 55  213 64  HOH HOH X . 
D 4 HOH 56  214 65  HOH HOH X . 
D 4 HOH 57  215 66  HOH HOH X . 
D 4 HOH 58  216 67  HOH HOH X . 
D 4 HOH 59  217 68  HOH HOH X . 
D 4 HOH 60  218 69  HOH HOH X . 
D 4 HOH 61  219 70  HOH HOH X . 
D 4 HOH 62  220 71  HOH HOH X . 
D 4 HOH 63  221 72  HOH HOH X . 
D 4 HOH 64  222 73  HOH HOH X . 
D 4 HOH 65  223 74  HOH HOH X . 
D 4 HOH 66  224 75  HOH HOH X . 
D 4 HOH 67  225 76  HOH HOH X . 
D 4 HOH 68  226 78  HOH HOH X . 
D 4 HOH 69  227 79  HOH HOH X . 
D 4 HOH 70  228 80  HOH HOH X . 
D 4 HOH 71  229 81  HOH HOH X . 
D 4 HOH 72  230 82  HOH HOH X . 
D 4 HOH 73  231 83  HOH HOH X . 
D 4 HOH 74  232 84  HOH HOH X . 
D 4 HOH 75  233 85  HOH HOH X . 
D 4 HOH 76  234 86  HOH HOH X . 
D 4 HOH 77  235 87  HOH HOH X . 
D 4 HOH 78  236 88  HOH HOH X . 
D 4 HOH 79  237 89  HOH HOH X . 
D 4 HOH 80  238 90  HOH HOH X . 
D 4 HOH 81  239 91  HOH HOH X . 
D 4 HOH 82  240 92  HOH HOH X . 
D 4 HOH 83  241 93  HOH HOH X . 
D 4 HOH 84  242 94  HOH HOH X . 
D 4 HOH 85  243 95  HOH HOH X . 
D 4 HOH 86  244 96  HOH HOH X . 
D 4 HOH 87  245 97  HOH HOH X . 
D 4 HOH 88  246 98  HOH HOH X . 
D 4 HOH 89  247 99  HOH HOH X . 
D 4 HOH 90  248 100 HOH HOH X . 
D 4 HOH 91  249 101 HOH HOH X . 
D 4 HOH 92  250 102 HOH HOH X . 
D 4 HOH 93  251 103 HOH HOH X . 
D 4 HOH 94  252 104 HOH HOH X . 
D 4 HOH 95  253 106 HOH HOH X . 
D 4 HOH 96  254 107 HOH HOH X . 
D 4 HOH 97  255 108 HOH HOH X . 
D 4 HOH 98  256 109 HOH HOH X . 
D 4 HOH 99  257 110 HOH HOH X . 
D 4 HOH 100 258 111 HOH HOH X . 
D 4 HOH 101 259 112 HOH HOH X . 
D 4 HOH 102 260 113 HOH HOH X . 
D 4 HOH 103 261 114 HOH HOH X . 
D 4 HOH 104 262 115 HOH HOH X . 
D 4 HOH 105 263 116 HOH HOH X . 
D 4 HOH 106 264 117 HOH HOH X . 
D 4 HOH 107 265 118 HOH HOH X . 
D 4 HOH 108 266 119 HOH HOH X . 
D 4 HOH 109 267 120 HOH HOH X . 
D 4 HOH 110 268 121 HOH HOH X . 
D 4 HOH 111 269 122 HOH HOH X . 
D 4 HOH 112 270 123 HOH HOH X . 
D 4 HOH 113 271 124 HOH HOH X . 
D 4 HOH 114 272 125 HOH HOH X . 
D 4 HOH 115 273 126 HOH HOH X . 
D 4 HOH 116 274 127 HOH HOH X . 
D 4 HOH 117 275 128 HOH HOH X . 
D 4 HOH 118 276 129 HOH HOH X . 
D 4 HOH 119 277 130 HOH HOH X . 
D 4 HOH 120 278 131 HOH HOH X . 
D 4 HOH 121 279 132 HOH HOH X . 
D 4 HOH 122 280 133 HOH HOH X . 
D 4 HOH 123 281 134 HOH HOH X . 
D 4 HOH 124 282 135 HOH HOH X . 
D 4 HOH 125 283 136 HOH HOH X . 
# 
_pdbx_struct_assembly.id                   1 
_pdbx_struct_assembly.details              author_and_software_defined_assembly 
_pdbx_struct_assembly.method_details       PISA 
_pdbx_struct_assembly.oligomeric_details   monomeric 
_pdbx_struct_assembly.oligomeric_count     1 
# 
_pdbx_struct_assembly_gen.assembly_id       1 
_pdbx_struct_assembly_gen.oper_expression   1 
_pdbx_struct_assembly_gen.asym_id_list      A,B,C,D 
# 
_pdbx_struct_oper_list.id                   1 
_pdbx_struct_oper_list.type                 'identity operation' 
_pdbx_struct_oper_list.name                 1_555 
_pdbx_struct_oper_list.symmetry_operation   x,y,z 
_pdbx_struct_oper_list.matrix[1][1]         1.0000000000 
_pdbx_struct_oper_list.matrix[1][2]         0.0000000000 
_pdbx_struct_oper_list.matrix[1][3]         0.0000000000 
_pdbx_struct_oper_list.vector[1]            0.0000000000 
_pdbx_struct_oper_list.matrix[2][1]         0.0000000000 
_pdbx_struct_oper_list.matrix[2][2]         1.0000000000 
_pdbx_struct_oper_list.matrix[2][3]         0.0000000000 
_pdbx_struct_oper_list.vector[2]            0.0000000000 
_pdbx_struct_oper_list.matrix[3][1]         0.0000000000 
_pdbx_struct_oper_list.matrix[3][2]         0.0000000000 
_pdbx_struct_oper_list.matrix[3][3]         1.0000000000 
_pdbx_struct_oper_list.vector[3]            0.0000000000 
# 
loop_
_pdbx_audit_revision_history.ordinal 
_pdbx_audit_revision_history.data_content_type 
_pdbx_audit_revision_history.major_revision 
_pdbx_audit_revision_history.minor_revision 
_pdbx_audit_revision_history.revision_date 
1 'Structure model' 1 0 2009-08-04 
2 'Structure model' 1 1 2011-07-13 
3 'Structure model' 1 2 2013-11-20 
4 'Structure model' 1 3 2014-04-23 
5 'Structure model' 1 4 2023-11-01 
# 
_pdbx_audit_revision_details.ordinal             1 
_pdbx_audit_revision_details.revision_ordinal    1 
_pdbx_audit_revision_details.data_content_type   'Structure model' 
_pdbx_audit_revision_details.provider            repository 
_pdbx_audit_revision_details.type                'Initial release' 
_pdbx_audit_revision_details.description         ? 
_pdbx_audit_revision_details.details             ? 
# 
loop_
_pdbx_audit_revision_group.ordinal 
_pdbx_audit_revision_group.revision_ordinal 
_pdbx_audit_revision_group.data_content_type 
_pdbx_audit_revision_group.group 
1 2 'Structure model' 'Version format compliance' 
2 3 'Structure model' 'Non-polymer description'   
3 4 'Structure model' 'Non-polymer description'   
4 5 'Structure model' 'Data collection'           
5 5 'Structure model' 'Database references'       
6 5 'Structure model' 'Derived calculations'      
7 5 'Structure model' 'Refinement description'    
# 
loop_
_pdbx_audit_revision_category.ordinal 
_pdbx_audit_revision_category.revision_ordinal 
_pdbx_audit_revision_category.data_content_type 
_pdbx_audit_revision_category.category 
1 5 'Structure model' chem_comp_atom                
2 5 'Structure model' chem_comp_bond                
3 5 'Structure model' database_2                    
4 5 'Structure model' pdbx_initial_refinement_model 
5 5 'Structure model' struct_site                   
# 
loop_
_pdbx_audit_revision_item.ordinal 
_pdbx_audit_revision_item.revision_ordinal 
_pdbx_audit_revision_item.data_content_type 
_pdbx_audit_revision_item.item 
1 5 'Structure model' '_database_2.pdbx_DOI'                
2 5 'Structure model' '_database_2.pdbx_database_accession' 
3 5 'Structure model' '_struct_site.pdbx_auth_asym_id'      
4 5 'Structure model' '_struct_site.pdbx_auth_comp_id'      
5 5 'Structure model' '_struct_site.pdbx_auth_seq_id'       
# 
loop_
_software.name 
_software.classification 
_software.version 
_software.citation_id 
_software.pdbx_ordinal 
HKL-2000 'data collection' .        ? 1 
AMoRE    phasing           .        ? 2 
REFMAC   refinement        5.2.0019 ? 3 
DENZO    'data reduction'  .        ? 4 
SCALA    'data scaling'    .        ? 5 
# 
loop_
_pdbx_validate_close_contact.id 
_pdbx_validate_close_contact.PDB_model_num 
_pdbx_validate_close_contact.auth_atom_id_1 
_pdbx_validate_close_contact.auth_asym_id_1 
_pdbx_validate_close_contact.auth_comp_id_1 
_pdbx_validate_close_contact.auth_seq_id_1 
_pdbx_validate_close_contact.PDB_ins_code_1 
_pdbx_validate_close_contact.label_alt_id_1 
_pdbx_validate_close_contact.auth_atom_id_2 
_pdbx_validate_close_contact.auth_asym_id_2 
_pdbx_validate_close_contact.auth_comp_id_2 
_pdbx_validate_close_contact.auth_seq_id_2 
_pdbx_validate_close_contact.PDB_ins_code_2 
_pdbx_validate_close_contact.label_alt_id_2 
_pdbx_validate_close_contact.dist 
1 1 O   X GLY 87  ? ? O X HOH 268 ? ? 1.32 
2 1 O   X HOH 247 ? ? O X HOH 263 ? ? 2.07 
3 1 NE2 X GLN 19  ? ? O X HOH 241 ? ? 2.10 
# 
loop_
_pdbx_validate_torsion.id 
_pdbx_validate_torsion.PDB_model_num 
_pdbx_validate_torsion.auth_comp_id 
_pdbx_validate_torsion.auth_asym_id 
_pdbx_validate_torsion.auth_seq_id 
_pdbx_validate_torsion.PDB_ins_code 
_pdbx_validate_torsion.label_alt_id 
_pdbx_validate_torsion.phi 
_pdbx_validate_torsion.psi 
1 1 HIS X 38  ? ? -125.05 -159.86 
2 1 ASP X 142 ? ? -178.71 -169.26 
# 
_pdbx_validate_peptide_omega.id               1 
_pdbx_validate_peptide_omega.PDB_model_num    1 
_pdbx_validate_peptide_omega.auth_comp_id_1   LYS 
_pdbx_validate_peptide_omega.auth_asym_id_1   X 
_pdbx_validate_peptide_omega.auth_seq_id_1    157 
_pdbx_validate_peptide_omega.PDB_ins_code_1   ? 
_pdbx_validate_peptide_omega.label_alt_id_1   ? 
_pdbx_validate_peptide_omega.auth_comp_id_2   LYS 
_pdbx_validate_peptide_omega.auth_asym_id_2   X 
_pdbx_validate_peptide_omega.auth_seq_id_2    158 
_pdbx_validate_peptide_omega.PDB_ins_code_2   ? 
_pdbx_validate_peptide_omega.label_alt_id_2   ? 
_pdbx_validate_peptide_omega.omega            114.62 
# 
loop_
_chem_comp_atom.comp_id 
_chem_comp_atom.atom_id 
_chem_comp_atom.type_symbol 
_chem_comp_atom.pdbx_aromatic_flag 
_chem_comp_atom.pdbx_stereo_config 
_chem_comp_atom.pdbx_ordinal 
ALA N    N N N 1   
ALA CA   C N S 2   
ALA C    C N N 3   
ALA O    O N N 4   
ALA CB   C N N 5   
ALA OXT  O N N 6   
ALA H    H N N 7   
ALA H2   H N N 8   
ALA HA   H N N 9   
ALA HB1  H N N 10  
ALA HB2  H N N 11  
ALA HB3  H N N 12  
ALA HXT  H N N 13  
ARG N    N N N 14  
ARG CA   C N S 15  
ARG C    C N N 16  
ARG O    O N N 17  
ARG CB   C N N 18  
ARG CG   C N N 19  
ARG CD   C N N 20  
ARG NE   N N N 21  
ARG CZ   C N N 22  
ARG NH1  N N N 23  
ARG NH2  N N N 24  
ARG OXT  O N N 25  
ARG H    H N N 26  
ARG H2   H N N 27  
ARG HA   H N N 28  
ARG HB2  H N N 29  
ARG HB3  H N N 30  
ARG HG2  H N N 31  
ARG HG3  H N N 32  
ARG HD2  H N N 33  
ARG HD3  H N N 34  
ARG HE   H N N 35  
ARG HH11 H N N 36  
ARG HH12 H N N 37  
ARG HH21 H N N 38  
ARG HH22 H N N 39  
ARG HXT  H N N 40  
ASN N    N N N 41  
ASN CA   C N S 42  
ASN C    C N N 43  
ASN O    O N N 44  
ASN CB   C N N 45  
ASN CG   C N N 46  
ASN OD1  O N N 47  
ASN ND2  N N N 48  
ASN OXT  O N N 49  
ASN H    H N N 50  
ASN H2   H N N 51  
ASN HA   H N N 52  
ASN HB2  H N N 53  
ASN HB3  H N N 54  
ASN HD21 H N N 55  
ASN HD22 H N N 56  
ASN HXT  H N N 57  
ASP N    N N N 58  
ASP CA   C N S 59  
ASP C    C N N 60  
ASP O    O N N 61  
ASP CB   C N N 62  
ASP CG   C N N 63  
ASP OD1  O N N 64  
ASP OD2  O N N 65  
ASP OXT  O N N 66  
ASP H    H N N 67  
ASP H2   H N N 68  
ASP HA   H N N 69  
ASP HB2  H N N 70  
ASP HB3  H N N 71  
ASP HD2  H N N 72  
ASP HXT  H N N 73  
GLN N    N N N 74  
GLN CA   C N S 75  
GLN C    C N N 76  
GLN O    O N N 77  
GLN CB   C N N 78  
GLN CG   C N N 79  
GLN CD   C N N 80  
GLN OE1  O N N 81  
GLN NE2  N N N 82  
GLN OXT  O N N 83  
GLN H    H N N 84  
GLN H2   H N N 85  
GLN HA   H N N 86  
GLN HB2  H N N 87  
GLN HB3  H N N 88  
GLN HG2  H N N 89  
GLN HG3  H N N 90  
GLN HE21 H N N 91  
GLN HE22 H N N 92  
GLN HXT  H N N 93  
GLU N    N N N 94  
GLU CA   C N S 95  
GLU C    C N N 96  
GLU O    O N N 97  
GLU CB   C N N 98  
GLU CG   C N N 99  
GLU CD   C N N 100 
GLU OE1  O N N 101 
GLU OE2  O N N 102 
GLU OXT  O N N 103 
GLU H    H N N 104 
GLU H2   H N N 105 
GLU HA   H N N 106 
GLU HB2  H N N 107 
GLU HB3  H N N 108 
GLU HG2  H N N 109 
GLU HG3  H N N 110 
GLU HE2  H N N 111 
GLU HXT  H N N 112 
GLY N    N N N 113 
GLY CA   C N N 114 
GLY C    C N N 115 
GLY O    O N N 116 
GLY OXT  O N N 117 
GLY H    H N N 118 
GLY H2   H N N 119 
GLY HA2  H N N 120 
GLY HA3  H N N 121 
GLY HXT  H N N 122 
HIS N    N N N 123 
HIS CA   C N S 124 
HIS C    C N N 125 
HIS O    O N N 126 
HIS CB   C N N 127 
HIS CG   C Y N 128 
HIS ND1  N Y N 129 
HIS CD2  C Y N 130 
HIS CE1  C Y N 131 
HIS NE2  N Y N 132 
HIS OXT  O N N 133 
HIS H    H N N 134 
HIS H2   H N N 135 
HIS HA   H N N 136 
HIS HB2  H N N 137 
HIS HB3  H N N 138 
HIS HD1  H N N 139 
HIS HD2  H N N 140 
HIS HE1  H N N 141 
HIS HE2  H N N 142 
HIS HXT  H N N 143 
HOH O    O N N 144 
HOH H1   H N N 145 
HOH H2   H N N 146 
ILE N    N N N 147 
ILE CA   C N S 148 
ILE C    C N N 149 
ILE O    O N N 150 
ILE CB   C N S 151 
ILE CG1  C N N 152 
ILE CG2  C N N 153 
ILE CD1  C N N 154 
ILE OXT  O N N 155 
ILE H    H N N 156 
ILE H2   H N N 157 
ILE HA   H N N 158 
ILE HB   H N N 159 
ILE HG12 H N N 160 
ILE HG13 H N N 161 
ILE HG21 H N N 162 
ILE HG22 H N N 163 
ILE HG23 H N N 164 
ILE HD11 H N N 165 
ILE HD12 H N N 166 
ILE HD13 H N N 167 
ILE HXT  H N N 168 
LEU N    N N N 169 
LEU CA   C N S 170 
LEU C    C N N 171 
LEU O    O N N 172 
LEU CB   C N N 173 
LEU CG   C N N 174 
LEU CD1  C N N 175 
LEU CD2  C N N 176 
LEU OXT  O N N 177 
LEU H    H N N 178 
LEU H2   H N N 179 
LEU HA   H N N 180 
LEU HB2  H N N 181 
LEU HB3  H N N 182 
LEU HG   H N N 183 
LEU HD11 H N N 184 
LEU HD12 H N N 185 
LEU HD13 H N N 186 
LEU HD21 H N N 187 
LEU HD22 H N N 188 
LEU HD23 H N N 189 
LEU HXT  H N N 190 
LYS N    N N N 191 
LYS CA   C N S 192 
LYS C    C N N 193 
LYS O    O N N 194 
LYS CB   C N N 195 
LYS CG   C N N 196 
LYS CD   C N N 197 
LYS CE   C N N 198 
LYS NZ   N N N 199 
LYS OXT  O N N 200 
LYS H    H N N 201 
LYS H2   H N N 202 
LYS HA   H N N 203 
LYS HB2  H N N 204 
LYS HB3  H N N 205 
LYS HG2  H N N 206 
LYS HG3  H N N 207 
LYS HD2  H N N 208 
LYS HD3  H N N 209 
LYS HE2  H N N 210 
LYS HE3  H N N 211 
LYS HZ1  H N N 212 
LYS HZ2  H N N 213 
LYS HZ3  H N N 214 
LYS HXT  H N N 215 
MET N    N N N 216 
MET CA   C N S 217 
MET C    C N N 218 
MET O    O N N 219 
MET CB   C N N 220 
MET CG   C N N 221 
MET SD   S N N 222 
MET CE   C N N 223 
MET OXT  O N N 224 
MET H    H N N 225 
MET H2   H N N 226 
MET HA   H N N 227 
MET HB2  H N N 228 
MET HB3  H N N 229 
MET HG2  H N N 230 
MET HG3  H N N 231 
MET HE1  H N N 232 
MET HE2  H N N 233 
MET HE3  H N N 234 
MET HXT  H N N 235 
NDP PA   P N S 236 
NDP O1A  O N N 237 
NDP O2A  O N N 238 
NDP O5B  O N N 239 
NDP C5B  C N N 240 
NDP C4B  C N R 241 
NDP O4B  O N N 242 
NDP C3B  C N R 243 
NDP O3B  O N N 244 
NDP C2B  C N R 245 
NDP O2B  O N N 246 
NDP C1B  C N R 247 
NDP N9A  N Y N 248 
NDP C8A  C Y N 249 
NDP N7A  N Y N 250 
NDP C5A  C Y N 251 
NDP C6A  C Y N 252 
NDP N6A  N N N 253 
NDP N1A  N Y N 254 
NDP C2A  C Y N 255 
NDP N3A  N Y N 256 
NDP C4A  C Y N 257 
NDP O3   O N N 258 
NDP PN   P N S 259 
NDP O1N  O N N 260 
NDP O2N  O N N 261 
NDP O5D  O N N 262 
NDP C5D  C N N 263 
NDP C4D  C N R 264 
NDP O4D  O N N 265 
NDP C3D  C N S 266 
NDP O3D  O N N 267 
NDP C2D  C N R 268 
NDP O2D  O N N 269 
NDP C1D  C N R 270 
NDP N1N  N N N 271 
NDP C2N  C N N 272 
NDP C3N  C N N 273 
NDP C7N  C N N 274 
NDP O7N  O N N 275 
NDP N7N  N N N 276 
NDP C4N  C N N 277 
NDP C5N  C N N 278 
NDP C6N  C N N 279 
NDP P2B  P N N 280 
NDP O1X  O N N 281 
NDP O2X  O N N 282 
NDP O3X  O N N 283 
NDP HOA2 H N N 284 
NDP H51A H N N 285 
NDP H52A H N N 286 
NDP H4B  H N N 287 
NDP H3B  H N N 288 
NDP HO3A H N N 289 
NDP H2B  H N N 290 
NDP H1B  H N N 291 
NDP H8A  H N N 292 
NDP H61A H N N 293 
NDP H62A H N N 294 
NDP H2A  H N N 295 
NDP H21N H N N 296 
NDP H51N H N N 297 
NDP H52N H N N 298 
NDP H4D  H N N 299 
NDP H3D  H N N 300 
NDP HO3N H N N 301 
NDP H2D  H N N 302 
NDP HO2N H N N 303 
NDP H1D  H N N 304 
NDP H2N  H N N 305 
NDP H71N H N N 306 
NDP H72N H N N 307 
NDP H41N H N N 308 
NDP H42N H N N 309 
NDP H5N  H N N 310 
NDP H6N  H N N 311 
NDP HOP2 H N N 312 
NDP HOP3 H N N 313 
PHE N    N N N 314 
PHE CA   C N S 315 
PHE C    C N N 316 
PHE O    O N N 317 
PHE CB   C N N 318 
PHE CG   C Y N 319 
PHE CD1  C Y N 320 
PHE CD2  C Y N 321 
PHE CE1  C Y N 322 
PHE CE2  C Y N 323 
PHE CZ   C Y N 324 
PHE OXT  O N N 325 
PHE H    H N N 326 
PHE H2   H N N 327 
PHE HA   H N N 328 
PHE HB2  H N N 329 
PHE HB3  H N N 330 
PHE HD1  H N N 331 
PHE HD2  H N N 332 
PHE HE1  H N N 333 
PHE HE2  H N N 334 
PHE HZ   H N N 335 
PHE HXT  H N N 336 
PRO N    N N N 337 
PRO CA   C N S 338 
PRO C    C N N 339 
PRO O    O N N 340 
PRO CB   C N N 341 
PRO CG   C N N 342 
PRO CD   C N N 343 
PRO OXT  O N N 344 
PRO H    H N N 345 
PRO HA   H N N 346 
PRO HB2  H N N 347 
PRO HB3  H N N 348 
PRO HG2  H N N 349 
PRO HG3  H N N 350 
PRO HD2  H N N 351 
PRO HD3  H N N 352 
PRO HXT  H N N 353 
SER N    N N N 354 
SER CA   C N S 355 
SER C    C N N 356 
SER O    O N N 357 
SER CB   C N N 358 
SER OG   O N N 359 
SER OXT  O N N 360 
SER H    H N N 361 
SER H2   H N N 362 
SER HA   H N N 363 
SER HB2  H N N 364 
SER HB3  H N N 365 
SER HG   H N N 366 
SER HXT  H N N 367 
THR N    N N N 368 
THR CA   C N S 369 
THR C    C N N 370 
THR O    O N N 371 
THR CB   C N R 372 
THR OG1  O N N 373 
THR CG2  C N N 374 
THR OXT  O N N 375 
THR H    H N N 376 
THR H2   H N N 377 
THR HA   H N N 378 
THR HB   H N N 379 
THR HG1  H N N 380 
THR HG21 H N N 381 
THR HG22 H N N 382 
THR HG23 H N N 383 
THR HXT  H N N 384 
TRP N    N N N 385 
TRP CA   C N S 386 
TRP C    C N N 387 
TRP O    O N N 388 
TRP CB   C N N 389 
TRP CG   C Y N 390 
TRP CD1  C Y N 391 
TRP CD2  C Y N 392 
TRP NE1  N Y N 393 
TRP CE2  C Y N 394 
TRP CE3  C Y N 395 
TRP CZ2  C Y N 396 
TRP CZ3  C Y N 397 
TRP CH2  C Y N 398 
TRP OXT  O N N 399 
TRP H    H N N 400 
TRP H2   H N N 401 
TRP HA   H N N 402 
TRP HB2  H N N 403 
TRP HB3  H N N 404 
TRP HD1  H N N 405 
TRP HE1  H N N 406 
TRP HE3  H N N 407 
TRP HZ2  H N N 408 
TRP HZ3  H N N 409 
TRP HH2  H N N 410 
TRP HXT  H N N 411 
TYR N    N N N 412 
TYR CA   C N S 413 
TYR C    C N N 414 
TYR O    O N N 415 
TYR CB   C N N 416 
TYR CG   C Y N 417 
TYR CD1  C Y N 418 
TYR CD2  C Y N 419 
TYR CE1  C Y N 420 
TYR CE2  C Y N 421 
TYR CZ   C Y N 422 
TYR OH   O N N 423 
TYR OXT  O N N 424 
TYR H    H N N 425 
TYR H2   H N N 426 
TYR HA   H N N 427 
TYR HB2  H N N 428 
TYR HB3  H N N 429 
TYR HD1  H N N 430 
TYR HD2  H N N 431 
TYR HE1  H N N 432 
TYR HE2  H N N 433 
TYR HH   H N N 434 
TYR HXT  H N N 435 
VAL N    N N N 436 
VAL CA   C N S 437 
VAL C    C N N 438 
VAL O    O N N 439 
VAL CB   C N N 440 
VAL CG1  C N N 441 
VAL CG2  C N N 442 
VAL OXT  O N N 443 
VAL H    H N N 444 
VAL H2   H N N 445 
VAL HA   H N N 446 
VAL HB   H N N 447 
VAL HG11 H N N 448 
VAL HG12 H N N 449 
VAL HG13 H N N 450 
VAL HG21 H N N 451 
VAL HG22 H N N 452 
VAL HG23 H N N 453 
VAL HXT  H N N 454 
XCF N4   N N N 455 
XCF C3   C Y N 456 
XCF N5   N Y N 457 
XCF N2   N Y N 458 
XCF C1   C Y N 459 
XCF C8   C Y N 460 
XCF C6   C Y N 461 
XCF N7   N N N 462 
XCF C9   C N N 463 
XCF C10  C Y N 464 
XCF C11  C Y N 465 
XCF C27  C N N 466 
XCF C28  C N N 467 
XCF C14  C N S 468 
XCF C24  C N N 469 
XCF C25  C N N 470 
XCF C26  C N N 471 
XCF O13  O N N 472 
XCF C12  C Y N 473 
XCF C15  C Y N 474 
XCF O16  O N N 475 
XCF C17  C N N 476 
XCF C18  C Y N 477 
XCF C21  C Y N 478 
XCF O19  O N N 479 
XCF C20  C N N 480 
XCF HN4  H N N 481 
XCF HN4A H N N 482 
XCF H1   H N N 483 
XCF HN7  H N N 484 
XCF HN7A H N N 485 
XCF H9   H N N 486 
XCF H9A  H N N 487 
XCF H27  H N N 488 
XCF H28  H N N 489 
XCF H14  H N N 490 
XCF H24  H N N 491 
XCF H25  H N N 492 
XCF H25A H N N 493 
XCF H26  H N N 494 
XCF H26A H N N 495 
XCF H17  H N N 496 
XCF H17A H N N 497 
XCF H17B H N N 498 
XCF H21  H N N 499 
XCF H20  H N N 500 
XCF H20A H N N 501 
XCF H20B H N N 502 
# 
loop_
_chem_comp_bond.comp_id 
_chem_comp_bond.atom_id_1 
_chem_comp_bond.atom_id_2 
_chem_comp_bond.value_order 
_chem_comp_bond.pdbx_aromatic_flag 
_chem_comp_bond.pdbx_stereo_config 
_chem_comp_bond.pdbx_ordinal 
ALA N   CA   sing N N 1   
ALA N   H    sing N N 2   
ALA N   H2   sing N N 3   
ALA CA  C    sing N N 4   
ALA CA  CB   sing N N 5   
ALA CA  HA   sing N N 6   
ALA C   O    doub N N 7   
ALA C   OXT  sing N N 8   
ALA CB  HB1  sing N N 9   
ALA CB  HB2  sing N N 10  
ALA CB  HB3  sing N N 11  
ALA OXT HXT  sing N N 12  
ARG N   CA   sing N N 13  
ARG N   H    sing N N 14  
ARG N   H2   sing N N 15  
ARG CA  C    sing N N 16  
ARG CA  CB   sing N N 17  
ARG CA  HA   sing N N 18  
ARG C   O    doub N N 19  
ARG C   OXT  sing N N 20  
ARG CB  CG   sing N N 21  
ARG CB  HB2  sing N N 22  
ARG CB  HB3  sing N N 23  
ARG CG  CD   sing N N 24  
ARG CG  HG2  sing N N 25  
ARG CG  HG3  sing N N 26  
ARG CD  NE   sing N N 27  
ARG CD  HD2  sing N N 28  
ARG CD  HD3  sing N N 29  
ARG NE  CZ   sing N N 30  
ARG NE  HE   sing N N 31  
ARG CZ  NH1  sing N N 32  
ARG CZ  NH2  doub N N 33  
ARG NH1 HH11 sing N N 34  
ARG NH1 HH12 sing N N 35  
ARG NH2 HH21 sing N N 36  
ARG NH2 HH22 sing N N 37  
ARG OXT HXT  sing N N 38  
ASN N   CA   sing N N 39  
ASN N   H    sing N N 40  
ASN N   H2   sing N N 41  
ASN CA  C    sing N N 42  
ASN CA  CB   sing N N 43  
ASN CA  HA   sing N N 44  
ASN C   O    doub N N 45  
ASN C   OXT  sing N N 46  
ASN CB  CG   sing N N 47  
ASN CB  HB2  sing N N 48  
ASN CB  HB3  sing N N 49  
ASN CG  OD1  doub N N 50  
ASN CG  ND2  sing N N 51  
ASN ND2 HD21 sing N N 52  
ASN ND2 HD22 sing N N 53  
ASN OXT HXT  sing N N 54  
ASP N   CA   sing N N 55  
ASP N   H    sing N N 56  
ASP N   H2   sing N N 57  
ASP CA  C    sing N N 58  
ASP CA  CB   sing N N 59  
ASP CA  HA   sing N N 60  
ASP C   O    doub N N 61  
ASP C   OXT  sing N N 62  
ASP CB  CG   sing N N 63  
ASP CB  HB2  sing N N 64  
ASP CB  HB3  sing N N 65  
ASP CG  OD1  doub N N 66  
ASP CG  OD2  sing N N 67  
ASP OD2 HD2  sing N N 68  
ASP OXT HXT  sing N N 69  
GLN N   CA   sing N N 70  
GLN N   H    sing N N 71  
GLN N   H2   sing N N 72  
GLN CA  C    sing N N 73  
GLN CA  CB   sing N N 74  
GLN CA  HA   sing N N 75  
GLN C   O    doub N N 76  
GLN C   OXT  sing N N 77  
GLN CB  CG   sing N N 78  
GLN CB  HB2  sing N N 79  
GLN CB  HB3  sing N N 80  
GLN CG  CD   sing N N 81  
GLN CG  HG2  sing N N 82  
GLN CG  HG3  sing N N 83  
GLN CD  OE1  doub N N 84  
GLN CD  NE2  sing N N 85  
GLN NE2 HE21 sing N N 86  
GLN NE2 HE22 sing N N 87  
GLN OXT HXT  sing N N 88  
GLU N   CA   sing N N 89  
GLU N   H    sing N N 90  
GLU N   H2   sing N N 91  
GLU CA  C    sing N N 92  
GLU CA  CB   sing N N 93  
GLU CA  HA   sing N N 94  
GLU C   O    doub N N 95  
GLU C   OXT  sing N N 96  
GLU CB  CG   sing N N 97  
GLU CB  HB2  sing N N 98  
GLU CB  HB3  sing N N 99  
GLU CG  CD   sing N N 100 
GLU CG  HG2  sing N N 101 
GLU CG  HG3  sing N N 102 
GLU CD  OE1  doub N N 103 
GLU CD  OE2  sing N N 104 
GLU OE2 HE2  sing N N 105 
GLU OXT HXT  sing N N 106 
GLY N   CA   sing N N 107 
GLY N   H    sing N N 108 
GLY N   H2   sing N N 109 
GLY CA  C    sing N N 110 
GLY CA  HA2  sing N N 111 
GLY CA  HA3  sing N N 112 
GLY C   O    doub N N 113 
GLY C   OXT  sing N N 114 
GLY OXT HXT  sing N N 115 
HIS N   CA   sing N N 116 
HIS N   H    sing N N 117 
HIS N   H2   sing N N 118 
HIS CA  C    sing N N 119 
HIS CA  CB   sing N N 120 
HIS CA  HA   sing N N 121 
HIS C   O    doub N N 122 
HIS C   OXT  sing N N 123 
HIS CB  CG   sing N N 124 
HIS CB  HB2  sing N N 125 
HIS CB  HB3  sing N N 126 
HIS CG  ND1  sing Y N 127 
HIS CG  CD2  doub Y N 128 
HIS ND1 CE1  doub Y N 129 
HIS ND1 HD1  sing N N 130 
HIS CD2 NE2  sing Y N 131 
HIS CD2 HD2  sing N N 132 
HIS CE1 NE2  sing Y N 133 
HIS CE1 HE1  sing N N 134 
HIS NE2 HE2  sing N N 135 
HIS OXT HXT  sing N N 136 
HOH O   H1   sing N N 137 
HOH O   H2   sing N N 138 
ILE N   CA   sing N N 139 
ILE N   H    sing N N 140 
ILE N   H2   sing N N 141 
ILE CA  C    sing N N 142 
ILE CA  CB   sing N N 143 
ILE CA  HA   sing N N 144 
ILE C   O    doub N N 145 
ILE C   OXT  sing N N 146 
ILE CB  CG1  sing N N 147 
ILE CB  CG2  sing N N 148 
ILE CB  HB   sing N N 149 
ILE CG1 CD1  sing N N 150 
ILE CG1 HG12 sing N N 151 
ILE CG1 HG13 sing N N 152 
ILE CG2 HG21 sing N N 153 
ILE CG2 HG22 sing N N 154 
ILE CG2 HG23 sing N N 155 
ILE CD1 HD11 sing N N 156 
ILE CD1 HD12 sing N N 157 
ILE CD1 HD13 sing N N 158 
ILE OXT HXT  sing N N 159 
LEU N   CA   sing N N 160 
LEU N   H    sing N N 161 
LEU N   H2   sing N N 162 
LEU CA  C    sing N N 163 
LEU CA  CB   sing N N 164 
LEU CA  HA   sing N N 165 
LEU C   O    doub N N 166 
LEU C   OXT  sing N N 167 
LEU CB  CG   sing N N 168 
LEU CB  HB2  sing N N 169 
LEU CB  HB3  sing N N 170 
LEU CG  CD1  sing N N 171 
LEU CG  CD2  sing N N 172 
LEU CG  HG   sing N N 173 
LEU CD1 HD11 sing N N 174 
LEU CD1 HD12 sing N N 175 
LEU CD1 HD13 sing N N 176 
LEU CD2 HD21 sing N N 177 
LEU CD2 HD22 sing N N 178 
LEU CD2 HD23 sing N N 179 
LEU OXT HXT  sing N N 180 
LYS N   CA   sing N N 181 
LYS N   H    sing N N 182 
LYS N   H2   sing N N 183 
LYS CA  C    sing N N 184 
LYS CA  CB   sing N N 185 
LYS CA  HA   sing N N 186 
LYS C   O    doub N N 187 
LYS C   OXT  sing N N 188 
LYS CB  CG   sing N N 189 
LYS CB  HB2  sing N N 190 
LYS CB  HB3  sing N N 191 
LYS CG  CD   sing N N 192 
LYS CG  HG2  sing N N 193 
LYS CG  HG3  sing N N 194 
LYS CD  CE   sing N N 195 
LYS CD  HD2  sing N N 196 
LYS CD  HD3  sing N N 197 
LYS CE  NZ   sing N N 198 
LYS CE  HE2  sing N N 199 
LYS CE  HE3  sing N N 200 
LYS NZ  HZ1  sing N N 201 
LYS NZ  HZ2  sing N N 202 
LYS NZ  HZ3  sing N N 203 
LYS OXT HXT  sing N N 204 
MET N   CA   sing N N 205 
MET N   H    sing N N 206 
MET N   H2   sing N N 207 
MET CA  C    sing N N 208 
MET CA  CB   sing N N 209 
MET CA  HA   sing N N 210 
MET C   O    doub N N 211 
MET C   OXT  sing N N 212 
MET CB  CG   sing N N 213 
MET CB  HB2  sing N N 214 
MET CB  HB3  sing N N 215 
MET CG  SD   sing N N 216 
MET CG  HG2  sing N N 217 
MET CG  HG3  sing N N 218 
MET SD  CE   sing N N 219 
MET CE  HE1  sing N N 220 
MET CE  HE2  sing N N 221 
MET CE  HE3  sing N N 222 
MET OXT HXT  sing N N 223 
NDP PA  O1A  doub N N 224 
NDP PA  O2A  sing N N 225 
NDP PA  O5B  sing N N 226 
NDP PA  O3   sing N N 227 
NDP O2A HOA2 sing N N 228 
NDP O5B C5B  sing N N 229 
NDP C5B C4B  sing N N 230 
NDP C5B H51A sing N N 231 
NDP C5B H52A sing N N 232 
NDP C4B O4B  sing N N 233 
NDP C4B C3B  sing N N 234 
NDP C4B H4B  sing N N 235 
NDP O4B C1B  sing N N 236 
NDP C3B O3B  sing N N 237 
NDP C3B C2B  sing N N 238 
NDP C3B H3B  sing N N 239 
NDP O3B HO3A sing N N 240 
NDP C2B O2B  sing N N 241 
NDP C2B C1B  sing N N 242 
NDP C2B H2B  sing N N 243 
NDP O2B P2B  sing N N 244 
NDP C1B N9A  sing N N 245 
NDP C1B H1B  sing N N 246 
NDP N9A C8A  sing Y N 247 
NDP N9A C4A  sing Y N 248 
NDP C8A N7A  doub Y N 249 
NDP C8A H8A  sing N N 250 
NDP N7A C5A  sing Y N 251 
NDP C5A C6A  sing Y N 252 
NDP C5A C4A  doub Y N 253 
NDP C6A N6A  sing N N 254 
NDP C6A N1A  doub Y N 255 
NDP N6A H61A sing N N 256 
NDP N6A H62A sing N N 257 
NDP N1A C2A  sing Y N 258 
NDP C2A N3A  doub Y N 259 
NDP C2A H2A  sing N N 260 
NDP N3A C4A  sing Y N 261 
NDP O3  PN   sing N N 262 
NDP PN  O1N  doub N N 263 
NDP PN  O2N  sing N N 264 
NDP PN  O5D  sing N N 265 
NDP O2N H21N sing N N 266 
NDP O5D C5D  sing N N 267 
NDP C5D C4D  sing N N 268 
NDP C5D H51N sing N N 269 
NDP C5D H52N sing N N 270 
NDP C4D O4D  sing N N 271 
NDP C4D C3D  sing N N 272 
NDP C4D H4D  sing N N 273 
NDP O4D C1D  sing N N 274 
NDP C3D O3D  sing N N 275 
NDP C3D C2D  sing N N 276 
NDP C3D H3D  sing N N 277 
NDP O3D HO3N sing N N 278 
NDP C2D O2D  sing N N 279 
NDP C2D C1D  sing N N 280 
NDP C2D H2D  sing N N 281 
NDP O2D HO2N sing N N 282 
NDP C1D N1N  sing N N 283 
NDP C1D H1D  sing N N 284 
NDP N1N C2N  sing N N 285 
NDP N1N C6N  sing N N 286 
NDP C2N C3N  doub N N 287 
NDP C2N H2N  sing N N 288 
NDP C3N C7N  sing N N 289 
NDP C3N C4N  sing N N 290 
NDP C7N O7N  doub N N 291 
NDP C7N N7N  sing N N 292 
NDP N7N H71N sing N N 293 
NDP N7N H72N sing N N 294 
NDP C4N C5N  sing N N 295 
NDP C4N H41N sing N N 296 
NDP C4N H42N sing N N 297 
NDP C5N C6N  doub N N 298 
NDP C5N H5N  sing N N 299 
NDP C6N H6N  sing N N 300 
NDP P2B O1X  doub N N 301 
NDP P2B O2X  sing N N 302 
NDP P2B O3X  sing N N 303 
NDP O2X HOP2 sing N N 304 
NDP O3X HOP3 sing N N 305 
PHE N   CA   sing N N 306 
PHE N   H    sing N N 307 
PHE N   H2   sing N N 308 
PHE CA  C    sing N N 309 
PHE CA  CB   sing N N 310 
PHE CA  HA   sing N N 311 
PHE C   O    doub N N 312 
PHE C   OXT  sing N N 313 
PHE CB  CG   sing N N 314 
PHE CB  HB2  sing N N 315 
PHE CB  HB3  sing N N 316 
PHE CG  CD1  doub Y N 317 
PHE CG  CD2  sing Y N 318 
PHE CD1 CE1  sing Y N 319 
PHE CD1 HD1  sing N N 320 
PHE CD2 CE2  doub Y N 321 
PHE CD2 HD2  sing N N 322 
PHE CE1 CZ   doub Y N 323 
PHE CE1 HE1  sing N N 324 
PHE CE2 CZ   sing Y N 325 
PHE CE2 HE2  sing N N 326 
PHE CZ  HZ   sing N N 327 
PHE OXT HXT  sing N N 328 
PRO N   CA   sing N N 329 
PRO N   CD   sing N N 330 
PRO N   H    sing N N 331 
PRO CA  C    sing N N 332 
PRO CA  CB   sing N N 333 
PRO CA  HA   sing N N 334 
PRO C   O    doub N N 335 
PRO C   OXT  sing N N 336 
PRO CB  CG   sing N N 337 
PRO CB  HB2  sing N N 338 
PRO CB  HB3  sing N N 339 
PRO CG  CD   sing N N 340 
PRO CG  HG2  sing N N 341 
PRO CG  HG3  sing N N 342 
PRO CD  HD2  sing N N 343 
PRO CD  HD3  sing N N 344 
PRO OXT HXT  sing N N 345 
SER N   CA   sing N N 346 
SER N   H    sing N N 347 
SER N   H2   sing N N 348 
SER CA  C    sing N N 349 
SER CA  CB   sing N N 350 
SER CA  HA   sing N N 351 
SER C   O    doub N N 352 
SER C   OXT  sing N N 353 
SER CB  OG   sing N N 354 
SER CB  HB2  sing N N 355 
SER CB  HB3  sing N N 356 
SER OG  HG   sing N N 357 
SER OXT HXT  sing N N 358 
THR N   CA   sing N N 359 
THR N   H    sing N N 360 
THR N   H2   sing N N 361 
THR CA  C    sing N N 362 
THR CA  CB   sing N N 363 
THR CA  HA   sing N N 364 
THR C   O    doub N N 365 
THR C   OXT  sing N N 366 
THR CB  OG1  sing N N 367 
THR CB  CG2  sing N N 368 
THR CB  HB   sing N N 369 
THR OG1 HG1  sing N N 370 
THR CG2 HG21 sing N N 371 
THR CG2 HG22 sing N N 372 
THR CG2 HG23 sing N N 373 
THR OXT HXT  sing N N 374 
TRP N   CA   sing N N 375 
TRP N   H    sing N N 376 
TRP N   H2   sing N N 377 
TRP CA  C    sing N N 378 
TRP CA  CB   sing N N 379 
TRP CA  HA   sing N N 380 
TRP C   O    doub N N 381 
TRP C   OXT  sing N N 382 
TRP CB  CG   sing N N 383 
TRP CB  HB2  sing N N 384 
TRP CB  HB3  sing N N 385 
TRP CG  CD1  doub Y N 386 
TRP CG  CD2  sing Y N 387 
TRP CD1 NE1  sing Y N 388 
TRP CD1 HD1  sing N N 389 
TRP CD2 CE2  doub Y N 390 
TRP CD2 CE3  sing Y N 391 
TRP NE1 CE2  sing Y N 392 
TRP NE1 HE1  sing N N 393 
TRP CE2 CZ2  sing Y N 394 
TRP CE3 CZ3  doub Y N 395 
TRP CE3 HE3  sing N N 396 
TRP CZ2 CH2  doub Y N 397 
TRP CZ2 HZ2  sing N N 398 
TRP CZ3 CH2  sing Y N 399 
TRP CZ3 HZ3  sing N N 400 
TRP CH2 HH2  sing N N 401 
TRP OXT HXT  sing N N 402 
TYR N   CA   sing N N 403 
TYR N   H    sing N N 404 
TYR N   H2   sing N N 405 
TYR CA  C    sing N N 406 
TYR CA  CB   sing N N 407 
TYR CA  HA   sing N N 408 
TYR C   O    doub N N 409 
TYR C   OXT  sing N N 410 
TYR CB  CG   sing N N 411 
TYR CB  HB2  sing N N 412 
TYR CB  HB3  sing N N 413 
TYR CG  CD1  doub Y N 414 
TYR CG  CD2  sing Y N 415 
TYR CD1 CE1  sing Y N 416 
TYR CD1 HD1  sing N N 417 
TYR CD2 CE2  doub Y N 418 
TYR CD2 HD2  sing N N 419 
TYR CE1 CZ   doub Y N 420 
TYR CE1 HE1  sing N N 421 
TYR CE2 CZ   sing Y N 422 
TYR CE2 HE2  sing N N 423 
TYR CZ  OH   sing N N 424 
TYR OH  HH   sing N N 425 
TYR OXT HXT  sing N N 426 
VAL N   CA   sing N N 427 
VAL N   H    sing N N 428 
VAL N   H2   sing N N 429 
VAL CA  C    sing N N 430 
VAL CA  CB   sing N N 431 
VAL CA  HA   sing N N 432 
VAL C   O    doub N N 433 
VAL C   OXT  sing N N 434 
VAL CB  CG1  sing N N 435 
VAL CB  CG2  sing N N 436 
VAL CB  HB   sing N N 437 
VAL CG1 HG11 sing N N 438 
VAL CG1 HG12 sing N N 439 
VAL CG1 HG13 sing N N 440 
VAL CG2 HG21 sing N N 441 
VAL CG2 HG22 sing N N 442 
VAL CG2 HG23 sing N N 443 
VAL OXT HXT  sing N N 444 
XCF N4  C3   sing N N 445 
XCF C3  N5   doub Y N 446 
XCF C3  N2   sing Y N 447 
XCF N5  C6   sing Y N 448 
XCF N2  C1   doub Y N 449 
XCF C1  C8   sing Y N 450 
XCF C8  C6   doub Y N 451 
XCF C8  C9   sing N N 452 
XCF C6  N7   sing N N 453 
XCF C9  C10  sing N N 454 
XCF C10 C11  doub Y N 455 
XCF C10 C21  sing Y N 456 
XCF C11 C27  sing N N 457 
XCF C11 C12  sing Y N 458 
XCF C27 C28  doub N N 459 
XCF C28 C14  sing N N 460 
XCF C14 C24  sing N N 461 
XCF C14 O13  sing N N 462 
XCF C24 C25  sing N N 463 
XCF C24 C26  sing N N 464 
XCF C25 C26  sing N N 465 
XCF O13 C12  sing N N 466 
XCF C12 C15  doub Y N 467 
XCF C15 O16  sing N N 468 
XCF C15 C18  sing Y N 469 
XCF O16 C17  sing N N 470 
XCF C18 C21  doub Y N 471 
XCF C18 O19  sing N N 472 
XCF O19 C20  sing N N 473 
XCF N4  HN4  sing N N 474 
XCF N4  HN4A sing N N 475 
XCF C1  H1   sing N N 476 
XCF N7  HN7  sing N N 477 
XCF N7  HN7A sing N N 478 
XCF C9  H9   sing N N 479 
XCF C9  H9A  sing N N 480 
XCF C27 H27  sing N N 481 
XCF C28 H28  sing N N 482 
XCF C14 H14  sing N N 483 
XCF C24 H24  sing N N 484 
XCF C25 H25  sing N N 485 
XCF C25 H25A sing N N 486 
XCF C26 H26  sing N N 487 
XCF C26 H26A sing N N 488 
XCF C17 H17  sing N N 489 
XCF C17 H17A sing N N 490 
XCF C17 H17B sing N N 491 
XCF C21 H21  sing N N 492 
XCF C20 H20  sing N N 493 
XCF C20 H20A sing N N 494 
XCF C20 H20B sing N N 495 
# 
loop_
_pdbx_entity_nonpoly.entity_id 
_pdbx_entity_nonpoly.name 
_pdbx_entity_nonpoly.comp_id 
2 'NADPH DIHYDRO-NICOTINAMIDE-ADENINE-DINUCLEOTIDE PHOSPHATE'                          NDP 
3 '5-[[(2R)-2-cyclopropyl-7,8-dimethoxy-2H-chromen-5-yl]methyl]pyrimidine-2,4-diamine' XCF 
4 water                                                                                HOH 
# 
_pdbx_initial_refinement_model.id               1 
_pdbx_initial_refinement_model.entity_id_list   ? 
_pdbx_initial_refinement_model.type             'experimental model' 
_pdbx_initial_refinement_model.source_name      PDB 
_pdbx_initial_refinement_model.accession_code   3FY8 
_pdbx_initial_refinement_model.details          'PDB ENTRY 3FY8' 
# 
